data_7YJ0
#
_entry.id   7YJ0
#
_cell.length_a   77.083
_cell.length_b   92.504
_cell.length_c   104.639
_cell.angle_alpha   89.874
_cell.angle_beta   74.919
_cell.angle_gamma   75.746
#
_symmetry.space_group_name_H-M   'P 1'
#
loop_
_entity.id
_entity.type
_entity.pdbx_description
1 polymer VibO
2 non-polymer 'FLAVIN-ADENINE DINUCLEOTIDE'
3 non-polymer GLYCEROL
4 water water
#
_entity_poly.entity_id   1
_entity_poly.type   'polypeptide(L)'
_entity_poly.pdbx_seq_one_letter_code
;MAAVENFEGYVEPELFERPGTSLPNKLGVMPQLTWPNVLNGTNCEKPAVPNYKPPSKVDVIIIGAGPVGLTTAACLLRQG
ITVRILDRSPHPLPVGRADGLQPRSMEVFDLLGLGEEVYHVGIRVEHTTVYKDGKQHIFAESHQAPGNEAHYTGLHACTQ
TEVEHLLIRDLIRHDILVERPCTATSYTFDEEADASVTHPITVNITNEATGAEEVVTARFLVGSDGAHSMIRKSLPIEFP
GVKTDLHWGIVDAVINSDFPHRWTFGTVLNSEYGGCLIIPRERNMVRLYVQLRAEPGKAFDHSKWGPEEILVILNKVFAP
YTLSYAEPVDWYTILTINERVATSFTYKDRIFLAGDSCHVHSAKGAFGMNTGVMDAHNLAWKLAMLCRGIAKPSLLASYD
VERRENALRAVATSARYLRFVGNCTFQAIDGSGEVDKEADELVVPPGEDKDVFYFKKFVGQVGRFLIGLDVDYAENALNK
LSPAVSRARAGYRASNPRVALSRSHSGRLYHSFGHLGQFTLLVFASNMGGALNAKLHALDSYLAGPSSFYHAYGGADTFK
IVVVVRATPSQADQRVKTFPFLSKAGHTVYDDQLPLSHFGGDAHALYGVSHEEGAIVVVRPDSWIGTSSTISDARSLESY
FDGFLFKSTEGSY
;
_entity_poly.pdbx_strand_id   A,B,C,D
#
# COMPACT_ATOMS: atom_id res chain seq x y z
N ASN A 6 24.26 -26.74 -5.17
CA ASN A 6 24.77 -25.39 -4.89
C ASN A 6 23.63 -24.35 -4.81
N PHE A 7 22.92 -24.32 -3.68
CA PHE A 7 21.77 -23.46 -3.47
C PHE A 7 21.76 -22.98 -2.03
N GLU A 8 21.23 -21.77 -1.81
CA GLU A 8 21.19 -21.25 -0.46
C GLU A 8 20.17 -22.01 0.40
N GLY A 9 20.46 -22.11 1.70
CA GLY A 9 19.52 -22.72 2.62
C GLY A 9 18.22 -21.95 2.74
N TYR A 10 17.21 -22.64 3.25
CA TYR A 10 15.89 -22.07 3.44
C TYR A 10 15.85 -21.17 4.68
N VAL A 11 15.11 -20.06 4.57
CA VAL A 11 14.97 -19.13 5.69
C VAL A 11 13.48 -18.87 5.94
N GLU A 12 13.06 -19.02 7.20
CA GLU A 12 11.65 -18.88 7.53
C GLU A 12 11.20 -17.44 7.25
N PRO A 13 10.02 -17.24 6.67
CA PRO A 13 9.61 -15.88 6.28
C PRO A 13 9.35 -15.01 7.51
N GLU A 14 9.56 -13.71 7.30
CA GLU A 14 9.63 -12.74 8.39
C GLU A 14 8.22 -12.28 8.80
N LEU A 15 7.83 -12.59 10.03
CA LEU A 15 6.53 -12.15 10.53
C LEU A 15 6.53 -10.66 10.83
N PHE A 16 5.42 -10.00 10.50
CA PHE A 16 5.16 -8.61 10.88
C PHE A 16 3.73 -8.53 11.39
N GLU A 17 3.54 -7.97 12.58
CA GLU A 17 2.21 -7.78 13.16
C GLU A 17 1.73 -6.36 12.88
N ARG A 18 1.15 -6.18 11.70
CA ARG A 18 0.60 -4.90 11.29
C ARG A 18 -0.41 -4.40 12.34
N PRO A 19 -0.33 -3.13 12.77
CA PRO A 19 -1.33 -2.64 13.71
C PRO A 19 -2.65 -2.38 12.99
N GLY A 20 -3.72 -2.33 13.78
CA GLY A 20 -5.06 -2.21 13.23
C GLY A 20 -5.48 -0.76 13.06
N THR A 21 -6.02 -0.44 11.89
CA THR A 21 -6.48 0.90 11.61
C THR A 21 -7.94 1.13 11.98
N SER A 22 -8.62 0.12 12.53
CA SER A 22 -10.02 0.29 12.92
C SER A 22 -10.10 1.02 14.25
N LEU A 23 -11.18 1.78 14.44
CA LEU A 23 -11.42 2.42 15.72
C LEU A 23 -11.47 1.37 16.83
N PRO A 24 -10.88 1.64 18.01
CA PRO A 24 -10.83 0.64 19.07
C PRO A 24 -12.10 0.63 19.91
N ASN A 25 -12.13 -0.30 20.86
CA ASN A 25 -13.03 -0.30 22.01
C ASN A 25 -12.17 -0.23 23.27
N LYS A 26 -12.79 -0.42 24.44
CA LYS A 26 -12.08 -0.24 25.70
C LYS A 26 -10.98 -1.26 25.89
N LEU A 27 -10.79 -2.16 24.92
CA LEU A 27 -9.70 -3.12 24.98
C LEU A 27 -8.62 -2.91 23.91
N GLY A 28 -8.95 -2.23 22.80
CA GLY A 28 -7.97 -1.90 21.79
C GLY A 28 -8.44 -2.32 20.41
N VAL A 29 -7.50 -2.35 19.47
CA VAL A 29 -7.70 -2.86 18.11
C VAL A 29 -6.71 -3.99 17.88
N MET A 30 -7.20 -5.09 17.33
CA MET A 30 -6.35 -6.26 17.09
C MET A 30 -5.30 -5.93 16.02
N PRO A 31 -4.04 -6.28 16.24
CA PRO A 31 -3.09 -6.32 15.13
C PRO A 31 -3.39 -7.51 14.21
N GLN A 32 -2.83 -7.44 13.00
CA GLN A 32 -3.10 -8.44 11.96
C GLN A 32 -1.80 -9.07 11.47
N LEU A 33 -1.66 -10.38 11.65
CA LEU A 33 -0.51 -11.13 11.18
C LEU A 33 -0.37 -11.03 9.66
N THR A 34 0.87 -10.84 9.19
CA THR A 34 1.21 -10.78 7.77
C THR A 34 2.68 -11.13 7.59
N TRP A 35 3.08 -11.44 6.35
CA TRP A 35 4.45 -11.80 5.99
C TRP A 35 4.87 -11.01 4.75
N PRO A 36 5.43 -9.79 4.92
CA PRO A 36 5.53 -8.85 3.78
C PRO A 36 6.29 -9.39 2.58
N ASN A 37 7.36 -10.14 2.79
CA ASN A 37 8.11 -10.70 1.67
C ASN A 37 7.28 -11.71 0.87
N VAL A 38 6.42 -12.47 1.54
CA VAL A 38 5.61 -13.44 0.79
C VAL A 38 4.45 -12.74 0.09
N LEU A 39 3.83 -11.75 0.75
CA LEU A 39 2.53 -11.28 0.31
C LEU A 39 2.52 -9.91 -0.39
N ASN A 40 3.64 -9.18 -0.46
CA ASN A 40 3.58 -7.80 -0.94
C ASN A 40 4.11 -7.60 -2.35
N GLY A 41 4.34 -8.68 -3.10
CA GLY A 41 4.66 -8.58 -4.51
C GLY A 41 6.04 -8.02 -4.80
N THR A 42 6.11 -6.90 -5.53
CA THR A 42 7.38 -6.24 -5.79
C THR A 42 7.83 -5.37 -4.61
N ASN A 43 6.88 -4.89 -3.80
CA ASN A 43 7.20 -3.94 -2.73
C ASN A 43 7.76 -4.66 -1.49
N CYS A 44 8.90 -5.33 -1.68
CA CYS A 44 9.50 -6.12 -0.60
C CYS A 44 10.99 -6.35 -0.89
N GLU A 45 11.71 -6.77 0.15
CA GLU A 45 13.16 -6.93 0.05
C GLU A 45 13.55 -8.22 -0.68
N LYS A 46 13.02 -9.35 -0.30
CA LYS A 46 13.43 -10.55 -1.05
C LYS A 46 12.15 -11.10 -1.60
N PRO A 47 11.57 -10.80 -2.94
CA PRO A 47 10.30 -11.20 -3.56
C PRO A 47 10.16 -12.71 -3.62
N ALA A 48 8.93 -13.17 -3.38
CA ALA A 48 8.61 -14.59 -3.40
C ALA A 48 8.93 -15.20 -4.76
N VAL A 49 8.86 -14.43 -5.82
CA VAL A 49 9.43 -14.83 -7.11
C VAL A 49 10.77 -14.11 -7.23
N PRO A 50 11.87 -14.83 -7.44
CA PRO A 50 13.17 -14.17 -7.56
C PRO A 50 13.42 -13.73 -8.98
N ASN A 51 14.11 -12.60 -9.10
CA ASN A 51 14.46 -12.00 -10.39
C ASN A 51 13.25 -11.99 -11.32
N TYR A 52 12.14 -11.48 -10.80
CA TYR A 52 10.94 -11.32 -11.61
C TYR A 52 11.17 -10.20 -12.60
N LYS A 53 11.15 -10.52 -13.89
CA LYS A 53 11.33 -9.52 -14.92
C LYS A 53 10.17 -9.62 -15.91
N PRO A 54 9.07 -8.92 -15.64
CA PRO A 54 7.91 -9.00 -16.52
C PRO A 54 8.18 -8.32 -17.84
N PRO A 55 7.59 -8.81 -18.94
CA PRO A 55 7.85 -8.21 -20.25
C PRO A 55 7.23 -6.83 -20.40
N SER A 56 7.69 -6.12 -21.45
CA SER A 56 7.11 -4.82 -21.80
C SER A 56 5.88 -4.97 -22.66
N LYS A 57 5.79 -6.05 -23.43
CA LYS A 57 4.64 -6.38 -24.26
C LYS A 57 3.92 -7.54 -23.59
N VAL A 58 2.64 -7.36 -23.29
CA VAL A 58 1.86 -8.37 -22.57
C VAL A 58 0.54 -8.60 -23.30
N ASP A 59 -0.02 -9.80 -23.12
CA ASP A 59 -1.35 -10.03 -23.65
C ASP A 59 -2.40 -9.23 -22.87
N VAL A 60 -2.47 -9.41 -21.56
CA VAL A 60 -3.46 -8.72 -20.74
C VAL A 60 -2.74 -7.99 -19.61
N ILE A 61 -3.03 -6.70 -19.46
CA ILE A 61 -2.62 -5.97 -18.26
C ILE A 61 -3.84 -5.79 -17.38
N ILE A 62 -3.64 -5.85 -16.07
CA ILE A 62 -4.71 -5.91 -15.10
C ILE A 62 -4.42 -4.81 -14.09
N ILE A 63 -5.29 -3.82 -14.03
CA ILE A 63 -5.20 -2.77 -13.03
C ILE A 63 -6.13 -3.16 -11.91
N GLY A 64 -5.59 -3.33 -10.72
CA GLY A 64 -6.40 -3.77 -9.62
C GLY A 64 -6.07 -5.20 -9.29
N ALA A 65 -5.61 -5.42 -8.07
CA ALA A 65 -5.22 -6.73 -7.58
C ALA A 65 -5.95 -7.03 -6.30
N GLY A 66 -7.24 -6.70 -6.28
CA GLY A 66 -8.13 -7.24 -5.28
C GLY A 66 -8.61 -8.62 -5.67
N PRO A 67 -9.62 -9.10 -4.96
CA PRO A 67 -10.17 -10.44 -5.27
C PRO A 67 -10.48 -10.67 -6.74
N VAL A 68 -10.95 -9.65 -7.47
CA VAL A 68 -11.40 -9.84 -8.84
C VAL A 68 -10.22 -9.81 -9.82
N GLY A 69 -9.31 -8.85 -9.67
CA GLY A 69 -8.13 -8.85 -10.50
C GLY A 69 -7.31 -10.11 -10.32
N LEU A 70 -7.14 -10.54 -9.06
CA LEU A 70 -6.34 -11.72 -8.79
C LEU A 70 -6.98 -12.96 -9.41
N THR A 71 -8.30 -13.11 -9.29
CA THR A 71 -8.96 -14.24 -9.93
C THR A 71 -8.77 -14.22 -11.43
N THR A 72 -8.87 -13.01 -12.02
CA THR A 72 -8.67 -12.88 -13.46
C THR A 72 -7.26 -13.26 -13.84
N ALA A 73 -6.28 -12.74 -13.10
CA ALA A 73 -4.90 -13.15 -13.29
C ALA A 73 -4.76 -14.68 -13.26
N ALA A 74 -5.39 -15.34 -12.27
CA ALA A 74 -5.18 -16.79 -12.12
C ALA A 74 -5.86 -17.60 -13.22
N CYS A 75 -7.09 -17.24 -13.61
CA CYS A 75 -7.73 -17.98 -14.71
C CYS A 75 -6.95 -17.83 -16.02
N LEU A 76 -6.41 -16.63 -16.29
CA LEU A 76 -5.61 -16.41 -17.49
C LEU A 76 -4.32 -17.23 -17.45
N LEU A 77 -3.53 -17.07 -16.38
CA LEU A 77 -2.29 -17.84 -16.24
C LEU A 77 -2.53 -19.33 -16.45
N ARG A 78 -3.72 -19.84 -16.13
CA ARG A 78 -4.02 -21.25 -16.35
C ARG A 78 -4.23 -21.57 -17.82
N GLN A 79 -4.45 -20.57 -18.66
CA GLN A 79 -4.66 -20.78 -20.08
C GLN A 79 -3.45 -20.41 -20.92
N GLY A 80 -2.33 -20.03 -20.29
CA GLY A 80 -1.15 -19.71 -21.04
C GLY A 80 -1.15 -18.30 -21.60
N ILE A 81 -1.90 -17.40 -21.00
CA ILE A 81 -1.96 -16.01 -21.45
C ILE A 81 -0.94 -15.20 -20.66
N THR A 82 0.04 -14.62 -21.36
CA THR A 82 0.99 -13.78 -20.66
C THR A 82 0.25 -12.60 -20.01
N VAL A 83 0.67 -12.22 -18.81
CA VAL A 83 -0.11 -11.34 -17.95
C VAL A 83 0.83 -10.57 -17.04
N ARG A 84 0.52 -9.28 -16.85
CA ARG A 84 1.05 -8.45 -15.77
C ARG A 84 -0.12 -7.87 -14.97
N ILE A 85 0.06 -7.75 -13.66
CA ILE A 85 -0.97 -7.21 -12.77
C ILE A 85 -0.29 -6.32 -11.74
N LEU A 86 -0.97 -5.24 -11.39
CA LEU A 86 -0.42 -4.26 -10.48
C LEU A 86 -1.53 -3.69 -9.64
N ASP A 87 -1.14 -3.09 -8.51
CA ASP A 87 -2.07 -2.52 -7.55
C ASP A 87 -1.37 -1.37 -6.84
N ARG A 88 -2.17 -0.34 -6.54
CA ARG A 88 -1.66 0.89 -5.95
C ARG A 88 -1.24 0.69 -4.50
N SER A 89 -1.91 -0.21 -3.77
CA SER A 89 -1.64 -0.32 -2.35
C SER A 89 -0.37 -1.13 -2.09
N PRO A 90 0.37 -0.79 -1.03
CA PRO A 90 1.65 -1.44 -0.77
C PRO A 90 1.55 -2.89 -0.30
N HIS A 91 0.36 -3.36 0.11
CA HIS A 91 0.16 -4.72 0.60
C HIS A 91 -1.31 -5.08 0.45
N PRO A 92 -1.64 -6.38 0.40
CA PRO A 92 -3.05 -6.77 0.30
C PRO A 92 -3.80 -6.46 1.59
N LEU A 93 -5.13 -6.61 1.52
CA LEU A 93 -5.99 -6.20 2.61
C LEU A 93 -5.65 -6.91 3.90
N PRO A 94 -5.41 -6.18 5.00
CA PRO A 94 -5.01 -6.84 6.25
C PRO A 94 -6.18 -7.47 7.03
N VAL A 95 -7.38 -6.93 6.90
CA VAL A 95 -8.55 -7.45 7.62
C VAL A 95 -9.79 -6.75 7.09
N GLY A 96 -10.95 -7.39 7.28
CA GLY A 96 -12.23 -6.77 7.09
C GLY A 96 -12.79 -6.98 5.70
N ARG A 97 -13.81 -6.16 5.41
CA ARG A 97 -14.51 -6.20 4.13
C ARG A 97 -15.22 -7.55 4.00
N ALA A 98 -15.22 -8.13 2.80
CA ALA A 98 -15.99 -9.37 2.57
C ALA A 98 -15.45 -10.49 3.46
N ASP A 99 -16.34 -11.41 3.85
CA ASP A 99 -15.99 -12.42 4.85
C ASP A 99 -16.45 -13.85 4.56
N GLY A 100 -17.11 -14.11 3.44
CA GLY A 100 -17.51 -15.47 3.17
C GLY A 100 -17.91 -15.69 1.73
N LEU A 101 -18.07 -16.96 1.38
CA LEU A 101 -18.33 -17.38 0.02
C LEU A 101 -19.62 -18.19 -0.08
N GLN A 102 -20.34 -18.00 -1.18
CA GLN A 102 -21.51 -18.82 -1.48
C GLN A 102 -21.08 -20.20 -1.96
N PRO A 103 -21.98 -21.20 -1.88
CA PRO A 103 -21.72 -22.51 -2.52
C PRO A 103 -21.23 -22.42 -3.96
N ARG A 104 -21.77 -21.51 -4.77
CA ARG A 104 -21.39 -21.44 -6.18
C ARG A 104 -20.02 -20.78 -6.37
N SER A 105 -19.66 -19.81 -5.51
CA SER A 105 -18.28 -19.33 -5.50
C SER A 105 -17.31 -20.48 -5.18
N MET A 106 -17.66 -21.32 -4.19
CA MET A 106 -16.84 -22.48 -3.87
C MET A 106 -16.66 -23.38 -5.08
N GLU A 107 -17.74 -23.62 -5.84
CA GLU A 107 -17.63 -24.43 -7.05
C GLU A 107 -16.60 -23.86 -8.02
N VAL A 108 -16.54 -22.51 -8.12
CA VAL A 108 -15.63 -21.85 -9.06
C VAL A 108 -14.18 -22.13 -8.68
N PHE A 109 -13.82 -21.80 -7.44
CA PHE A 109 -12.48 -22.14 -6.94
C PHE A 109 -12.13 -23.63 -7.14
N ASP A 110 -13.10 -24.53 -6.91
CA ASP A 110 -12.83 -25.95 -7.05
C ASP A 110 -12.55 -26.32 -8.50
N LEU A 111 -13.27 -25.71 -9.45
CA LEU A 111 -12.98 -25.96 -10.87
C LEU A 111 -11.61 -25.40 -11.27
N LEU A 112 -11.13 -24.35 -10.62
CA LEU A 112 -9.78 -23.83 -10.87
C LEU A 112 -8.67 -24.60 -10.14
N GLY A 113 -9.02 -25.63 -9.35
CA GLY A 113 -8.05 -26.38 -8.56
C GLY A 113 -7.73 -25.78 -7.20
N LEU A 114 -8.56 -24.87 -6.69
CA LEU A 114 -8.32 -24.13 -5.46
C LEU A 114 -9.37 -24.44 -4.41
N GLY A 115 -10.14 -25.53 -4.60
CA GLY A 115 -11.18 -25.88 -3.66
C GLY A 115 -10.68 -26.05 -2.24
N GLU A 116 -9.56 -26.76 -2.05
CA GLU A 116 -9.06 -26.97 -0.69
C GLU A 116 -8.68 -25.65 0.00
N GLU A 117 -8.23 -24.63 -0.76
CA GLU A 117 -7.85 -23.34 -0.15
C GLU A 117 -9.03 -22.53 0.39
N VAL A 118 -10.24 -22.70 -0.14
CA VAL A 118 -11.39 -21.94 0.37
C VAL A 118 -12.26 -22.76 1.31
N TYR A 119 -12.17 -24.08 1.28
CA TYR A 119 -12.96 -24.92 2.16
C TYR A 119 -12.22 -25.11 3.48
N HIS A 120 -12.98 -25.12 4.58
CA HIS A 120 -12.48 -25.33 5.95
C HIS A 120 -11.40 -24.32 6.33
N VAL A 121 -11.66 -23.06 6.02
CA VAL A 121 -10.75 -21.97 6.43
C VAL A 121 -11.39 -21.39 7.70
N GLY A 122 -12.60 -20.87 7.56
CA GLY A 122 -13.38 -20.35 8.68
C GLY A 122 -14.46 -21.35 9.04
N ILE A 123 -15.59 -20.86 9.53
CA ILE A 123 -16.74 -21.70 9.97
C ILE A 123 -17.68 -21.94 8.79
N ARG A 124 -18.72 -22.73 9.01
CA ARG A 124 -19.72 -23.01 7.96
C ARG A 124 -21.08 -22.58 8.48
N VAL A 125 -21.88 -21.95 7.62
CA VAL A 125 -23.22 -21.51 7.99
C VAL A 125 -24.19 -22.42 7.29
N GLU A 126 -24.96 -23.17 8.07
CA GLU A 126 -25.98 -24.09 7.55
C GLU A 126 -27.29 -23.95 8.30
N HIS A 127 -27.44 -22.90 9.11
CA HIS A 127 -28.65 -22.66 9.88
C HIS A 127 -28.90 -21.17 9.93
N THR A 128 -30.16 -20.80 10.17
CA THR A 128 -30.60 -19.42 10.29
C THR A 128 -31.50 -19.28 11.51
N THR A 129 -31.36 -18.18 12.23
CA THR A 129 -32.30 -17.84 13.29
C THR A 129 -32.94 -16.49 13.01
N VAL A 130 -34.12 -16.28 13.60
CA VAL A 130 -34.79 -15.00 13.61
C VAL A 130 -35.39 -14.80 14.99
N TYR A 131 -35.12 -13.63 15.59
CA TYR A 131 -35.72 -13.20 16.83
C TYR A 131 -36.42 -11.88 16.59
N LYS A 132 -37.52 -11.65 17.32
CA LYS A 132 -38.15 -10.35 17.34
C LYS A 132 -38.60 -10.06 18.75
N ASP A 133 -38.09 -8.98 19.32
CA ASP A 133 -38.44 -8.54 20.67
C ASP A 133 -38.25 -9.67 21.67
N GLY A 134 -37.06 -10.27 21.62
CA GLY A 134 -36.62 -11.25 22.60
C GLY A 134 -37.14 -12.66 22.39
N LYS A 135 -38.07 -12.85 21.47
CA LYS A 135 -38.78 -14.11 21.29
C LYS A 135 -38.29 -14.77 20.00
N GLN A 136 -37.71 -15.96 20.12
CA GLN A 136 -37.27 -16.69 18.94
C GLN A 136 -38.45 -17.08 18.06
N HIS A 137 -38.35 -16.78 16.76
CA HIS A 137 -39.37 -17.12 15.77
C HIS A 137 -38.94 -18.20 14.80
N ILE A 138 -37.65 -18.32 14.53
CA ILE A 138 -37.15 -19.21 13.49
C ILE A 138 -35.81 -19.76 13.94
N PHE A 139 -35.65 -21.07 13.82
CA PHE A 139 -34.32 -21.69 13.86
C PHE A 139 -34.42 -22.92 12.97
N ALA A 140 -33.67 -22.93 11.87
CA ALA A 140 -33.92 -23.92 10.84
C ALA A 140 -32.65 -24.16 10.03
N GLU A 141 -32.60 -25.32 9.37
CA GLU A 141 -31.58 -25.56 8.35
C GLU A 141 -31.76 -24.58 7.21
N SER A 142 -30.66 -24.10 6.63
CA SER A 142 -30.77 -23.11 5.57
C SER A 142 -29.57 -23.18 4.65
N HIS A 143 -29.62 -22.38 3.57
CA HIS A 143 -28.52 -22.22 2.61
C HIS A 143 -28.11 -23.54 1.98
N GLN A 144 -29.06 -24.46 1.83
CA GLN A 144 -28.76 -25.80 1.36
C GLN A 144 -28.79 -25.90 -0.16
N ALA A 145 -27.94 -26.77 -0.67
CA ALA A 145 -27.94 -27.26 -2.03
C ALA A 145 -28.17 -28.76 -1.95
N PRO A 146 -28.80 -29.36 -2.97
CA PRO A 146 -29.10 -30.79 -2.87
C PRO A 146 -27.83 -31.60 -3.06
N GLY A 147 -27.66 -32.61 -2.18
CA GLY A 147 -26.48 -33.47 -2.25
C GLY A 147 -26.37 -34.27 -3.53
N ASN A 148 -27.50 -34.65 -4.12
CA ASN A 148 -27.32 -35.39 -5.36
C ASN A 148 -26.98 -34.48 -6.53
N GLU A 149 -27.00 -33.16 -6.35
CA GLU A 149 -26.58 -32.25 -7.42
C GLU A 149 -25.41 -31.35 -7.06
N ALA A 150 -25.07 -31.20 -5.79
CA ALA A 150 -24.04 -30.25 -5.38
C ALA A 150 -23.13 -30.86 -4.31
N HIS A 151 -21.83 -30.60 -4.42
CA HIS A 151 -20.91 -30.96 -3.35
C HIS A 151 -20.98 -29.94 -2.21
N TYR A 152 -20.83 -28.66 -2.54
CA TYR A 152 -20.84 -27.66 -1.48
C TYR A 152 -22.27 -27.33 -1.06
N THR A 153 -22.41 -27.00 0.23
CA THR A 153 -23.68 -26.54 0.77
C THR A 153 -23.35 -25.53 1.86
N GLY A 154 -24.29 -24.62 2.12
CA GLY A 154 -24.11 -23.59 3.13
C GLY A 154 -23.19 -22.47 2.68
N LEU A 155 -23.07 -21.45 3.54
CA LEU A 155 -22.06 -20.41 3.38
C LEU A 155 -20.77 -20.86 4.08
N HIS A 156 -19.64 -20.34 3.59
CA HIS A 156 -18.33 -20.70 4.12
C HIS A 156 -17.58 -19.44 4.48
N ALA A 157 -17.31 -19.26 5.76
CA ALA A 157 -16.43 -18.18 6.19
C ALA A 157 -15.05 -18.39 5.59
N CYS A 158 -14.60 -17.37 4.84
CA CYS A 158 -13.26 -17.34 4.26
C CYS A 158 -13.07 -15.89 3.83
N THR A 159 -12.27 -15.13 4.58
CA THR A 159 -12.38 -13.69 4.43
C THR A 159 -11.71 -13.22 3.14
N GLN A 160 -11.87 -11.93 2.87
CA GLN A 160 -11.22 -11.34 1.72
C GLN A 160 -9.71 -11.38 1.86
N THR A 161 -9.21 -11.07 3.06
CA THR A 161 -7.79 -11.26 3.36
C THR A 161 -7.33 -12.66 2.96
N GLU A 162 -8.07 -13.69 3.39
CA GLU A 162 -7.63 -15.06 3.11
C GLU A 162 -7.77 -15.40 1.63
N VAL A 163 -8.74 -14.80 0.96
CA VAL A 163 -8.88 -14.99 -0.47
C VAL A 163 -7.73 -14.33 -1.21
N GLU A 164 -7.38 -13.10 -0.82
CA GLU A 164 -6.21 -12.46 -1.40
C GLU A 164 -4.96 -13.31 -1.16
N HIS A 165 -4.79 -13.86 0.05
CA HIS A 165 -3.63 -14.69 0.31
C HIS A 165 -3.52 -15.83 -0.67
N LEU A 166 -4.57 -16.65 -0.78
CA LEU A 166 -4.47 -17.86 -1.60
C LEU A 166 -4.26 -17.50 -3.07
N LEU A 167 -4.90 -16.43 -3.54
CA LEU A 167 -4.76 -16.02 -4.94
C LEU A 167 -3.36 -15.46 -5.22
N ILE A 168 -2.83 -14.61 -4.35
CA ILE A 168 -1.44 -14.16 -4.46
C ILE A 168 -0.48 -15.36 -4.50
N ARG A 169 -0.74 -16.39 -3.67
CA ARG A 169 0.14 -17.56 -3.67
C ARG A 169 0.02 -18.36 -4.96
N ASP A 170 -1.17 -18.40 -5.55
CA ASP A 170 -1.33 -19.07 -6.83
C ASP A 170 -0.60 -18.30 -7.94
N LEU A 171 -0.63 -16.98 -7.93
CA LEU A 171 0.13 -16.22 -8.90
C LEU A 171 1.63 -16.47 -8.74
N ILE A 172 2.14 -16.41 -7.51
CA ILE A 172 3.52 -16.82 -7.23
C ILE A 172 3.83 -18.19 -7.83
N ARG A 173 2.95 -19.16 -7.61
CA ARG A 173 3.20 -20.47 -8.18
C ARG A 173 3.34 -20.43 -9.70
N HIS A 174 2.76 -19.42 -10.36
CA HIS A 174 2.92 -19.23 -11.80
C HIS A 174 3.98 -18.17 -12.13
N ASP A 175 4.82 -17.82 -11.15
CA ASP A 175 5.95 -16.89 -11.33
C ASP A 175 5.48 -15.49 -11.68
N ILE A 176 4.36 -15.07 -11.11
CA ILE A 176 3.81 -13.73 -11.30
C ILE A 176 3.73 -13.05 -9.95
N LEU A 177 4.13 -11.79 -9.92
CA LEU A 177 4.01 -10.99 -8.71
C LEU A 177 3.11 -9.81 -8.99
N VAL A 178 2.41 -9.36 -7.96
CA VAL A 178 1.69 -8.10 -8.05
C VAL A 178 2.69 -6.98 -7.91
N GLU A 179 2.70 -6.05 -8.87
CA GLU A 179 3.62 -4.92 -8.84
C GLU A 179 3.02 -3.82 -7.98
N ARG A 180 3.63 -3.58 -6.83
CA ARG A 180 3.16 -2.64 -5.82
C ARG A 180 4.35 -1.81 -5.37
N PRO A 181 4.11 -0.58 -4.91
CA PRO A 181 2.80 0.07 -4.99
C PRO A 181 2.76 0.91 -6.25
N CYS A 182 2.19 0.38 -7.33
CA CYS A 182 2.33 0.98 -8.65
C CYS A 182 0.97 1.40 -9.18
N THR A 183 0.82 2.70 -9.42
CA THR A 183 -0.40 3.28 -9.98
C THR A 183 -0.33 3.33 -11.49
N ALA A 184 -1.45 3.02 -12.13
CA ALA A 184 -1.64 3.29 -13.55
C ALA A 184 -2.16 4.72 -13.67
N THR A 185 -1.33 5.62 -14.17
CA THR A 185 -1.71 7.02 -14.25
C THR A 185 -2.62 7.25 -15.46
N SER A 186 -2.18 6.85 -16.64
CA SER A 186 -2.95 7.09 -17.85
C SER A 186 -2.85 5.86 -18.72
N TYR A 187 -3.60 5.87 -19.82
CA TYR A 187 -3.50 4.80 -20.80
C TYR A 187 -4.05 5.29 -22.14
N THR A 188 -3.52 4.70 -23.20
CA THR A 188 -3.95 5.04 -24.55
C THR A 188 -4.57 3.82 -25.20
N PHE A 189 -5.53 4.06 -26.08
CA PHE A 189 -6.14 3.01 -26.87
C PHE A 189 -6.29 3.54 -28.29
N ASP A 190 -5.49 2.98 -29.22
CA ASP A 190 -5.58 3.32 -30.63
C ASP A 190 -6.81 2.64 -31.21
N GLU A 191 -7.97 3.30 -31.03
CA GLU A 191 -9.23 2.78 -31.57
C GLU A 191 -9.17 2.65 -33.09
N GLU A 192 -8.33 3.47 -33.72
CA GLU A 192 -8.36 3.62 -35.17
C GLU A 192 -7.59 2.52 -35.88
N ALA A 193 -6.41 2.16 -35.39
CA ALA A 193 -5.56 1.20 -36.07
C ALA A 193 -6.17 -0.20 -36.11
N ALA A 195 -6.28 -3.24 -37.51
CA ALA A 195 -6.12 -4.64 -37.90
C ALA A 195 -4.65 -5.08 -37.83
N SER A 196 -3.77 -4.23 -38.38
CA SER A 196 -2.34 -4.56 -38.42
C SER A 196 -1.76 -4.64 -37.01
N VAL A 197 -2.24 -3.80 -36.11
CA VAL A 197 -1.69 -3.71 -34.77
C VAL A 197 -2.17 -4.89 -33.94
N THR A 198 -1.27 -5.43 -33.10
CA THR A 198 -1.63 -6.43 -32.11
C THR A 198 -1.85 -5.82 -30.73
N HIS A 199 -1.08 -4.79 -30.36
CA HIS A 199 -1.06 -4.24 -29.01
C HIS A 199 -1.44 -2.76 -29.01
N PRO A 200 -2.72 -2.45 -29.21
CA PRO A 200 -3.14 -1.04 -29.34
C PRO A 200 -3.35 -0.35 -28.01
N ILE A 201 -2.87 -0.94 -26.92
CA ILE A 201 -2.99 -0.35 -25.59
C ILE A 201 -1.61 -0.09 -25.04
N THR A 202 -1.43 1.08 -24.43
CA THR A 202 -0.24 1.40 -23.67
C THR A 202 -0.68 2.01 -22.34
N VAL A 203 0.00 1.62 -21.27
CA VAL A 203 -0.33 2.06 -19.93
C VAL A 203 0.92 2.62 -19.30
N ASN A 204 0.84 3.82 -18.76
CA ASN A 204 1.93 4.43 -18.00
C ASN A 204 1.76 4.04 -16.54
N ILE A 205 2.80 3.43 -15.97
CA ILE A 205 2.79 2.98 -14.59
C ILE A 205 3.83 3.77 -13.81
N THR A 206 3.45 4.23 -12.63
CA THR A 206 4.33 5.00 -11.75
C THR A 206 4.43 4.27 -10.42
N ASN A 207 5.66 3.91 -10.05
CA ASN A 207 5.96 3.20 -8.79
C ASN A 207 6.04 4.23 -7.66
N GLU A 208 5.00 4.31 -6.83
CA GLU A 208 4.96 5.32 -5.78
C GLU A 208 5.99 5.10 -4.69
N ALA A 209 6.63 3.93 -4.65
CA ALA A 209 7.75 3.73 -3.73
C ALA A 209 9.04 4.36 -4.27
N THR A 210 9.43 4.00 -5.49
CA THR A 210 10.74 4.38 -6.03
C THR A 210 10.71 5.59 -6.97
N GLY A 211 9.58 5.89 -7.59
CA GLY A 211 9.46 7.01 -8.50
C GLY A 211 9.54 6.65 -9.97
N ALA A 212 9.99 5.43 -10.29
CA ALA A 212 10.18 5.04 -11.69
C ALA A 212 8.87 4.95 -12.45
N GLU A 213 8.88 5.45 -13.67
CA GLU A 213 7.76 5.28 -14.57
C GLU A 213 8.05 4.10 -15.49
N GLU A 214 7.07 3.80 -16.34
CA GLU A 214 7.11 2.63 -17.21
C GLU A 214 5.94 2.74 -18.17
N VAL A 215 6.09 2.17 -19.36
CA VAL A 215 4.98 1.99 -20.27
C VAL A 215 4.95 0.53 -20.70
N VAL A 216 3.78 -0.09 -20.62
CA VAL A 216 3.53 -1.44 -21.10
C VAL A 216 2.65 -1.33 -22.34
N THR A 217 2.90 -2.18 -23.33
CA THR A 217 1.96 -2.33 -24.42
C THR A 217 1.26 -3.67 -24.27
N ALA A 218 -0.06 -3.69 -24.50
CA ALA A 218 -0.85 -4.86 -24.19
C ALA A 218 -1.97 -5.03 -25.21
N ARG A 219 -2.32 -6.29 -25.47
CA ARG A 219 -3.44 -6.58 -26.34
C ARG A 219 -4.75 -6.10 -25.72
N PHE A 220 -4.98 -6.47 -24.47
CA PHE A 220 -6.24 -6.19 -23.80
C PHE A 220 -5.98 -5.62 -22.42
N LEU A 221 -6.93 -4.83 -21.94
CA LEU A 221 -6.84 -4.16 -20.65
C LEU A 221 -8.01 -4.62 -19.80
N VAL A 222 -7.73 -5.03 -18.58
CA VAL A 222 -8.78 -5.41 -17.64
C VAL A 222 -8.78 -4.38 -16.52
N GLY A 223 -9.87 -3.61 -16.43
CA GLY A 223 -10.04 -2.62 -15.39
C GLY A 223 -10.78 -3.19 -14.19
N SER A 224 -10.03 -3.53 -13.14
CA SER A 224 -10.61 -4.04 -11.91
C SER A 224 -10.07 -3.24 -10.73
N ASP A 225 -10.25 -1.92 -10.80
CA ASP A 225 -9.68 -1.03 -9.80
C ASP A 225 -10.74 -0.49 -8.84
N GLY A 226 -11.80 -1.25 -8.62
CA GLY A 226 -12.72 -0.87 -7.54
C GLY A 226 -13.82 0.08 -7.91
N ALA A 227 -14.45 0.63 -6.89
CA ALA A 227 -15.63 1.52 -7.00
C ALA A 227 -15.32 2.81 -7.77
N HIS A 228 -14.19 3.46 -7.50
CA HIS A 228 -13.82 4.72 -8.20
C HIS A 228 -12.97 4.42 -9.41
N SER A 229 -13.42 3.55 -10.28
CA SER A 229 -12.49 3.14 -11.34
C SER A 229 -12.11 4.21 -12.36
N MET A 230 -10.81 4.49 -12.46
CA MET A 230 -10.27 5.46 -13.43
C MET A 230 -10.56 4.93 -14.83
N ILE A 231 -10.40 3.63 -15.05
CA ILE A 231 -10.68 3.08 -16.40
C ILE A 231 -12.16 3.26 -16.74
N ARG A 232 -13.05 3.03 -15.80
CA ARG A 232 -14.48 3.22 -16.09
C ARG A 232 -14.73 4.70 -16.34
N LYS A 233 -14.13 5.55 -15.54
CA LYS A 233 -14.27 7.01 -15.65
C LYS A 233 -13.79 7.51 -17.02
N SER A 234 -12.75 6.91 -17.57
CA SER A 234 -12.17 7.24 -18.89
C SER A 234 -13.05 6.80 -20.06
N LEU A 235 -14.09 6.00 -19.84
CA LEU A 235 -14.92 5.52 -20.97
C LEU A 235 -16.31 6.17 -20.98
N PRO A 236 -17.01 6.14 -22.13
CA PRO A 236 -18.35 6.64 -22.25
C PRO A 236 -19.23 5.62 -21.53
N ILE A 237 -19.07 5.54 -20.22
CA ILE A 237 -19.79 4.61 -19.35
C ILE A 237 -20.38 5.45 -18.24
N GLU A 238 -21.64 5.24 -17.94
CA GLU A 238 -22.15 5.86 -16.73
C GLU A 238 -22.31 4.80 -15.65
N PHE A 239 -22.34 5.31 -14.41
CA PHE A 239 -22.33 4.50 -13.19
C PHE A 239 -23.50 4.95 -12.32
N PRO A 240 -24.73 4.76 -12.79
CA PRO A 240 -25.90 5.27 -12.06
C PRO A 240 -26.23 4.43 -10.84
N GLY A 241 -26.96 5.06 -9.93
CA GLY A 241 -27.45 4.37 -8.75
C GLY A 241 -28.06 5.34 -7.77
N VAL A 242 -28.51 4.76 -6.66
CA VAL A 242 -29.27 5.48 -5.64
C VAL A 242 -28.45 5.52 -4.35
N LYS A 243 -28.10 6.73 -3.90
CA LYS A 243 -27.44 6.93 -2.61
C LYS A 243 -28.52 6.89 -1.54
N THR A 244 -28.75 5.69 -1.01
CA THR A 244 -29.84 5.48 -0.06
C THR A 244 -29.69 6.33 1.19
N ASP A 245 -28.46 6.54 1.65
CA ASP A 245 -28.20 7.28 2.88
C ASP A 245 -28.79 6.54 4.11
N LEU A 246 -28.98 5.23 4.00
CA LEU A 246 -29.16 4.36 5.16
C LEU A 246 -27.82 3.76 5.52
N HIS A 247 -27.56 3.56 6.82
CA HIS A 247 -26.20 3.27 7.26
C HIS A 247 -26.11 2.08 8.20
N TRP A 248 -25.05 1.29 8.02
CA TRP A 248 -24.75 0.11 8.83
C TRP A 248 -23.51 0.39 9.69
N GLY A 249 -23.62 0.12 10.99
CA GLY A 249 -22.45 -0.06 11.81
C GLY A 249 -22.07 -1.53 11.83
N ILE A 250 -20.81 -1.84 11.51
CA ILE A 250 -20.32 -3.20 11.38
C ILE A 250 -19.15 -3.38 12.33
N VAL A 251 -19.18 -4.47 13.10
CA VAL A 251 -18.11 -4.80 14.04
C VAL A 251 -17.79 -6.28 13.87
N ASP A 252 -16.50 -6.63 14.01
CA ASP A 252 -16.00 -7.99 14.04
C ASP A 252 -15.23 -8.17 15.33
N ALA A 253 -15.70 -9.06 16.21
CA ALA A 253 -14.99 -9.28 17.48
C ALA A 253 -15.53 -10.52 18.17
N VAL A 254 -14.79 -10.95 19.19
CA VAL A 254 -15.25 -11.95 20.14
C VAL A 254 -16.16 -11.26 21.15
N ILE A 255 -17.43 -11.65 21.19
CA ILE A 255 -18.46 -10.97 21.97
C ILE A 255 -19.18 -11.99 22.84
N ASN A 256 -18.96 -11.93 24.16
CA ASN A 256 -19.71 -12.76 25.10
C ASN A 256 -21.19 -12.40 25.02
N SER A 257 -22.05 -13.42 25.11
CA SER A 257 -23.49 -13.16 25.18
C SER A 257 -24.16 -14.31 25.89
N ASP A 258 -25.36 -14.04 26.40
CA ASP A 258 -26.28 -15.07 26.86
C ASP A 258 -27.38 -15.30 25.85
N PHE A 259 -27.25 -14.72 24.66
CA PHE A 259 -28.12 -15.02 23.54
C PHE A 259 -28.16 -16.54 23.34
N PRO A 260 -29.34 -17.16 23.33
CA PRO A 260 -29.41 -18.63 23.31
C PRO A 260 -28.77 -19.24 22.07
N HIS A 261 -28.61 -18.48 20.99
CA HIS A 261 -28.12 -19.03 19.73
C HIS A 261 -26.75 -18.50 19.33
N ARG A 262 -25.90 -18.21 20.32
CA ARG A 262 -24.57 -17.66 20.05
C ARG A 262 -23.64 -18.75 19.53
N TRP A 263 -23.12 -18.58 18.31
CA TRP A 263 -23.57 -17.60 17.32
C TRP A 263 -24.19 -18.32 16.13
N THR A 264 -25.28 -17.76 15.64
CA THR A 264 -26.01 -18.32 14.52
C THR A 264 -26.33 -17.20 13.53
N PHE A 265 -26.14 -17.49 12.26
CA PHE A 265 -26.54 -16.56 11.24
C PHE A 265 -28.02 -16.20 11.38
N GLY A 266 -28.35 -14.96 11.09
CA GLY A 266 -29.75 -14.59 11.08
C GLY A 266 -29.94 -13.15 11.53
N THR A 267 -31.14 -12.88 11.99
CA THR A 267 -31.60 -11.52 12.19
C THR A 267 -32.28 -11.40 13.54
N VAL A 268 -31.97 -10.32 14.25
CA VAL A 268 -32.56 -10.00 15.54
C VAL A 268 -33.32 -8.70 15.34
N LEU A 269 -34.64 -8.77 15.38
CA LEU A 269 -35.48 -7.62 15.10
C LEU A 269 -35.90 -6.97 16.41
N ASN A 270 -35.79 -5.66 16.45
CA ASN A 270 -36.47 -4.85 17.45
C ASN A 270 -37.30 -3.84 16.66
N SER A 271 -38.62 -3.97 16.70
CA SER A 271 -39.48 -2.95 16.11
C SER A 271 -39.23 -1.59 16.77
N GLU A 272 -38.89 -1.61 18.06
CA GLU A 272 -38.48 -0.39 18.77
C GLU A 272 -37.22 0.21 18.15
N TYR A 273 -36.09 -0.53 18.21
CA TYR A 273 -34.76 0.03 17.98
C TYR A 273 -34.10 -0.38 16.65
N GLY A 274 -34.77 -1.12 15.78
CA GLY A 274 -34.18 -1.57 14.53
C GLY A 274 -33.52 -2.93 14.63
N GLY A 275 -33.09 -3.44 13.47
CA GLY A 275 -32.60 -4.79 13.35
C GLY A 275 -31.09 -4.97 13.41
N CYS A 276 -30.68 -6.19 13.76
CA CYS A 276 -29.29 -6.61 13.76
C CYS A 276 -29.14 -7.89 12.94
N LEU A 277 -28.05 -8.00 12.19
CA LEU A 277 -27.74 -9.19 11.41
C LEU A 277 -26.52 -9.88 12.03
N ILE A 278 -26.64 -11.19 12.29
CA ILE A 278 -25.55 -11.97 12.89
C ILE A 278 -24.85 -12.80 11.82
N ILE A 279 -23.53 -12.77 11.80
CA ILE A 279 -22.73 -13.60 10.90
C ILE A 279 -21.64 -14.25 11.73
N PRO A 280 -21.74 -15.55 12.05
CA PRO A 280 -20.68 -16.19 12.82
C PRO A 280 -19.36 -16.13 12.05
N ARG A 281 -18.26 -16.05 12.80
CA ARG A 281 -16.95 -15.97 12.17
C ARG A 281 -15.98 -16.97 12.77
N GLU A 282 -14.85 -17.15 12.08
CA GLU A 282 -13.74 -17.96 12.55
C GLU A 282 -13.23 -17.44 13.90
N ARG A 283 -12.49 -18.30 14.60
CA ARG A 283 -11.71 -17.90 15.78
C ARG A 283 -12.59 -17.31 16.89
N ASN A 284 -13.80 -17.85 17.06
CA ASN A 284 -14.78 -17.49 18.08
C ASN A 284 -15.27 -16.05 17.96
N MET A 285 -15.17 -15.48 16.77
CA MET A 285 -15.60 -14.12 16.50
C MET A 285 -17.02 -14.11 15.92
N VAL A 286 -17.63 -12.93 15.98
CA VAL A 286 -18.90 -12.68 15.31
C VAL A 286 -18.79 -11.35 14.57
N ARG A 287 -19.51 -11.24 13.46
CA ARG A 287 -19.69 -9.96 12.80
C ARG A 287 -21.14 -9.52 12.97
N LEU A 288 -21.35 -8.27 13.40
CA LEU A 288 -22.68 -7.75 13.65
C LEU A 288 -22.91 -6.53 12.77
N TYR A 289 -23.88 -6.61 11.87
CA TYR A 289 -24.43 -5.43 11.21
C TYR A 289 -25.56 -4.88 12.05
N VAL A 290 -25.65 -3.55 12.15
CA VAL A 290 -26.64 -2.88 12.99
C VAL A 290 -27.11 -1.61 12.27
N GLN A 291 -28.42 -1.37 12.27
CA GLN A 291 -28.97 -0.18 11.64
C GLN A 291 -28.48 1.07 12.36
N LEU A 292 -28.14 2.10 11.59
CA LEU A 292 -27.65 3.35 12.16
C LEU A 292 -28.44 4.51 11.56
N ARG A 293 -29.15 5.22 12.42
CA ARG A 293 -29.89 6.43 12.07
C ARG A 293 -29.54 7.49 13.10
N ALA A 294 -29.32 8.72 12.64
CA ALA A 294 -28.96 9.82 13.53
C ALA A 294 -29.73 11.07 13.10
N GLU A 295 -30.33 11.73 14.09
CA GLU A 295 -31.07 12.97 13.85
C GLU A 295 -31.30 13.63 15.21
N PRO A 296 -31.86 14.88 15.24
CA PRO A 296 -31.49 15.71 16.40
C PRO A 296 -32.28 15.40 17.67
N ALA A 299 -28.94 15.46 9.27
CA ALA A 299 -27.75 15.01 8.53
C ALA A 299 -27.03 13.88 9.27
N PHE A 300 -26.65 12.81 8.55
CA PHE A 300 -26.06 11.64 9.20
C PHE A 300 -24.64 11.92 9.67
N ASP A 301 -24.39 11.69 10.97
CA ASP A 301 -23.16 12.08 11.63
C ASP A 301 -22.32 10.85 11.92
N HIS A 302 -21.09 10.81 11.38
CA HIS A 302 -20.17 9.71 11.67
C HIS A 302 -19.42 9.87 12.99
N SER A 303 -19.56 11.02 13.66
CA SER A 303 -18.57 11.39 14.67
C SER A 303 -18.78 10.61 15.96
N LYS A 304 -20.03 10.41 16.36
CA LYS A 304 -20.31 9.77 17.64
C LYS A 304 -20.85 8.37 17.44
N TRP A 305 -20.15 7.56 16.64
CA TRP A 305 -20.58 6.19 16.35
C TRP A 305 -19.34 5.32 16.38
N GLY A 306 -18.85 5.03 17.59
CA GLY A 306 -17.69 4.17 17.76
C GLY A 306 -18.09 2.73 18.04
N PRO A 307 -17.11 1.83 18.10
CA PRO A 307 -17.41 0.44 18.50
C PRO A 307 -18.20 0.33 19.79
N GLU A 308 -17.84 1.09 20.83
CA GLU A 308 -18.58 1.01 22.09
C GLU A 308 -19.97 1.63 21.95
N GLU A 309 -20.10 2.65 21.11
CA GLU A 309 -21.39 3.30 20.89
C GLU A 309 -22.41 2.31 20.34
N ILE A 310 -21.99 1.49 19.38
CA ILE A 310 -22.94 0.59 18.76
C ILE A 310 -23.21 -0.63 19.63
N LEU A 311 -22.27 -1.03 20.48
CA LEU A 311 -22.58 -2.11 21.43
C LEU A 311 -23.69 -1.69 22.38
N VAL A 312 -23.75 -0.40 22.70
CA VAL A 312 -24.86 0.08 23.50
C VAL A 312 -26.17 -0.06 22.74
N ILE A 313 -26.21 0.35 21.47
CA ILE A 313 -27.44 0.14 20.71
C ILE A 313 -27.64 -1.34 20.39
N LEU A 314 -26.58 -2.15 20.42
CA LEU A 314 -26.76 -3.58 20.20
C LEU A 314 -27.45 -4.24 21.38
N ASN A 315 -27.06 -3.88 22.61
CA ASN A 315 -27.73 -4.46 23.77
C ASN A 315 -29.21 -4.09 23.81
N LYS A 316 -29.58 -2.94 23.24
CA LYS A 316 -30.98 -2.57 23.20
C LYS A 316 -31.75 -3.39 22.17
N VAL A 317 -31.07 -3.88 21.13
CA VAL A 317 -31.73 -4.70 20.13
C VAL A 317 -31.91 -6.15 20.60
N PHE A 318 -31.04 -6.63 21.50
CA PHE A 318 -31.05 -8.01 21.95
C PHE A 318 -31.74 -8.20 23.29
N ALA A 319 -32.39 -7.17 23.81
CA ALA A 319 -33.05 -7.28 25.11
C ALA A 319 -34.03 -8.45 25.08
N PRO A 320 -34.05 -9.32 26.10
CA PRO A 320 -33.28 -9.20 27.35
C PRO A 320 -31.86 -9.73 27.30
N TYR A 321 -31.38 -10.25 26.18
CA TYR A 321 -30.02 -10.75 26.19
C TYR A 321 -29.06 -9.58 26.07
N THR A 322 -27.88 -9.73 26.69
CA THR A 322 -26.89 -8.65 26.70
C THR A 322 -25.58 -9.12 26.10
N LEU A 323 -24.88 -8.18 25.44
CA LEU A 323 -23.63 -8.42 24.75
C LEU A 323 -22.50 -7.59 25.36
N SER A 324 -21.33 -8.19 25.51
CA SER A 324 -20.17 -7.50 26.05
C SER A 324 -18.92 -7.96 25.34
N TYR A 325 -18.02 -7.03 25.01
CA TYR A 325 -16.77 -7.39 24.35
C TYR A 325 -15.91 -8.25 25.25
N ALA A 326 -15.29 -9.27 24.65
CA ALA A 326 -14.41 -10.18 25.36
C ALA A 326 -12.94 -10.01 24.97
N GLU A 327 -12.65 -9.16 23.98
CA GLU A 327 -11.31 -8.99 23.46
C GLU A 327 -11.29 -7.72 22.61
N PRO A 328 -10.12 -7.25 22.18
CA PRO A 328 -10.06 -6.03 21.36
C PRO A 328 -10.70 -6.23 20.00
N VAL A 329 -11.23 -5.14 19.46
CA VAL A 329 -11.99 -5.21 18.23
C VAL A 329 -11.08 -5.73 17.11
N ASP A 330 -11.61 -6.65 16.30
CA ASP A 330 -10.85 -7.12 15.14
C ASP A 330 -11.05 -6.20 13.95
N TRP A 331 -12.30 -5.78 13.71
CA TRP A 331 -12.61 -4.84 12.64
C TRP A 331 -13.86 -4.06 13.01
N TYR A 332 -14.03 -2.89 12.38
CA TYR A 332 -15.11 -1.97 12.66
C TYR A 332 -15.15 -0.88 11.60
N THR A 333 -16.34 -0.50 11.17
CA THR A 333 -16.52 0.62 10.25
C THR A 333 -18.00 0.97 10.17
N ILE A 334 -18.29 2.08 9.48
CA ILE A 334 -19.64 2.48 9.14
C ILE A 334 -19.74 2.49 7.62
N LEU A 335 -20.82 1.91 7.11
CA LEU A 335 -21.01 1.78 5.66
C LEU A 335 -22.24 2.58 5.21
N THR A 336 -22.11 3.22 4.06
CA THR A 336 -23.22 3.95 3.46
C THR A 336 -23.71 3.04 2.35
N ILE A 337 -25.01 2.81 2.25
CA ILE A 337 -25.51 1.86 1.22
C ILE A 337 -25.72 2.59 -0.11
N ASN A 338 -24.89 2.32 -1.10
CA ASN A 338 -25.10 2.91 -2.43
C ASN A 338 -24.96 1.76 -3.41
N GLU A 339 -25.95 1.57 -4.28
CA GLU A 339 -25.89 0.45 -5.22
C GLU A 339 -25.78 1.07 -6.60
N ARG A 340 -24.80 0.67 -7.39
CA ARG A 340 -24.59 1.27 -8.73
C ARG A 340 -24.22 0.17 -9.73
N VAL A 341 -24.51 0.39 -11.00
CA VAL A 341 -24.22 -0.64 -12.04
C VAL A 341 -23.86 0.13 -13.29
N ALA A 342 -22.70 -0.15 -13.87
CA ALA A 342 -22.26 0.50 -15.10
C ALA A 342 -23.23 0.21 -16.25
N THR A 343 -23.42 1.21 -17.13
CA THR A 343 -24.29 1.01 -18.29
C THR A 343 -23.77 -0.09 -19.20
N SER A 344 -22.45 -0.29 -19.22
CA SER A 344 -21.82 -1.32 -20.03
C SER A 344 -20.59 -1.82 -19.28
N PHE A 345 -20.17 -3.04 -19.62
CA PHE A 345 -19.03 -3.66 -18.96
C PHE A 345 -17.86 -3.91 -19.92
N THR A 346 -18.08 -3.74 -21.22
CA THR A 346 -17.09 -3.86 -22.27
C THR A 346 -16.89 -2.49 -22.92
N TYR A 347 -15.83 -2.39 -23.72
CA TYR A 347 -15.65 -1.27 -24.63
C TYR A 347 -14.76 -1.72 -25.77
N LYS A 348 -15.35 -1.82 -26.96
CA LYS A 348 -14.62 -2.10 -28.21
C LYS A 348 -13.76 -3.36 -28.08
N ASP A 349 -14.18 -4.28 -27.21
CA ASP A 349 -13.54 -5.59 -27.10
C ASP A 349 -12.05 -5.50 -26.86
N ARG A 350 -11.66 -4.52 -26.03
CA ARG A 350 -10.25 -4.28 -25.67
C ARG A 350 -10.13 -3.86 -24.21
N ILE A 351 -11.11 -3.16 -23.68
CA ILE A 351 -11.11 -2.70 -22.29
C ILE A 351 -12.31 -3.37 -21.62
N PHE A 352 -12.07 -3.98 -20.45
CA PHE A 352 -13.09 -4.79 -19.79
C PHE A 352 -13.12 -4.46 -18.31
N LEU A 353 -14.30 -4.15 -17.80
CA LEU A 353 -14.49 -3.90 -16.38
C LEU A 353 -14.92 -5.19 -15.68
N ALA A 354 -14.48 -5.37 -14.43
CA ALA A 354 -14.97 -6.48 -13.62
C ALA A 354 -14.83 -6.14 -12.14
N GLY A 355 -15.84 -6.53 -11.36
CA GLY A 355 -15.84 -6.31 -9.93
C GLY A 355 -16.45 -4.99 -9.52
N ASP A 356 -15.96 -4.41 -8.43
CA ASP A 356 -16.47 -3.14 -7.94
C ASP A 356 -16.39 -2.01 -8.98
N SER A 357 -15.58 -2.17 -10.04
CA SER A 357 -15.61 -1.18 -11.11
C SER A 357 -16.91 -1.26 -11.89
N CYS A 358 -17.55 -2.42 -11.88
CA CYS A 358 -18.79 -2.63 -12.65
C CYS A 358 -20.04 -2.44 -11.79
N HIS A 359 -19.96 -2.77 -10.51
CA HIS A 359 -21.14 -2.75 -9.66
C HIS A 359 -20.70 -2.65 -8.21
N VAL A 360 -21.52 -1.93 -7.48
CA VAL A 360 -21.33 -1.75 -6.03
C VAL A 360 -22.70 -1.98 -5.41
N HIS A 361 -22.75 -2.86 -4.42
CA HIS A 361 -23.99 -3.27 -3.74
C HIS A 361 -23.83 -3.07 -2.25
N SER A 362 -24.92 -3.19 -1.52
CA SER A 362 -24.76 -3.08 -0.05
C SER A 362 -23.89 -4.22 0.43
N ALA A 363 -23.09 -3.97 1.47
CA ALA A 363 -22.22 -4.99 2.10
C ALA A 363 -23.06 -6.15 2.63
N LYS A 364 -24.24 -5.82 3.19
CA LYS A 364 -25.22 -6.78 3.75
C LYS A 364 -25.37 -7.99 2.82
N GLY A 365 -25.63 -7.76 1.52
CA GLY A 365 -25.87 -8.87 0.60
C GLY A 365 -24.72 -9.87 0.50
N ALA A 366 -23.48 -9.38 0.63
CA ALA A 366 -22.19 -10.12 0.52
C ALA A 366 -21.89 -10.48 -0.94
N PHE A 367 -22.53 -9.80 -1.87
CA PHE A 367 -22.37 -10.02 -3.32
C PHE A 367 -21.01 -9.58 -3.87
N GLY A 368 -20.39 -8.56 -3.28
CA GLY A 368 -19.21 -8.02 -3.97
C GLY A 368 -18.10 -9.00 -4.23
N MET A 369 -17.65 -9.74 -3.23
CA MET A 369 -16.59 -10.73 -3.51
C MET A 369 -17.16 -11.85 -4.37
N ASN A 370 -18.36 -12.29 -4.03
CA ASN A 370 -18.96 -13.44 -4.75
C ASN A 370 -19.28 -13.12 -6.21
N THR A 371 -19.96 -12.01 -6.43
CA THR A 371 -20.33 -11.58 -7.78
C THR A 371 -19.05 -11.17 -8.53
N GLY A 372 -18.12 -10.54 -7.82
CA GLY A 372 -16.81 -10.14 -8.34
C GLY A 372 -16.02 -11.34 -8.79
N VAL A 373 -15.92 -12.36 -7.95
CA VAL A 373 -15.13 -13.49 -8.39
C VAL A 373 -15.82 -14.17 -9.57
N MET A 374 -17.15 -14.20 -9.55
CA MET A 374 -17.81 -14.86 -10.68
C MET A 374 -17.74 -14.03 -11.94
N ASP A 375 -17.68 -12.69 -11.81
CA ASP A 375 -17.33 -11.84 -12.95
C ASP A 375 -15.99 -12.23 -13.54
N ALA A 376 -14.94 -12.27 -12.69
CA ALA A 376 -13.60 -12.57 -13.20
C ALA A 376 -13.62 -13.89 -13.93
N HIS A 377 -14.37 -14.85 -13.40
CA HIS A 377 -14.43 -16.20 -13.96
C HIS A 377 -15.14 -16.18 -15.32
N ASN A 378 -16.30 -15.53 -15.40
CA ASN A 378 -17.00 -15.34 -16.67
C ASN A 378 -16.08 -14.65 -17.68
N LEU A 379 -15.44 -13.55 -17.27
CA LEU A 379 -14.58 -12.81 -18.17
C LEU A 379 -13.46 -13.69 -18.71
N ALA A 380 -12.78 -14.41 -17.82
CA ALA A 380 -11.42 -14.82 -18.09
C ALA A 380 -11.34 -15.89 -19.17
N TRP A 381 -12.28 -16.82 -19.18
CA TRP A 381 -12.22 -17.86 -20.21
C TRP A 381 -12.64 -17.31 -21.57
N LYS A 382 -13.50 -16.30 -21.59
CA LYS A 382 -13.88 -15.66 -22.86
C LYS A 382 -12.73 -14.79 -23.35
N LEU A 383 -12.15 -14.00 -22.47
CA LEU A 383 -11.03 -13.16 -22.83
C LEU A 383 -9.86 -14.01 -23.30
N ALA A 384 -9.70 -15.21 -22.73
CA ALA A 384 -8.59 -16.07 -23.10
C ALA A 384 -8.77 -16.63 -24.51
N MET A 385 -9.99 -17.08 -24.82
CA MET A 385 -10.29 -17.50 -26.18
C MET A 385 -10.16 -16.35 -27.18
N LEU A 386 -10.34 -15.11 -26.72
CA LEU A 386 -10.08 -13.98 -27.59
C LEU A 386 -8.58 -13.85 -27.88
N CYS A 387 -7.71 -14.28 -26.96
CA CYS A 387 -6.27 -14.10 -27.15
C CYS A 387 -5.70 -15.06 -28.18
N ARG A 388 -6.34 -16.18 -28.45
CA ARG A 388 -5.93 -17.01 -29.58
C ARG A 388 -6.88 -16.90 -30.77
N GLY A 389 -7.68 -15.83 -30.79
CA GLY A 389 -8.33 -15.40 -32.00
C GLY A 389 -9.54 -16.19 -32.43
N ILE A 390 -9.97 -17.19 -31.66
CA ILE A 390 -11.15 -17.95 -32.06
C ILE A 390 -12.44 -17.34 -31.56
N ALA A 391 -12.38 -16.24 -30.82
CA ALA A 391 -13.56 -15.60 -30.24
C ALA A 391 -14.16 -14.56 -31.20
N LYS A 392 -15.37 -14.83 -31.69
CA LYS A 392 -16.14 -13.82 -32.41
C LYS A 392 -16.55 -12.70 -31.48
N PRO A 393 -16.96 -11.54 -32.00
CA PRO A 393 -17.38 -10.46 -31.11
C PRO A 393 -18.51 -10.86 -30.17
N SER A 394 -19.41 -11.76 -30.58
CA SER A 394 -20.53 -12.13 -29.73
C SER A 394 -20.08 -12.63 -28.37
N LEU A 395 -19.02 -13.45 -28.35
CA LEU A 395 -18.61 -14.08 -27.09
C LEU A 395 -18.33 -13.05 -26.00
N LEU A 396 -17.50 -12.06 -26.29
CA LEU A 396 -17.25 -11.04 -25.28
C LEU A 396 -18.45 -10.13 -25.07
N ALA A 397 -19.38 -10.07 -26.03
CA ALA A 397 -20.63 -9.37 -25.79
C ALA A 397 -21.48 -10.10 -24.75
N SER A 398 -21.49 -11.43 -24.79
CA SER A 398 -22.19 -12.19 -23.75
C SER A 398 -21.64 -11.91 -22.35
N TYR A 399 -20.33 -11.63 -22.22
CA TYR A 399 -19.82 -11.23 -20.92
C TYR A 399 -20.55 -10.00 -20.40
N ASP A 400 -20.59 -8.92 -21.20
CA ASP A 400 -21.27 -7.72 -20.73
C ASP A 400 -22.72 -8.00 -20.38
N VAL A 401 -23.42 -8.74 -21.25
CA VAL A 401 -24.83 -9.01 -21.01
C VAL A 401 -24.99 -9.86 -19.75
N GLU A 402 -24.34 -11.03 -19.73
CA GLU A 402 -24.58 -11.98 -18.65
C GLU A 402 -24.33 -11.34 -17.29
N ARG A 403 -23.26 -10.56 -17.17
CA ARG A 403 -22.87 -10.12 -15.83
C ARG A 403 -23.50 -8.80 -15.43
N ARG A 404 -23.79 -7.93 -16.42
CA ARG A 404 -24.53 -6.69 -16.14
C ARG A 404 -25.89 -7.02 -15.57
N GLU A 405 -26.63 -7.88 -16.24
CA GLU A 405 -27.99 -8.16 -15.79
C GLU A 405 -28.00 -8.92 -14.48
N ASN A 406 -26.99 -9.78 -14.24
CA ASN A 406 -26.86 -10.37 -12.92
C ASN A 406 -26.57 -9.31 -11.88
N ALA A 407 -25.80 -8.28 -12.25
CA ALA A 407 -25.60 -7.16 -11.34
C ALA A 407 -26.92 -6.42 -11.07
N LEU A 408 -27.75 -6.26 -12.11
CA LEU A 408 -29.05 -5.62 -11.88
C LEU A 408 -29.92 -6.48 -10.98
N ARG A 409 -29.92 -7.80 -11.17
CA ARG A 409 -30.65 -8.71 -10.30
C ARG A 409 -30.22 -8.58 -8.84
N ALA A 410 -28.90 -8.48 -8.60
CA ALA A 410 -28.42 -8.29 -7.24
C ALA A 410 -28.94 -6.99 -6.63
N VAL A 411 -29.22 -5.99 -7.48
CA VAL A 411 -29.66 -4.69 -6.98
C VAL A 411 -31.12 -4.75 -6.52
N ALA A 412 -31.97 -5.41 -7.31
CA ALA A 412 -33.36 -5.57 -6.94
C ALA A 412 -33.53 -6.32 -5.63
N THR A 413 -32.80 -7.43 -5.44
CA THR A 413 -33.02 -8.21 -4.22
C THR A 413 -32.45 -7.52 -2.98
N SER A 414 -31.38 -6.73 -3.14
CA SER A 414 -30.86 -5.96 -2.01
C SER A 414 -31.83 -4.85 -1.61
N ALA A 415 -32.58 -4.31 -2.58
CA ALA A 415 -33.57 -3.28 -2.29
C ALA A 415 -34.67 -3.81 -1.38
N ARG A 416 -35.19 -5.00 -1.71
CA ARG A 416 -36.31 -5.62 -1.02
C ARG A 416 -35.90 -6.45 0.20
N TYR A 417 -34.61 -6.47 0.57
CA TYR A 417 -34.20 -7.03 1.84
C TYR A 417 -34.74 -6.19 3.01
N LEU A 418 -34.86 -4.87 2.81
CA LEU A 418 -35.51 -3.93 3.77
C LEU A 418 -34.86 -3.89 5.15
N VAL A 443 -50.74 -9.20 4.09
CA VAL A 443 -51.30 -10.37 3.41
C VAL A 443 -50.92 -11.62 4.21
N VAL A 444 -50.96 -11.48 5.53
CA VAL A 444 -50.40 -12.46 6.45
C VAL A 444 -51.46 -13.44 6.91
N PRO A 445 -51.11 -14.71 7.13
CA PRO A 445 -52.00 -15.60 7.87
C PRO A 445 -52.32 -15.02 9.24
N PRO A 446 -53.52 -15.28 9.76
CA PRO A 446 -53.95 -14.56 10.97
C PRO A 446 -53.06 -14.75 12.19
N GLY A 447 -52.63 -15.98 12.47
CA GLY A 447 -51.75 -16.23 13.61
C GLY A 447 -50.28 -16.18 13.25
N GLU A 448 -49.82 -15.02 12.80
CA GLU A 448 -48.53 -14.90 12.14
C GLU A 448 -48.02 -13.47 12.28
N ASP A 449 -46.70 -13.33 12.40
CA ASP A 449 -46.03 -12.03 12.54
C ASP A 449 -45.74 -11.45 11.16
N LYS A 450 -45.99 -10.14 11.03
CA LYS A 450 -45.91 -9.49 9.72
C LYS A 450 -44.48 -9.45 9.20
N ASP A 451 -43.51 -9.11 10.05
CA ASP A 451 -42.15 -8.95 9.57
C ASP A 451 -41.42 -10.29 9.42
N VAL A 452 -41.79 -11.30 10.21
CA VAL A 452 -41.18 -12.61 10.05
C VAL A 452 -41.80 -13.36 8.86
N PHE A 453 -43.07 -13.14 8.55
CA PHE A 453 -43.67 -13.81 7.40
C PHE A 453 -43.10 -13.31 6.08
N TYR A 454 -42.73 -12.04 6.00
CA TYR A 454 -42.10 -11.58 4.76
C TYR A 454 -40.65 -12.04 4.66
N PHE A 455 -40.04 -12.44 5.79
CA PHE A 455 -38.72 -13.08 5.77
C PHE A 455 -38.80 -14.47 5.16
N LYS A 456 -39.68 -15.34 5.69
CA LYS A 456 -39.78 -16.68 5.14
C LYS A 456 -40.10 -16.65 3.64
N LYS A 457 -40.91 -15.68 3.20
CA LYS A 457 -41.25 -15.51 1.78
C LYS A 457 -40.10 -14.93 0.97
N PHE A 458 -39.30 -14.04 1.57
CA PHE A 458 -38.05 -13.59 0.95
C PHE A 458 -37.09 -14.76 0.75
N VAL A 459 -36.81 -15.52 1.82
CA VAL A 459 -35.96 -16.71 1.72
C VAL A 459 -36.45 -17.64 0.61
N GLY A 460 -37.77 -17.72 0.44
CA GLY A 460 -38.32 -18.60 -0.57
C GLY A 460 -38.06 -18.13 -1.99
N GLN A 461 -38.16 -16.82 -2.22
CA GLN A 461 -38.07 -16.31 -3.59
C GLN A 461 -36.63 -16.17 -4.07
N VAL A 462 -35.73 -15.73 -3.19
CA VAL A 462 -34.36 -15.39 -3.58
C VAL A 462 -33.31 -16.26 -2.89
N GLY A 463 -33.72 -17.19 -2.01
CA GLY A 463 -32.73 -17.93 -1.22
C GLY A 463 -31.66 -18.59 -2.06
N ARG A 464 -32.07 -19.28 -3.12
CA ARG A 464 -31.13 -20.00 -3.97
C ARG A 464 -30.27 -19.04 -4.82
N PHE A 465 -30.75 -17.83 -5.06
CA PHE A 465 -29.95 -16.85 -5.77
C PHE A 465 -28.88 -16.26 -4.86
N LEU A 466 -29.20 -16.20 -3.56
CA LEU A 466 -28.27 -15.69 -2.52
C LEU A 466 -27.15 -16.71 -2.30
N ILE A 467 -27.37 -17.97 -2.67
CA ILE A 467 -26.29 -18.95 -2.56
C ILE A 467 -25.62 -19.24 -3.90
N GLY A 468 -26.13 -18.66 -5.00
CA GLY A 468 -25.47 -18.74 -6.29
C GLY A 468 -25.98 -19.81 -7.22
N LEU A 469 -26.76 -20.79 -6.74
CA LEU A 469 -27.18 -21.88 -7.61
C LEU A 469 -28.20 -21.42 -8.65
N ASP A 470 -28.82 -20.27 -8.45
CA ASP A 470 -29.84 -19.74 -9.36
C ASP A 470 -29.37 -18.52 -10.13
N VAL A 471 -28.06 -18.43 -10.42
CA VAL A 471 -27.54 -17.36 -11.29
C VAL A 471 -27.98 -17.69 -12.71
N ASP A 472 -28.77 -16.80 -13.31
CA ASP A 472 -29.59 -17.11 -14.47
C ASP A 472 -29.18 -16.22 -15.64
N TYR A 473 -28.67 -16.83 -16.71
CA TYR A 473 -28.27 -16.13 -17.92
C TYR A 473 -29.35 -16.32 -18.96
N ALA A 474 -29.83 -15.20 -19.52
CA ALA A 474 -30.81 -15.18 -20.59
C ALA A 474 -30.15 -15.57 -21.91
N GLU A 475 -30.99 -16.00 -22.84
CA GLU A 475 -30.58 -16.54 -24.16
C GLU A 475 -29.68 -15.56 -24.90
N ASN A 476 -28.66 -16.08 -25.55
CA ASN A 476 -27.73 -15.30 -26.39
C ASN A 476 -27.00 -16.27 -27.31
N ALA A 477 -25.94 -15.81 -27.95
CA ALA A 477 -25.26 -16.74 -28.88
C ALA A 477 -24.70 -17.95 -28.13
N LEU A 478 -24.33 -17.77 -26.85
CA LEU A 478 -23.72 -18.84 -26.06
C LEU A 478 -24.77 -19.73 -25.44
N ASN A 479 -25.89 -19.14 -25.04
CA ASN A 479 -26.99 -19.88 -24.44
C ASN A 479 -28.08 -20.07 -25.47
N LYS A 480 -28.21 -21.31 -25.95
CA LYS A 480 -29.18 -21.69 -26.97
C LYS A 480 -30.11 -22.74 -26.36
N LEU A 481 -31.29 -22.30 -25.91
CA LEU A 481 -32.26 -23.23 -25.35
C LEU A 481 -32.54 -24.37 -26.33
N SER A 482 -32.84 -25.55 -25.79
CA SER A 482 -33.02 -26.72 -26.61
C SER A 482 -33.92 -27.66 -25.85
N PRO A 483 -34.89 -28.30 -26.51
CA PRO A 483 -35.70 -29.32 -25.85
C PRO A 483 -35.05 -30.69 -25.81
N ALA A 484 -33.78 -30.81 -26.21
CA ALA A 484 -33.14 -32.12 -26.33
C ALA A 484 -33.01 -32.85 -24.99
N VAL A 485 -33.01 -32.13 -23.87
CA VAL A 485 -33.07 -32.73 -22.54
C VAL A 485 -34.12 -32.01 -21.70
N SER A 486 -34.71 -32.73 -20.76
CA SER A 486 -35.87 -32.14 -20.09
C SER A 486 -35.52 -31.18 -18.97
N ARG A 487 -34.25 -31.07 -18.59
CA ARG A 487 -33.92 -30.43 -17.33
C ARG A 487 -32.70 -29.50 -17.39
N ALA A 488 -31.58 -30.01 -17.89
CA ALA A 488 -30.44 -29.13 -18.09
C ALA A 488 -30.87 -28.00 -19.02
N ARG A 489 -30.58 -26.77 -18.64
CA ARG A 489 -31.13 -25.62 -19.34
C ARG A 489 -30.01 -24.66 -19.71
N ALA A 490 -30.07 -24.15 -20.94
CA ALA A 490 -29.03 -23.25 -21.43
C ALA A 490 -28.96 -22.00 -20.56
N GLY A 491 -27.75 -21.50 -20.36
CA GLY A 491 -27.57 -20.34 -19.50
C GLY A 491 -27.75 -20.59 -18.00
N TYR A 492 -27.86 -21.85 -17.59
CA TYR A 492 -28.05 -22.23 -16.18
C TYR A 492 -26.95 -23.19 -15.72
N ARG A 493 -26.72 -23.18 -14.41
CA ARG A 493 -25.69 -24.03 -13.79
C ARG A 493 -25.78 -25.48 -14.26
N ALA A 494 -24.64 -26.06 -14.64
CA ALA A 494 -24.59 -27.48 -14.93
C ALA A 494 -24.77 -28.29 -13.64
N SER A 495 -25.58 -29.32 -13.72
CA SER A 495 -25.78 -30.14 -12.55
C SER A 495 -24.55 -31.00 -12.30
N ASN A 496 -24.24 -31.22 -11.02
CA ASN A 496 -23.00 -31.90 -10.62
C ASN A 496 -23.32 -33.16 -9.84
N PRO A 497 -23.89 -34.17 -10.48
CA PRO A 497 -24.22 -35.40 -9.75
C PRO A 497 -22.97 -36.21 -9.51
N ARG A 498 -23.15 -37.26 -8.71
CA ARG A 498 -22.13 -38.26 -8.42
C ARG A 498 -22.04 -39.25 -9.57
N VAL A 499 -20.81 -39.49 -10.04
CA VAL A 499 -20.54 -40.49 -11.05
C VAL A 499 -19.27 -41.23 -10.65
N ALA A 500 -18.97 -42.33 -11.34
CA ALA A 500 -17.72 -43.04 -11.15
C ALA A 500 -16.76 -42.66 -12.27
N LEU A 501 -15.64 -42.04 -11.90
CA LEU A 501 -14.59 -41.73 -12.88
C LEU A 501 -13.76 -42.95 -13.25
N SER A 502 -13.79 -44.00 -12.42
CA SER A 502 -13.09 -45.26 -12.65
C SER A 502 -13.72 -46.31 -11.75
N ARG A 503 -13.21 -47.53 -11.82
CA ARG A 503 -13.71 -48.58 -10.94
C ARG A 503 -13.58 -48.19 -9.48
N SER A 504 -12.46 -47.57 -9.13
CA SER A 504 -12.14 -47.31 -7.73
C SER A 504 -12.55 -45.91 -7.28
N HIS A 505 -12.57 -44.95 -8.20
CA HIS A 505 -12.77 -43.55 -7.87
C HIS A 505 -14.22 -43.18 -8.18
N SER A 506 -15.01 -42.89 -7.15
CA SER A 506 -16.38 -42.42 -7.35
C SER A 506 -16.49 -40.98 -6.87
N GLY A 507 -16.46 -40.03 -7.81
CA GLY A 507 -16.52 -38.62 -7.47
C GLY A 507 -17.71 -37.86 -8.03
N ARG A 508 -17.45 -36.73 -8.66
CA ARG A 508 -18.48 -35.82 -9.14
C ARG A 508 -18.27 -35.55 -10.62
N LEU A 509 -19.39 -35.46 -11.36
CA LEU A 509 -19.29 -35.25 -12.80
C LEU A 509 -18.44 -34.04 -13.18
N TYR A 510 -18.44 -32.99 -12.34
CA TYR A 510 -17.58 -31.83 -12.65
C TYR A 510 -16.13 -32.25 -12.83
N HIS A 511 -15.71 -33.35 -12.21
CA HIS A 511 -14.32 -33.76 -12.26
C HIS A 511 -13.88 -34.22 -13.64
N SER A 512 -14.83 -34.56 -14.53
CA SER A 512 -14.50 -34.96 -15.89
C SER A 512 -14.36 -33.78 -16.86
N PHE A 513 -14.81 -32.58 -16.49
CA PHE A 513 -14.84 -31.47 -17.44
C PHE A 513 -13.44 -31.12 -17.91
N GLY A 514 -13.37 -30.43 -19.05
CA GLY A 514 -12.12 -29.92 -19.57
C GLY A 514 -11.62 -28.74 -18.78
N HIS A 515 -10.48 -28.23 -19.20
CA HIS A 515 -9.92 -27.03 -18.58
C HIS A 515 -10.65 -25.79 -19.12
N LEU A 516 -10.15 -24.59 -18.75
CA LEU A 516 -10.84 -23.33 -19.02
C LEU A 516 -10.88 -22.95 -20.50
N GLY A 517 -10.05 -23.58 -21.33
CA GLY A 517 -10.02 -23.31 -22.75
C GLY A 517 -10.81 -24.27 -23.59
N GLN A 518 -11.52 -25.21 -22.96
CA GLN A 518 -12.25 -26.26 -23.65
C GLN A 518 -13.72 -26.20 -23.30
N PHE A 519 -14.55 -26.66 -24.21
CA PHE A 519 -15.95 -26.91 -23.94
C PHE A 519 -16.11 -28.40 -23.64
N THR A 520 -16.92 -28.73 -22.67
CA THR A 520 -17.07 -30.13 -22.29
C THR A 520 -18.27 -30.69 -23.02
N LEU A 521 -18.02 -31.63 -23.93
CA LEU A 521 -19.08 -32.31 -24.66
C LEU A 521 -19.53 -33.53 -23.88
N LEU A 522 -20.58 -33.35 -23.07
CA LEU A 522 -21.20 -34.49 -22.39
C LEU A 522 -22.00 -35.31 -23.39
N VAL A 523 -21.54 -36.53 -23.66
CA VAL A 523 -22.23 -37.44 -24.57
C VAL A 523 -22.95 -38.54 -23.78
N PHE A 524 -24.19 -38.28 -23.38
CA PHE A 524 -24.95 -39.30 -22.66
C PHE A 524 -25.33 -40.42 -23.61
N ALA A 525 -24.96 -41.65 -23.25
CA ALA A 525 -25.02 -42.75 -24.18
C ALA A 525 -25.93 -43.87 -23.70
N SER A 526 -26.79 -43.62 -22.71
CA SER A 526 -27.59 -44.70 -22.12
C SER A 526 -26.64 -45.81 -21.66
N ASN A 527 -27.03 -47.08 -21.78
CA ASN A 527 -26.08 -48.18 -21.67
C ASN A 527 -25.47 -48.55 -23.03
N MET A 528 -25.53 -47.64 -24.00
CA MET A 528 -25.04 -47.85 -25.36
C MET A 528 -25.67 -49.07 -26.03
N GLY A 529 -26.86 -49.45 -25.57
CA GLY A 529 -27.61 -50.51 -26.23
C GLY A 529 -28.91 -50.00 -26.82
N GLY A 530 -29.77 -50.91 -27.27
CA GLY A 530 -31.04 -50.59 -27.90
C GLY A 530 -30.88 -49.71 -29.14
N ALA A 531 -31.89 -48.87 -29.35
CA ALA A 531 -31.91 -47.97 -30.50
C ALA A 531 -30.64 -47.15 -30.59
N LEU A 532 -30.19 -46.64 -29.45
CA LEU A 532 -29.14 -45.63 -29.46
C LEU A 532 -27.85 -46.16 -30.07
N ASN A 533 -27.67 -47.49 -30.09
CA ASN A 533 -26.41 -48.05 -30.59
C ASN A 533 -26.16 -47.61 -32.02
N ALA A 534 -27.16 -47.77 -32.90
CA ALA A 534 -27.05 -47.29 -34.28
C ALA A 534 -26.74 -45.79 -34.32
N LYS A 535 -27.49 -45.00 -33.55
CA LYS A 535 -27.28 -43.55 -33.56
C LYS A 535 -25.87 -43.18 -33.09
N LEU A 536 -25.34 -43.91 -32.11
CA LEU A 536 -24.00 -43.62 -31.64
C LEU A 536 -22.95 -43.98 -32.68
N HIS A 537 -23.22 -45.00 -33.51
CA HIS A 537 -22.30 -45.35 -34.58
C HIS A 537 -22.32 -44.28 -35.66
N ALA A 538 -23.51 -43.82 -36.04
CA ALA A 538 -23.64 -42.62 -36.85
C ALA A 538 -22.83 -41.49 -36.24
N LEU A 539 -23.13 -41.17 -34.97
CA LEU A 539 -22.43 -40.09 -34.28
C LEU A 539 -20.92 -40.26 -34.36
N ASP A 540 -20.44 -41.49 -34.20
CA ASP A 540 -19.00 -41.73 -34.26
C ASP A 540 -18.44 -41.34 -35.63
N SER A 541 -19.16 -41.70 -36.71
CA SER A 541 -18.69 -41.40 -38.05
C SER A 541 -18.74 -39.91 -38.36
N TYR A 542 -19.79 -39.22 -37.91
CA TYR A 542 -19.84 -37.78 -38.12
C TYR A 542 -18.65 -37.08 -37.48
N LEU A 543 -18.33 -37.46 -36.23
CA LEU A 543 -17.34 -36.72 -35.45
C LEU A 543 -15.94 -36.92 -35.98
N ALA A 544 -15.62 -38.13 -36.46
CA ALA A 544 -14.26 -38.42 -36.91
C ALA A 544 -13.91 -37.66 -38.17
N GLY A 545 -14.92 -37.36 -39.01
CA GLY A 545 -14.72 -36.61 -40.23
C GLY A 545 -14.18 -35.23 -39.96
N PRO A 546 -13.29 -34.74 -40.83
CA PRO A 546 -12.64 -33.45 -40.59
C PRO A 546 -13.56 -32.25 -40.74
N SER A 547 -14.78 -32.43 -41.27
CA SER A 547 -15.75 -31.34 -41.36
C SER A 547 -16.73 -31.30 -40.20
N SER A 548 -16.58 -32.21 -39.22
CA SER A 548 -17.41 -32.19 -38.03
C SER A 548 -17.18 -30.93 -37.22
N PHE A 549 -18.14 -30.58 -36.37
CA PHE A 549 -17.97 -29.39 -35.54
C PHE A 549 -16.81 -29.59 -34.56
N TYR A 550 -16.63 -30.81 -34.04
CA TYR A 550 -15.49 -31.08 -33.18
C TYR A 550 -14.19 -30.69 -33.88
N HIS A 551 -13.97 -31.24 -35.07
CA HIS A 551 -12.76 -30.87 -35.82
C HIS A 551 -12.81 -29.43 -36.35
N ALA A 552 -14.02 -28.91 -36.64
CA ALA A 552 -14.10 -27.61 -37.32
C ALA A 552 -13.67 -26.46 -36.42
N TYR A 553 -13.81 -26.59 -35.11
CA TYR A 553 -13.48 -25.49 -34.22
C TYR A 553 -12.26 -25.79 -33.33
N GLY A 554 -11.45 -26.77 -33.71
CA GLY A 554 -10.16 -26.97 -33.07
C GLY A 554 -9.96 -28.31 -32.42
N GLY A 555 -10.94 -29.21 -32.42
CA GLY A 555 -10.75 -30.52 -31.82
C GLY A 555 -10.43 -30.43 -30.35
N ALA A 556 -9.45 -31.23 -29.91
CA ALA A 556 -9.10 -31.30 -28.50
C ALA A 556 -8.51 -30.01 -27.95
N ASP A 557 -8.21 -29.02 -28.79
CA ASP A 557 -7.80 -27.70 -28.30
C ASP A 557 -8.98 -26.88 -27.75
N THR A 558 -10.22 -27.23 -28.10
CA THR A 558 -11.37 -26.49 -27.59
C THR A 558 -12.48 -27.39 -27.06
N PHE A 559 -12.35 -28.71 -27.16
CA PHE A 559 -13.38 -29.62 -26.70
C PHE A 559 -12.77 -30.73 -25.87
N LYS A 560 -13.56 -31.23 -24.92
CA LYS A 560 -13.25 -32.44 -24.18
C LYS A 560 -14.49 -33.32 -24.23
N ILE A 561 -14.35 -34.51 -24.78
CA ILE A 561 -15.47 -35.43 -24.92
C ILE A 561 -15.55 -36.28 -23.67
N VAL A 562 -16.72 -36.32 -23.05
CA VAL A 562 -16.97 -37.23 -21.92
C VAL A 562 -18.15 -38.11 -22.31
N VAL A 563 -17.94 -39.41 -22.26
CA VAL A 563 -18.98 -40.37 -22.59
C VAL A 563 -19.58 -40.88 -21.28
N VAL A 564 -20.87 -40.63 -21.08
CA VAL A 564 -21.55 -40.93 -19.83
C VAL A 564 -22.36 -42.19 -20.07
N VAL A 565 -21.86 -43.32 -19.60
CA VAL A 565 -22.46 -44.63 -19.84
C VAL A 565 -23.12 -45.11 -18.57
N ARG A 566 -24.40 -45.47 -18.68
CA ARG A 566 -25.17 -45.99 -17.55
C ARG A 566 -25.06 -47.51 -17.54
N ALA A 567 -23.91 -48.01 -17.11
CA ALA A 567 -23.61 -49.43 -17.15
C ALA A 567 -22.41 -49.69 -16.23
N THR A 568 -22.18 -50.97 -15.91
CA THR A 568 -21.01 -51.31 -15.12
C THR A 568 -19.75 -50.94 -15.90
N PRO A 569 -18.62 -50.72 -15.21
CA PRO A 569 -17.39 -50.35 -15.94
C PRO A 569 -16.91 -51.39 -16.95
N SER A 570 -17.19 -52.69 -16.74
CA SER A 570 -16.79 -53.70 -17.69
C SER A 570 -17.72 -53.71 -18.91
N GLN A 571 -19.03 -53.61 -18.69
CA GLN A 571 -19.95 -53.52 -19.82
C GLN A 571 -19.72 -52.29 -20.66
N ALA A 572 -19.29 -51.19 -20.03
CA ALA A 572 -19.08 -49.93 -20.74
C ALA A 572 -17.78 -49.92 -21.53
N ASP A 573 -16.68 -50.39 -20.95
CA ASP A 573 -15.40 -50.37 -21.67
C ASP A 573 -15.44 -51.30 -22.87
N GLN A 574 -16.02 -52.48 -22.69
CA GLN A 574 -16.38 -53.32 -23.82
C GLN A 574 -17.05 -52.51 -24.91
N ARG A 575 -18.23 -51.97 -24.61
CA ARG A 575 -19.09 -51.35 -25.61
C ARG A 575 -18.48 -50.08 -26.19
N VAL A 576 -17.88 -49.21 -25.35
CA VAL A 576 -17.23 -47.99 -25.85
C VAL A 576 -16.16 -48.32 -26.89
N LYS A 577 -15.58 -49.51 -26.83
CA LYS A 577 -14.55 -49.89 -27.78
C LYS A 577 -15.10 -50.16 -29.18
N THR A 578 -16.41 -50.41 -29.32
CA THR A 578 -16.96 -50.57 -30.66
C THR A 578 -17.13 -49.24 -31.38
N PHE A 579 -16.87 -48.13 -30.71
CA PHE A 579 -17.04 -46.80 -31.31
C PHE A 579 -15.65 -46.17 -31.48
N PRO A 580 -14.99 -46.39 -32.62
CA PRO A 580 -13.55 -46.09 -32.70
C PRO A 580 -13.21 -44.66 -32.37
N PHE A 581 -14.00 -43.69 -32.84
CA PHE A 581 -13.69 -42.32 -32.51
C PHE A 581 -13.98 -42.00 -31.05
N LEU A 582 -15.06 -42.56 -30.52
CA LEU A 582 -15.40 -42.31 -29.13
C LEU A 582 -14.38 -42.93 -28.20
N SER A 583 -14.00 -44.19 -28.46
CA SER A 583 -12.97 -44.85 -27.66
C SER A 583 -11.65 -44.08 -27.71
N LYS A 584 -11.29 -43.56 -28.89
CA LYS A 584 -9.95 -42.98 -29.09
C LYS A 584 -9.85 -41.53 -28.61
N ALA A 585 -10.94 -40.78 -28.59
CA ALA A 585 -10.87 -39.40 -28.13
C ALA A 585 -11.81 -39.07 -26.97
N GLY A 586 -12.70 -39.99 -26.62
CA GLY A 586 -13.60 -39.76 -25.50
C GLY A 586 -13.05 -40.30 -24.19
N HIS A 587 -13.48 -39.67 -23.10
CA HIS A 587 -13.19 -40.14 -21.76
C HIS A 587 -14.49 -40.70 -21.20
N THR A 588 -14.49 -41.99 -20.92
CA THR A 588 -15.71 -42.63 -20.41
C THR A 588 -15.83 -42.36 -18.92
N VAL A 589 -17.06 -42.14 -18.45
CA VAL A 589 -17.36 -42.02 -17.00
C VAL A 589 -18.55 -42.93 -16.74
N TYR A 590 -18.63 -43.51 -15.56
CA TYR A 590 -19.70 -44.49 -15.32
C TYR A 590 -20.80 -43.90 -14.45
N ASP A 591 -21.98 -43.78 -15.01
CA ASP A 591 -23.17 -43.25 -14.33
C ASP A 591 -23.80 -44.41 -13.59
N ASP A 592 -23.22 -44.81 -12.47
CA ASP A 592 -23.63 -46.03 -11.75
C ASP A 592 -24.37 -45.75 -10.45
N GLN A 593 -24.70 -44.50 -10.20
CA GLN A 593 -25.47 -44.07 -9.01
C GLN A 593 -26.85 -44.74 -9.00
N LEU A 594 -27.47 -44.82 -7.83
CA LEU A 594 -28.83 -45.40 -7.74
C LEU A 594 -29.85 -44.48 -8.40
N PRO A 595 -31.06 -44.94 -8.76
CA PRO A 595 -32.03 -44.08 -9.42
C PRO A 595 -32.44 -42.88 -8.56
N LEU A 596 -32.81 -41.79 -9.23
CA LEU A 596 -33.16 -40.52 -8.56
C LEU A 596 -34.21 -40.75 -7.49
N SER A 597 -33.92 -40.28 -6.28
CA SER A 597 -34.71 -40.40 -5.04
C SER A 597 -33.89 -39.81 -3.90
N HIS A 598 -34.18 -40.21 -2.67
CA HIS A 598 -33.39 -39.71 -1.51
C HIS A 598 -32.18 -40.60 -1.26
N PHE A 599 -31.97 -41.62 -2.07
CA PHE A 599 -30.83 -42.56 -2.05
C PHE A 599 -30.02 -42.46 -3.32
N GLY A 600 -30.33 -41.53 -4.21
CA GLY A 600 -29.55 -41.54 -5.45
C GLY A 600 -29.84 -40.41 -6.41
N GLY A 601 -29.32 -40.54 -7.61
CA GLY A 601 -29.49 -39.58 -8.71
C GLY A 601 -28.36 -39.68 -9.72
N ASP A 602 -28.62 -40.33 -10.84
CA ASP A 602 -27.61 -40.44 -11.93
C ASP A 602 -27.66 -39.20 -12.79
N ALA A 603 -26.65 -39.02 -13.60
CA ALA A 603 -26.56 -37.88 -14.51
C ALA A 603 -27.70 -37.90 -15.54
N HIS A 604 -28.05 -39.06 -16.07
CA HIS A 604 -29.10 -39.12 -17.11
C HIS A 604 -30.41 -38.59 -16.57
N ALA A 605 -30.77 -38.94 -15.36
CA ALA A 605 -32.07 -38.44 -14.89
C ALA A 605 -31.94 -37.01 -14.45
N LEU A 606 -30.80 -36.64 -13.90
CA LEU A 606 -30.70 -35.29 -13.36
C LEU A 606 -30.53 -34.24 -14.45
N TYR A 607 -29.92 -34.61 -15.57
CA TYR A 607 -29.86 -33.77 -16.75
C TYR A 607 -31.12 -33.90 -17.61
N GLY A 608 -31.88 -34.97 -17.45
CA GLY A 608 -33.15 -35.16 -18.11
C GLY A 608 -32.98 -35.73 -19.50
N VAL A 609 -32.20 -36.79 -19.61
CA VAL A 609 -31.80 -37.34 -20.91
C VAL A 609 -32.67 -38.56 -21.19
N SER A 610 -33.14 -38.65 -22.43
CA SER A 610 -33.96 -39.77 -22.87
C SER A 610 -33.07 -40.91 -23.32
N HIS A 611 -33.36 -42.11 -22.81
CA HIS A 611 -32.52 -43.26 -23.10
C HIS A 611 -32.59 -43.68 -24.55
N GLU A 612 -33.68 -43.36 -25.25
CA GLU A 612 -33.75 -43.66 -26.67
C GLU A 612 -32.92 -42.68 -27.50
N GLU A 613 -33.09 -41.37 -27.24
CA GLU A 613 -32.49 -40.35 -28.10
C GLU A 613 -31.10 -39.91 -27.65
N GLY A 614 -30.70 -40.19 -26.42
CA GLY A 614 -29.41 -39.73 -25.97
C GLY A 614 -29.39 -38.21 -25.79
N ALA A 615 -28.19 -37.64 -25.90
CA ALA A 615 -27.99 -36.20 -25.77
C ALA A 615 -26.51 -35.85 -25.92
N ILE A 616 -26.21 -34.67 -26.45
CA ILE A 616 -24.90 -34.07 -26.36
C ILE A 616 -25.11 -32.74 -25.66
N VAL A 617 -24.77 -32.67 -24.39
CA VAL A 617 -24.86 -31.42 -23.65
C VAL A 617 -23.53 -30.69 -23.79
N VAL A 618 -23.60 -29.38 -24.04
CA VAL A 618 -22.43 -28.54 -24.19
C VAL A 618 -22.31 -27.71 -22.92
N VAL A 619 -21.32 -28.02 -22.12
CA VAL A 619 -21.07 -27.28 -20.90
C VAL A 619 -20.00 -26.26 -21.21
N ARG A 620 -20.22 -25.02 -20.85
CA ARG A 620 -19.23 -24.02 -21.08
C ARG A 620 -18.08 -24.21 -20.13
N PRO A 621 -16.98 -23.51 -20.36
CA PRO A 621 -15.83 -23.61 -19.47
C PRO A 621 -16.15 -23.25 -18.04
N ASP A 622 -17.01 -22.28 -17.80
CA ASP A 622 -17.33 -21.83 -16.45
C ASP A 622 -18.30 -22.72 -15.66
N SER A 623 -18.77 -23.81 -16.23
CA SER A 623 -19.70 -24.78 -15.59
C SER A 623 -21.18 -24.49 -15.86
N TRP A 624 -21.47 -23.48 -16.65
CA TRP A 624 -22.83 -23.19 -17.00
C TRP A 624 -23.17 -23.91 -18.26
N ILE A 625 -24.41 -24.34 -18.36
CA ILE A 625 -24.86 -25.08 -19.53
C ILE A 625 -24.90 -24.14 -20.74
N GLY A 626 -24.41 -24.63 -21.88
CA GLY A 626 -24.36 -23.82 -23.08
C GLY A 626 -25.51 -24.07 -24.02
N THR A 627 -25.71 -25.33 -24.39
CA THR A 627 -26.87 -25.80 -25.14
C THR A 627 -26.89 -27.31 -25.09
N SER A 628 -27.86 -27.92 -25.74
CA SER A 628 -27.95 -29.40 -25.76
C SER A 628 -28.45 -29.87 -27.11
N SER A 629 -28.31 -31.16 -27.38
CA SER A 629 -28.73 -31.72 -28.68
C SER A 629 -28.96 -33.22 -28.52
N THR A 630 -29.80 -33.83 -29.35
CA THR A 630 -29.94 -35.30 -29.34
C THR A 630 -28.80 -35.91 -30.14
N ILE A 631 -28.61 -37.22 -30.05
CA ILE A 631 -27.49 -37.81 -30.82
C ILE A 631 -27.70 -37.59 -32.31
N SER A 632 -28.92 -37.77 -32.79
CA SER A 632 -29.26 -37.58 -34.22
C SER A 632 -28.99 -36.13 -34.64
N ASP A 633 -29.36 -35.16 -33.81
CA ASP A 633 -29.21 -33.71 -34.13
C ASP A 633 -27.81 -33.13 -33.92
N ALA A 634 -26.80 -33.97 -33.70
CA ALA A 634 -25.43 -33.48 -33.42
C ALA A 634 -24.99 -32.47 -34.47
N ARG A 635 -25.64 -32.41 -35.62
CA ARG A 635 -25.21 -31.45 -36.66
C ARG A 635 -25.70 -30.04 -36.32
N SER A 636 -26.71 -29.94 -35.46
CA SER A 636 -27.23 -28.62 -35.05
C SER A 636 -26.14 -27.79 -34.34
N LEU A 637 -25.18 -28.46 -33.71
CA LEU A 637 -24.10 -27.77 -33.00
C LEU A 637 -23.15 -27.08 -33.99
N GLU A 638 -23.20 -27.41 -35.28
CA GLU A 638 -22.30 -26.63 -36.15
C GLU A 638 -22.76 -25.18 -36.15
N SER A 639 -24.06 -24.98 -36.25
CA SER A 639 -24.62 -23.62 -36.26
C SER A 639 -24.37 -22.98 -34.90
N TYR A 640 -24.55 -23.73 -33.83
CA TYR A 640 -24.41 -23.16 -32.47
C TYR A 640 -23.00 -22.62 -32.27
N PHE A 641 -21.98 -23.37 -32.67
CA PHE A 641 -20.60 -22.90 -32.46
C PHE A 641 -20.27 -21.73 -33.39
N ASP A 642 -20.85 -21.70 -34.60
CA ASP A 642 -20.59 -20.58 -35.53
C ASP A 642 -21.04 -19.23 -34.97
N GLY A 643 -22.06 -19.20 -34.13
CA GLY A 643 -22.58 -17.96 -33.53
C GLY A 643 -21.56 -17.21 -32.71
N PHE A 644 -20.62 -17.88 -32.07
CA PHE A 644 -19.61 -17.13 -31.29
C PHE A 644 -18.18 -17.58 -31.58
N LEU A 645 -17.96 -18.55 -32.45
CA LEU A 645 -16.57 -19.02 -32.63
C LEU A 645 -16.13 -19.00 -34.08
N PHE A 646 -14.86 -18.74 -34.33
CA PHE A 646 -14.29 -18.86 -35.69
C PHE A 646 -13.79 -20.27 -35.86
N LYS A 647 -13.73 -20.79 -37.09
CA LYS A 647 -13.23 -22.17 -37.31
C LYS A 647 -11.75 -22.28 -36.93
N SER A 648 -11.36 -23.45 -36.45
CA SER A 648 -9.96 -23.64 -36.01
C SER A 648 -9.57 -25.10 -36.21
N THR A 649 -8.28 -25.37 -36.23
CA THR A 649 -7.88 -26.76 -36.37
C THR A 649 -6.83 -27.07 -35.31
N GLU A 650 -6.88 -28.30 -34.79
CA GLU A 650 -6.06 -28.65 -33.63
C GLU A 650 -4.56 -28.49 -33.87
N GLY A 651 -3.97 -27.49 -33.22
CA GLY A 651 -2.53 -27.24 -33.30
C GLY A 651 -1.95 -27.19 -34.70
N ASN B 6 -25.73 -54.45 -31.17
CA ASN B 6 -25.60 -55.83 -30.70
C ASN B 6 -25.59 -55.90 -29.16
N PHE B 7 -26.37 -55.01 -28.53
CA PHE B 7 -26.53 -54.96 -27.09
C PHE B 7 -27.96 -54.57 -26.77
N GLU B 8 -28.52 -55.16 -25.73
CA GLU B 8 -29.89 -54.84 -25.35
C GLU B 8 -29.98 -53.42 -24.83
N GLY B 9 -31.15 -52.81 -25.04
CA GLY B 9 -31.38 -51.47 -24.55
C GLY B 9 -31.49 -51.41 -23.03
N TYR B 10 -31.26 -50.20 -22.51
CA TYR B 10 -31.22 -49.97 -21.08
C TYR B 10 -32.62 -50.04 -20.48
N VAL B 11 -32.78 -50.87 -19.45
CA VAL B 11 -34.04 -50.98 -18.72
C VAL B 11 -33.85 -50.36 -17.35
N GLU B 12 -34.79 -49.52 -16.96
CA GLU B 12 -34.66 -48.80 -15.70
C GLU B 12 -34.99 -49.72 -14.52
N PRO B 13 -34.22 -49.64 -13.42
CA PRO B 13 -34.38 -50.64 -12.35
C PRO B 13 -35.78 -50.67 -11.75
N GLU B 14 -36.26 -51.89 -11.48
CA GLU B 14 -37.49 -52.12 -10.76
C GLU B 14 -37.38 -51.54 -9.34
N LEU B 15 -38.30 -50.64 -9.01
CA LEU B 15 -38.42 -50.07 -7.67
C LEU B 15 -39.40 -50.90 -6.83
N PHE B 16 -39.05 -51.12 -5.55
CA PHE B 16 -39.86 -51.80 -4.56
C PHE B 16 -39.89 -50.97 -3.29
N GLU B 17 -41.08 -50.73 -2.74
CA GLU B 17 -41.23 -50.03 -1.47
C GLU B 17 -41.44 -51.09 -0.38
N ARG B 18 -40.37 -51.47 0.25
CA ARG B 18 -40.41 -52.51 1.25
C ARG B 18 -41.20 -51.99 2.45
N PRO B 19 -42.23 -52.70 2.92
CA PRO B 19 -42.94 -52.23 4.10
C PRO B 19 -42.02 -52.19 5.32
N GLY B 20 -42.31 -51.28 6.24
CA GLY B 20 -41.51 -51.19 7.47
C GLY B 20 -41.85 -52.32 8.44
N THR B 21 -40.83 -52.82 9.14
CA THR B 21 -41.02 -53.83 10.16
C THR B 21 -40.88 -53.27 11.57
N SER B 22 -40.55 -51.99 11.71
CA SER B 22 -40.47 -51.36 13.02
C SER B 22 -41.88 -51.02 13.52
N LEU B 23 -42.10 -51.15 14.83
CA LEU B 23 -43.40 -50.87 15.41
C LEU B 23 -43.86 -49.47 15.01
N PRO B 24 -45.16 -49.27 14.77
CA PRO B 24 -45.67 -47.95 14.36
C PRO B 24 -45.94 -47.01 15.53
N ASN B 25 -46.14 -45.75 15.18
CA ASN B 25 -46.87 -44.82 16.03
C ASN B 25 -48.30 -44.75 15.49
N LYS B 26 -49.11 -43.83 16.03
CA LYS B 26 -50.51 -43.75 15.61
C LYS B 26 -50.67 -43.41 14.13
N LEU B 27 -49.57 -43.09 13.44
CA LEU B 27 -49.62 -42.76 12.02
C LEU B 27 -48.95 -43.82 11.16
N GLY B 28 -48.27 -44.79 11.76
CA GLY B 28 -47.83 -45.94 11.02
C GLY B 28 -46.34 -46.13 11.07
N VAL B 29 -45.83 -46.81 10.04
CA VAL B 29 -44.44 -47.15 9.87
C VAL B 29 -44.11 -46.94 8.41
N MET B 30 -43.05 -46.17 8.12
CA MET B 30 -42.69 -45.82 6.77
C MET B 30 -42.24 -47.05 5.99
N PRO B 31 -42.57 -47.15 4.70
CA PRO B 31 -41.89 -48.12 3.84
C PRO B 31 -40.50 -47.60 3.51
N GLN B 32 -39.69 -48.42 2.86
CA GLN B 32 -38.31 -48.04 2.58
C GLN B 32 -37.98 -48.32 1.13
N LEU B 33 -37.55 -47.28 0.41
CA LEU B 33 -37.26 -47.44 -1.00
C LEU B 33 -36.08 -48.38 -1.19
N THR B 34 -36.16 -49.25 -2.20
CA THR B 34 -35.07 -50.14 -2.54
C THR B 34 -35.18 -50.50 -4.02
N TRP B 35 -34.15 -51.20 -4.52
CA TRP B 35 -34.11 -51.64 -5.91
C TRP B 35 -33.50 -53.04 -5.93
N PRO B 36 -34.34 -54.08 -5.78
CA PRO B 36 -33.82 -55.45 -5.58
C PRO B 36 -32.79 -55.91 -6.60
N ASN B 37 -32.97 -55.58 -7.89
CA ASN B 37 -32.03 -56.06 -8.90
C ASN B 37 -30.68 -55.37 -8.83
N VAL B 38 -30.63 -54.17 -8.26
CA VAL B 38 -29.37 -53.45 -8.11
C VAL B 38 -28.66 -53.78 -6.80
N LEU B 39 -29.40 -54.13 -5.76
CA LEU B 39 -28.83 -54.15 -4.43
C LEU B 39 -28.77 -55.52 -3.76
N ASN B 40 -29.42 -56.55 -4.30
CA ASN B 40 -29.51 -57.83 -3.59
C ASN B 40 -28.57 -58.92 -4.13
N GLY B 41 -27.52 -58.54 -4.85
CA GLY B 41 -26.47 -59.51 -5.14
C GLY B 41 -26.92 -60.62 -6.09
N THR B 42 -26.62 -61.87 -5.70
CA THR B 42 -26.99 -63.02 -6.52
C THR B 42 -28.46 -63.36 -6.41
N ASN B 43 -29.11 -62.89 -5.34
CA ASN B 43 -30.50 -63.21 -5.01
C ASN B 43 -31.43 -62.18 -5.64
N CYS B 44 -31.49 -62.20 -6.98
CA CYS B 44 -32.44 -61.36 -7.69
C CYS B 44 -32.67 -61.92 -9.09
N GLU B 45 -33.60 -61.30 -9.81
CA GLU B 45 -34.05 -61.83 -11.09
C GLU B 45 -32.99 -61.70 -12.17
N LYS B 46 -32.39 -60.52 -12.33
CA LYS B 46 -31.17 -60.42 -13.13
C LYS B 46 -30.16 -59.56 -12.37
N PRO B 47 -28.99 -60.09 -12.04
CA PRO B 47 -28.05 -59.36 -11.20
C PRO B 47 -27.34 -58.25 -11.97
N ALA B 48 -26.95 -57.23 -11.22
CA ALA B 48 -26.24 -56.07 -11.74
C ALA B 48 -24.86 -56.40 -12.29
N VAL B 49 -24.34 -57.59 -12.04
CA VAL B 49 -23.18 -58.07 -12.78
C VAL B 49 -23.63 -59.28 -13.59
N PRO B 50 -23.67 -59.18 -14.92
CA PRO B 50 -24.22 -60.27 -15.73
C PRO B 50 -23.33 -61.50 -15.69
N ASN B 51 -23.94 -62.65 -15.40
CA ASN B 51 -23.27 -63.94 -15.37
C ASN B 51 -22.05 -63.92 -14.45
N TYR B 52 -22.29 -63.51 -13.21
CA TYR B 52 -21.28 -63.63 -12.17
C TYR B 52 -20.95 -65.10 -11.95
N LYS B 53 -19.71 -65.48 -12.24
CA LYS B 53 -19.26 -66.86 -12.18
C LYS B 53 -18.12 -66.94 -11.16
N PRO B 54 -18.43 -66.93 -9.87
CA PRO B 54 -17.38 -66.80 -8.87
C PRO B 54 -16.53 -68.07 -8.83
N PRO B 55 -15.21 -67.92 -8.75
CA PRO B 55 -14.35 -69.10 -8.73
C PRO B 55 -14.55 -69.92 -7.46
N SER B 56 -14.22 -71.20 -7.55
CA SER B 56 -14.28 -72.07 -6.38
C SER B 56 -13.02 -72.00 -5.54
N LYS B 57 -11.99 -71.31 -6.02
CA LYS B 57 -10.77 -71.10 -5.27
C LYS B 57 -10.40 -69.63 -5.33
N VAL B 58 -10.45 -68.95 -4.19
CA VAL B 58 -10.20 -67.51 -4.09
C VAL B 58 -9.10 -67.28 -3.07
N ASP B 59 -8.51 -66.07 -3.12
CA ASP B 59 -7.53 -65.76 -2.09
C ASP B 59 -8.21 -65.60 -0.73
N VAL B 60 -9.26 -64.78 -0.66
CA VAL B 60 -9.93 -64.44 0.59
C VAL B 60 -11.43 -64.65 0.42
N ILE B 61 -12.06 -65.30 1.41
CA ILE B 61 -13.51 -65.35 1.45
C ILE B 61 -14.00 -64.62 2.70
N ILE B 62 -15.10 -63.90 2.54
CA ILE B 62 -15.63 -62.98 3.54
C ILE B 62 -17.04 -63.42 3.89
N ILE B 63 -17.29 -63.60 5.18
CA ILE B 63 -18.58 -64.06 5.67
C ILE B 63 -19.22 -62.88 6.36
N GLY B 64 -20.28 -62.36 5.78
CA GLY B 64 -20.91 -61.17 6.31
C GLY B 64 -20.63 -60.02 5.38
N ALA B 65 -21.69 -59.36 4.94
CA ALA B 65 -21.59 -58.22 4.04
C ALA B 65 -22.31 -57.04 4.67
N GLY B 66 -22.08 -56.83 5.95
CA GLY B 66 -22.39 -55.59 6.60
C GLY B 66 -21.33 -54.58 6.20
N PRO B 67 -21.43 -53.39 6.78
CA PRO B 67 -20.43 -52.36 6.47
C PRO B 67 -18.99 -52.88 6.54
N VAL B 68 -18.70 -53.78 7.51
CA VAL B 68 -17.31 -54.21 7.74
C VAL B 68 -16.85 -55.17 6.65
N GLY B 69 -17.65 -56.21 6.39
CA GLY B 69 -17.29 -57.11 5.32
C GLY B 69 -17.16 -56.40 3.99
N LEU B 70 -18.16 -55.57 3.64
CA LEU B 70 -18.12 -54.86 2.37
C LEU B 70 -16.89 -53.97 2.27
N THR B 71 -16.56 -53.23 3.34
CA THR B 71 -15.34 -52.44 3.33
C THR B 71 -14.10 -53.30 3.10
N THR B 72 -14.09 -54.51 3.67
CA THR B 72 -12.92 -55.36 3.53
C THR B 72 -12.78 -55.85 2.11
N ALA B 73 -13.89 -56.31 1.52
CA ALA B 73 -13.89 -56.63 0.10
C ALA B 73 -13.41 -55.46 -0.73
N ALA B 74 -13.89 -54.24 -0.42
CA ALA B 74 -13.57 -53.12 -1.29
C ALA B 74 -12.08 -52.78 -1.23
N CYS B 75 -11.46 -52.88 -0.04
CA CYS B 75 -10.03 -52.62 0.01
C CYS B 75 -9.25 -53.71 -0.72
N LEU B 76 -9.66 -54.96 -0.56
CA LEU B 76 -8.94 -56.06 -1.21
C LEU B 76 -9.06 -55.99 -2.73
N LEU B 77 -10.24 -55.62 -3.24
CA LEU B 77 -10.40 -55.52 -4.68
C LEU B 77 -9.55 -54.42 -5.28
N ARG B 78 -9.27 -53.35 -4.52
CA ARG B 78 -8.30 -52.37 -5.00
C ARG B 78 -6.95 -53.02 -5.23
N GLN B 79 -6.64 -54.05 -4.45
CA GLN B 79 -5.34 -54.71 -4.47
C GLN B 79 -5.29 -55.92 -5.39
N GLY B 80 -6.35 -56.20 -6.14
CA GLY B 80 -6.24 -57.36 -7.01
C GLY B 80 -6.32 -58.70 -6.31
N ILE B 81 -6.72 -58.71 -5.04
CA ILE B 81 -7.04 -59.97 -4.39
C ILE B 81 -8.34 -60.50 -4.95
N THR B 82 -8.39 -61.81 -5.18
CA THR B 82 -9.60 -62.47 -5.65
C THR B 82 -10.46 -62.80 -4.45
N VAL B 83 -11.72 -62.37 -4.48
CA VAL B 83 -12.54 -62.36 -3.28
C VAL B 83 -13.95 -62.88 -3.60
N ARG B 84 -14.50 -63.66 -2.66
CA ARG B 84 -15.93 -64.00 -2.62
C ARG B 84 -16.51 -63.57 -1.29
N ILE B 85 -17.67 -62.89 -1.30
CA ILE B 85 -18.28 -62.38 -0.08
C ILE B 85 -19.73 -62.82 0.01
N LEU B 86 -20.10 -63.38 1.16
CA LEU B 86 -21.42 -63.98 1.42
C LEU B 86 -22.15 -63.27 2.56
N ASP B 87 -23.47 -63.37 2.57
CA ASP B 87 -24.27 -62.88 3.69
C ASP B 87 -25.59 -63.64 3.73
N ARG B 88 -25.91 -64.19 4.91
CA ARG B 88 -27.15 -64.93 5.12
C ARG B 88 -28.37 -64.13 4.72
N SER B 89 -28.30 -62.81 4.82
CA SER B 89 -29.51 -62.03 4.74
C SER B 89 -29.92 -61.79 3.28
N PRO B 90 -31.20 -61.90 2.96
CA PRO B 90 -31.64 -61.80 1.55
C PRO B 90 -31.56 -60.41 0.93
N HIS B 91 -31.36 -59.35 1.71
CA HIS B 91 -31.16 -58.02 1.16
C HIS B 91 -30.35 -57.22 2.16
N PRO B 92 -29.78 -56.08 1.74
CA PRO B 92 -29.05 -55.23 2.68
C PRO B 92 -30.00 -54.51 3.63
N LEU B 93 -29.45 -53.77 4.61
CA LEU B 93 -30.24 -53.22 5.71
C LEU B 93 -31.23 -52.17 5.19
N PRO B 94 -32.53 -52.33 5.42
CA PRO B 94 -33.48 -51.37 4.83
C PRO B 94 -33.42 -50.00 5.49
N VAL B 95 -33.18 -49.96 6.80
CA VAL B 95 -33.19 -48.69 7.53
C VAL B 95 -32.66 -48.88 8.95
N GLY B 96 -32.11 -47.83 9.55
CA GLY B 96 -31.83 -47.86 10.98
C GLY B 96 -30.43 -48.32 11.33
N ARG B 97 -30.26 -48.66 12.60
CA ARG B 97 -28.95 -48.97 13.19
C ARG B 97 -28.07 -47.72 13.02
N ALA B 98 -26.83 -47.83 12.56
CA ALA B 98 -25.90 -46.71 12.60
C ALA B 98 -26.33 -45.62 11.63
N ASP B 99 -26.12 -44.36 12.02
CA ASP B 99 -26.57 -43.26 11.15
C ASP B 99 -25.49 -42.22 10.80
N GLY B 100 -24.23 -42.43 11.16
CA GLY B 100 -23.26 -41.36 10.94
C GLY B 100 -21.82 -41.81 10.94
N LEU B 101 -20.97 -40.89 10.45
CA LEU B 101 -19.55 -41.14 10.32
C LEU B 101 -18.78 -40.03 11.01
N GLN B 102 -17.68 -40.41 11.69
CA GLN B 102 -16.75 -39.43 12.24
C GLN B 102 -15.83 -38.87 11.15
N PRO B 103 -15.25 -37.69 11.39
CA PRO B 103 -14.28 -37.13 10.43
C PRO B 103 -13.21 -38.11 9.97
N ARG B 104 -12.74 -38.99 10.86
CA ARG B 104 -11.66 -39.90 10.49
C ARG B 104 -12.14 -41.07 9.63
N SER B 105 -13.40 -41.48 9.79
CA SER B 105 -13.96 -42.45 8.85
C SER B 105 -14.14 -41.83 7.48
N MET B 106 -14.59 -40.56 7.44
CA MET B 106 -14.61 -39.83 6.18
C MET B 106 -13.24 -39.90 5.49
N GLU B 107 -12.17 -39.66 6.24
CA GLU B 107 -10.84 -39.71 5.64
C GLU B 107 -10.56 -41.09 5.07
N VAL B 108 -11.03 -42.15 5.75
CA VAL B 108 -10.79 -43.50 5.28
C VAL B 108 -11.52 -43.74 3.96
N PHE B 109 -12.79 -43.33 3.88
CA PHE B 109 -13.49 -43.41 2.60
C PHE B 109 -12.81 -42.54 1.53
N ASP B 110 -12.40 -41.32 1.88
CA ASP B 110 -11.77 -40.46 0.89
C ASP B 110 -10.52 -41.12 0.31
N LEU B 111 -9.73 -41.80 1.17
CA LEU B 111 -8.50 -42.46 0.71
C LEU B 111 -8.81 -43.61 -0.24
N LEU B 112 -9.92 -44.30 0.00
CA LEU B 112 -10.38 -45.35 -0.90
C LEU B 112 -10.97 -44.82 -2.21
N GLY B 113 -11.08 -43.48 -2.39
CA GLY B 113 -11.74 -42.92 -3.56
C GLY B 113 -13.27 -42.83 -3.46
N LEU B 114 -13.83 -42.93 -2.26
CA LEU B 114 -15.27 -42.97 -2.02
C LEU B 114 -15.73 -41.78 -1.19
N GLY B 115 -14.90 -40.75 -1.13
CA GLY B 115 -15.21 -39.61 -0.28
C GLY B 115 -16.48 -38.91 -0.68
N GLU B 116 -16.75 -38.83 -1.99
CA GLU B 116 -17.93 -38.08 -2.44
C GLU B 116 -19.24 -38.82 -2.20
N GLU B 117 -19.18 -40.15 -2.01
CA GLU B 117 -20.34 -40.95 -1.64
C GLU B 117 -20.73 -40.80 -0.18
N VAL B 118 -19.82 -40.37 0.72
CA VAL B 118 -20.18 -40.21 2.12
C VAL B 118 -20.33 -38.75 2.54
N TYR B 119 -19.82 -37.81 1.76
CA TYR B 119 -20.01 -36.41 2.05
C TYR B 119 -21.28 -35.90 1.37
N HIS B 120 -22.02 -35.05 2.09
CA HIS B 120 -23.25 -34.43 1.61
C HIS B 120 -24.27 -35.51 1.26
N VAL B 121 -24.37 -36.53 2.13
CA VAL B 121 -25.43 -37.51 1.99
C VAL B 121 -26.58 -37.08 2.90
N GLY B 122 -26.28 -36.89 4.19
CA GLY B 122 -27.26 -36.36 5.11
C GLY B 122 -26.86 -35.00 5.64
N ILE B 123 -27.16 -34.72 6.90
CA ILE B 123 -26.81 -33.45 7.51
C ILE B 123 -25.41 -33.51 8.09
N ARG B 124 -24.94 -32.38 8.60
CA ARG B 124 -23.64 -32.27 9.23
C ARG B 124 -23.84 -31.71 10.64
N VAL B 125 -23.16 -32.29 11.60
CA VAL B 125 -23.21 -31.86 12.98
C VAL B 125 -21.90 -31.15 13.32
N GLU B 126 -22.02 -29.87 13.65
CA GLU B 126 -20.91 -29.01 14.01
C GLU B 126 -21.24 -28.21 15.27
N HIS B 127 -22.24 -28.66 16.03
CA HIS B 127 -22.68 -27.94 17.21
C HIS B 127 -23.25 -28.94 18.21
N THR B 128 -23.22 -28.53 19.48
CA THR B 128 -23.73 -29.28 20.60
C THR B 128 -24.62 -28.36 21.45
N THR B 129 -25.66 -28.92 22.05
CA THR B 129 -26.43 -28.20 23.05
C THR B 129 -26.53 -29.08 24.29
N VAL B 130 -26.74 -28.46 25.45
CA VAL B 130 -27.00 -29.21 26.66
C VAL B 130 -28.06 -28.46 27.44
N TYR B 131 -29.15 -29.13 27.75
CA TYR B 131 -30.22 -28.60 28.57
C TYR B 131 -30.32 -29.46 29.80
N LYS B 132 -30.70 -28.84 30.92
CA LYS B 132 -31.03 -29.58 32.12
C LYS B 132 -32.20 -28.88 32.79
N ASP B 133 -33.22 -29.66 33.12
CA ASP B 133 -34.46 -29.17 33.71
C ASP B 133 -34.95 -27.90 33.02
N GLY B 134 -35.05 -27.99 31.69
CA GLY B 134 -35.67 -26.94 30.90
C GLY B 134 -34.81 -25.75 30.60
N LYS B 135 -33.65 -25.63 31.25
CA LYS B 135 -32.79 -24.47 31.08
C LYS B 135 -31.56 -24.86 30.27
N GLN B 136 -31.25 -24.04 29.26
CA GLN B 136 -30.09 -24.27 28.43
C GLN B 136 -28.80 -23.93 29.18
N HIS B 137 -27.79 -24.78 29.04
CA HIS B 137 -26.49 -24.59 29.67
C HIS B 137 -25.36 -24.41 28.68
N ILE B 138 -25.48 -25.00 27.48
CA ILE B 138 -24.40 -25.11 26.51
C ILE B 138 -24.99 -24.96 25.11
N PHE B 139 -24.37 -24.12 24.28
CA PHE B 139 -24.60 -24.18 22.85
C PHE B 139 -23.35 -23.65 22.14
N ALA B 140 -22.60 -24.54 21.51
CA ALA B 140 -21.28 -24.23 20.99
C ALA B 140 -20.93 -25.10 19.78
N GLU B 141 -20.03 -24.59 18.93
CA GLU B 141 -19.33 -25.41 17.95
C GLU B 141 -18.67 -26.60 18.62
N SER B 142 -18.69 -27.76 17.96
CA SER B 142 -18.14 -28.97 18.55
C SER B 142 -17.64 -29.89 17.45
N HIS B 143 -17.02 -31.02 17.84
CA HIS B 143 -16.52 -32.02 16.90
C HIS B 143 -15.60 -31.40 15.86
N GLN B 144 -14.95 -30.31 16.20
CA GLN B 144 -14.11 -29.63 15.22
C GLN B 144 -12.78 -30.37 15.07
N ALA B 145 -12.27 -30.36 13.84
CA ALA B 145 -10.89 -30.67 13.57
C ALA B 145 -10.27 -29.45 12.90
N PRO B 146 -8.99 -29.16 13.14
CA PRO B 146 -8.43 -27.90 12.63
C PRO B 146 -8.14 -27.98 11.14
N GLY B 147 -8.44 -26.88 10.44
CA GLY B 147 -8.42 -26.89 8.99
C GLY B 147 -7.03 -26.91 8.39
N ASN B 148 -6.00 -26.48 9.12
CA ASN B 148 -4.69 -26.54 8.51
C ASN B 148 -4.11 -27.95 8.61
N GLU B 149 -4.85 -28.87 9.25
CA GLU B 149 -4.45 -30.26 9.38
C GLU B 149 -5.47 -31.26 8.86
N ALA B 150 -6.72 -30.85 8.59
CA ALA B 150 -7.78 -31.82 8.28
C ALA B 150 -8.80 -31.21 7.32
N HIS B 151 -9.19 -31.98 6.30
CA HIS B 151 -10.27 -31.57 5.41
C HIS B 151 -11.63 -31.64 6.09
N TYR B 152 -12.08 -32.85 6.42
CA TYR B 152 -13.38 -33.03 7.06
C TYR B 152 -13.36 -32.51 8.50
N THR B 153 -14.52 -32.05 8.93
CA THR B 153 -14.72 -31.61 10.32
C THR B 153 -16.16 -31.97 10.71
N GLY B 154 -16.39 -32.24 11.98
CA GLY B 154 -17.77 -32.51 12.45
C GLY B 154 -18.26 -33.90 12.18
N LEU B 155 -19.53 -34.14 12.45
CA LEU B 155 -20.14 -35.46 12.20
C LEU B 155 -20.90 -35.39 10.89
N HIS B 156 -20.92 -36.49 10.16
CA HIS B 156 -21.59 -36.51 8.85
C HIS B 156 -22.69 -37.56 8.86
N ALA B 157 -23.94 -37.14 8.69
CA ALA B 157 -25.04 -38.12 8.69
C ALA B 157 -24.94 -38.91 7.42
N CYS B 158 -24.77 -40.20 7.54
CA CYS B 158 -24.68 -41.15 6.42
C CYS B 158 -25.00 -42.47 7.08
N THR B 159 -26.13 -43.03 6.73
CA THR B 159 -26.63 -44.21 7.47
C THR B 159 -25.93 -45.49 7.10
N GLN B 160 -26.19 -46.53 7.86
CA GLN B 160 -25.67 -47.85 7.50
C GLN B 160 -26.25 -48.23 6.13
N THR B 161 -27.54 -48.01 5.91
CA THR B 161 -28.18 -48.24 4.62
C THR B 161 -27.43 -47.54 3.49
N GLU B 162 -27.14 -46.25 3.62
CA GLU B 162 -26.44 -45.57 2.53
C GLU B 162 -25.04 -46.13 2.35
N VAL B 163 -24.37 -46.48 3.46
CA VAL B 163 -23.02 -47.03 3.37
C VAL B 163 -23.05 -48.37 2.67
N GLU B 164 -23.94 -49.26 3.08
CA GLU B 164 -24.10 -50.52 2.37
C GLU B 164 -24.42 -50.28 0.89
N HIS B 165 -25.25 -49.25 0.58
CA HIS B 165 -25.54 -48.97 -0.82
C HIS B 165 -24.27 -48.65 -1.58
N LEU B 166 -23.47 -47.74 -1.04
CA LEU B 166 -22.33 -47.26 -1.81
C LEU B 166 -21.24 -48.32 -1.89
N LEU B 167 -21.14 -49.21 -0.88
CA LEU B 167 -20.14 -50.28 -0.95
C LEU B 167 -20.58 -51.40 -1.89
N ILE B 168 -21.87 -51.76 -1.89
CA ILE B 168 -22.37 -52.71 -2.87
C ILE B 168 -22.16 -52.20 -4.29
N ARG B 169 -22.38 -50.90 -4.50
CA ARG B 169 -22.18 -50.38 -5.86
C ARG B 169 -20.70 -50.44 -6.22
N ASP B 170 -19.81 -50.14 -5.26
CA ASP B 170 -18.39 -50.24 -5.55
C ASP B 170 -17.95 -51.68 -5.85
N LEU B 171 -18.57 -52.68 -5.23
CA LEU B 171 -18.24 -54.06 -5.60
C LEU B 171 -18.76 -54.41 -7.00
N ILE B 172 -19.95 -53.92 -7.35
CA ILE B 172 -20.46 -54.11 -8.72
C ILE B 172 -19.48 -53.55 -9.75
N ARG B 173 -18.89 -52.38 -9.46
CA ARG B 173 -17.90 -51.84 -10.39
C ARG B 173 -16.72 -52.78 -10.55
N HIS B 174 -16.42 -53.59 -9.53
CA HIS B 174 -15.33 -54.54 -9.60
C HIS B 174 -15.81 -55.93 -9.97
N ASP B 175 -17.05 -56.04 -10.47
CA ASP B 175 -17.65 -57.30 -10.93
C ASP B 175 -17.78 -58.32 -9.80
N ILE B 176 -17.95 -57.85 -8.57
CA ILE B 176 -18.21 -58.70 -7.42
C ILE B 176 -19.65 -58.45 -6.97
N LEU B 177 -20.37 -59.53 -6.68
CA LEU B 177 -21.69 -59.50 -6.08
C LEU B 177 -21.67 -60.16 -4.71
N VAL B 178 -22.48 -59.66 -3.78
CA VAL B 178 -22.67 -60.41 -2.54
C VAL B 178 -23.53 -61.62 -2.85
N GLU B 179 -23.10 -62.79 -2.36
CA GLU B 179 -23.81 -64.05 -2.59
C GLU B 179 -24.89 -64.19 -1.51
N ARG B 180 -26.14 -63.85 -1.87
CA ARG B 180 -27.29 -63.92 -0.98
C ARG B 180 -28.30 -64.89 -1.54
N PRO B 181 -29.11 -65.52 -0.68
CA PRO B 181 -28.96 -65.44 0.78
C PRO B 181 -28.24 -66.68 1.30
N CYS B 182 -26.91 -66.60 1.37
CA CYS B 182 -26.04 -67.75 1.56
C CYS B 182 -25.38 -67.73 2.94
N THR B 183 -25.43 -68.89 3.61
CA THR B 183 -24.88 -69.08 4.94
C THR B 183 -23.63 -69.96 4.87
N ALA B 184 -22.55 -69.51 5.52
CA ALA B 184 -21.46 -70.41 5.87
C ALA B 184 -21.98 -71.34 6.96
N THR B 185 -22.23 -72.61 6.61
CA THR B 185 -22.70 -73.54 7.61
C THR B 185 -21.53 -74.06 8.45
N SER B 186 -20.46 -74.48 7.78
CA SER B 186 -19.26 -74.96 8.48
C SER B 186 -18.04 -74.60 7.64
N TYR B 187 -16.88 -74.68 8.27
CA TYR B 187 -15.63 -74.55 7.53
C TYR B 187 -14.54 -75.37 8.21
N THR B 188 -13.56 -75.78 7.42
CA THR B 188 -12.41 -76.52 7.92
C THR B 188 -11.13 -75.72 7.69
N PHE B 189 -10.17 -75.88 8.60
CA PHE B 189 -8.87 -75.24 8.50
C PHE B 189 -7.80 -76.29 8.80
N ASP B 190 -7.16 -76.78 7.74
CA ASP B 190 -6.10 -77.77 7.88
C ASP B 190 -4.83 -77.15 8.42
N GLU B 191 -4.68 -77.15 9.75
CA GLU B 191 -3.41 -76.74 10.34
C GLU B 191 -2.30 -77.77 10.14
N GLU B 192 -2.60 -78.92 9.54
CA GLU B 192 -1.61 -79.99 9.40
C GLU B 192 -0.52 -79.61 8.39
N ALA B 193 -0.91 -79.10 7.22
CA ALA B 193 0.01 -79.03 6.10
C ALA B 193 0.55 -77.61 5.86
N SER B 196 3.42 -77.70 2.29
CA SER B 196 2.53 -76.57 2.51
C SER B 196 1.60 -76.31 1.32
N VAL B 197 0.31 -76.40 1.62
CA VAL B 197 -0.77 -76.08 0.70
C VAL B 197 -0.91 -74.55 0.58
N THR B 198 -1.43 -74.10 -0.56
CA THR B 198 -1.77 -72.68 -0.66
C THR B 198 -3.10 -72.39 0.02
N HIS B 199 -4.05 -73.31 -0.09
CA HIS B 199 -5.44 -73.09 0.28
C HIS B 199 -5.85 -74.07 1.37
N PRO B 200 -5.51 -73.80 2.62
CA PRO B 200 -5.83 -74.72 3.72
C PRO B 200 -7.19 -74.53 4.35
N ILE B 201 -8.05 -73.67 3.80
CA ILE B 201 -9.39 -73.43 4.32
C ILE B 201 -10.40 -73.89 3.29
N THR B 202 -11.43 -74.59 3.74
CA THR B 202 -12.60 -74.86 2.95
C THR B 202 -13.82 -74.39 3.72
N VAL B 203 -14.73 -73.74 3.03
CA VAL B 203 -15.97 -73.25 3.61
C VAL B 203 -17.11 -73.96 2.92
N ASN B 204 -18.05 -74.42 3.73
CA ASN B 204 -19.25 -75.12 3.27
C ASN B 204 -20.40 -74.12 3.25
N ILE B 205 -21.05 -74.00 2.09
CA ILE B 205 -22.05 -72.94 1.88
C ILE B 205 -23.37 -73.55 1.43
N THR B 206 -24.45 -73.10 2.05
CA THR B 206 -25.79 -73.46 1.63
C THR B 206 -26.54 -72.18 1.30
N ASN B 207 -26.99 -72.06 0.05
CA ASN B 207 -27.99 -71.07 -0.33
C ASN B 207 -29.33 -71.47 0.30
N GLU B 208 -29.95 -70.54 1.03
CA GLU B 208 -31.21 -70.83 1.70
C GLU B 208 -32.42 -70.41 0.89
N ALA B 209 -32.21 -70.00 -0.35
CA ALA B 209 -33.33 -69.87 -1.27
C ALA B 209 -33.54 -71.17 -2.06
N THR B 210 -32.49 -71.67 -2.69
CA THR B 210 -32.57 -72.80 -3.61
C THR B 210 -31.97 -74.09 -3.07
N GLY B 211 -31.40 -74.07 -1.86
CA GLY B 211 -30.87 -75.28 -1.24
C GLY B 211 -29.62 -75.85 -1.86
N ALA B 212 -29.12 -75.26 -2.96
CA ALA B 212 -27.87 -75.73 -3.58
C ALA B 212 -26.68 -75.50 -2.66
N GLU B 213 -25.95 -76.56 -2.35
CA GLU B 213 -24.75 -76.50 -1.54
C GLU B 213 -23.52 -76.31 -2.42
N GLU B 214 -22.41 -75.90 -1.80
CA GLU B 214 -21.18 -75.63 -2.54
C GLU B 214 -20.04 -75.58 -1.54
N VAL B 215 -18.84 -75.92 -2.04
CA VAL B 215 -17.61 -75.85 -1.25
C VAL B 215 -16.70 -74.81 -1.89
N VAL B 216 -16.07 -73.99 -1.07
CA VAL B 216 -15.13 -72.98 -1.57
C VAL B 216 -13.82 -73.18 -0.83
N THR B 217 -12.71 -73.02 -1.55
CA THR B 217 -11.38 -73.12 -0.97
C THR B 217 -10.73 -71.74 -0.95
N ALA B 218 -10.07 -71.40 0.14
CA ALA B 218 -9.51 -70.06 0.33
C ALA B 218 -8.17 -70.11 1.05
N ARG B 219 -7.33 -69.11 0.74
CA ARG B 219 -6.10 -68.92 1.51
C ARG B 219 -6.37 -68.32 2.87
N PHE B 220 -7.35 -67.42 2.97
CA PHE B 220 -7.62 -66.71 4.21
C PHE B 220 -9.12 -66.54 4.37
N LEU B 221 -9.57 -66.49 5.62
CA LEU B 221 -10.98 -66.36 5.98
C LEU B 221 -11.16 -65.12 6.82
N VAL B 222 -12.22 -64.36 6.52
CA VAL B 222 -12.55 -63.15 7.27
C VAL B 222 -13.92 -63.31 7.87
N GLY B 223 -13.98 -63.30 9.21
CA GLY B 223 -15.22 -63.39 9.93
C GLY B 223 -15.78 -62.03 10.27
N SER B 224 -16.58 -61.50 9.38
CA SER B 224 -17.30 -60.24 9.62
C SER B 224 -18.77 -60.63 9.70
N ASP B 225 -19.06 -61.67 10.46
CA ASP B 225 -20.42 -62.25 10.51
C ASP B 225 -21.26 -61.66 11.63
N GLY B 226 -20.80 -60.59 12.26
CA GLY B 226 -21.64 -59.92 13.26
C GLY B 226 -21.42 -60.34 14.68
N ALA B 227 -22.28 -59.87 15.56
CA ALA B 227 -22.19 -60.02 17.02
C ALA B 227 -22.21 -61.48 17.45
N HIS B 228 -23.06 -62.30 16.84
CA HIS B 228 -23.12 -63.75 17.15
C HIS B 228 -22.28 -64.51 16.15
N SER B 229 -21.06 -64.09 15.90
CA SER B 229 -20.26 -64.71 14.83
C SER B 229 -20.08 -66.21 15.06
N MET B 230 -20.43 -67.00 14.05
CA MET B 230 -20.23 -68.45 14.09
C MET B 230 -18.72 -68.66 14.04
N ILE B 231 -18.04 -67.89 13.23
CA ILE B 231 -16.57 -68.03 13.10
C ILE B 231 -15.88 -67.81 14.44
N ARG B 232 -16.26 -66.78 15.20
CA ARG B 232 -15.58 -66.54 16.48
C ARG B 232 -15.81 -67.70 17.43
N LYS B 233 -17.05 -68.21 17.45
CA LYS B 233 -17.43 -69.31 18.34
C LYS B 233 -16.63 -70.58 18.03
N SER B 234 -16.38 -70.85 16.76
CA SER B 234 -15.64 -72.05 16.31
C SER B 234 -14.21 -72.04 16.84
N LEU B 235 -13.64 -70.84 16.93
CA LEU B 235 -12.28 -70.66 17.41
C LEU B 235 -12.25 -70.62 18.94
N PRO B 236 -11.11 -71.04 19.56
CA PRO B 236 -10.99 -70.94 21.04
C PRO B 236 -10.68 -69.51 21.47
N ILE B 237 -11.63 -68.64 21.21
CA ILE B 237 -11.51 -67.22 21.43
C ILE B 237 -12.66 -66.80 22.32
N GLU B 238 -12.37 -66.04 23.37
CA GLU B 238 -13.40 -65.63 24.30
CA GLU B 238 -13.39 -65.62 24.31
C GLU B 238 -13.95 -64.25 23.92
N PHE B 239 -15.11 -63.93 24.50
CA PHE B 239 -15.89 -62.74 24.18
C PHE B 239 -16.47 -62.17 25.47
N PRO B 240 -15.62 -61.65 26.36
CA PRO B 240 -16.08 -61.19 27.67
C PRO B 240 -16.71 -59.80 27.62
N GLY B 241 -17.31 -59.42 28.74
CA GLY B 241 -17.94 -58.11 28.90
C GLY B 241 -19.16 -58.19 29.79
N VAL B 242 -19.75 -57.05 30.15
CA VAL B 242 -20.89 -57.04 31.07
C VAL B 242 -22.15 -56.62 30.32
N LYS B 243 -23.27 -57.29 30.61
CA LYS B 243 -24.60 -56.90 30.06
C LYS B 243 -25.34 -56.11 31.15
N THR B 244 -25.28 -54.79 31.07
CA THR B 244 -25.86 -53.86 32.05
C THR B 244 -27.35 -54.10 32.28
N ASP B 245 -28.06 -54.57 31.26
CA ASP B 245 -29.51 -54.46 31.19
C ASP B 245 -29.98 -53.06 31.56
N LEU B 246 -29.20 -52.06 31.13
CA LEU B 246 -29.66 -50.70 30.90
C LEU B 246 -30.26 -50.63 29.51
N HIS B 247 -31.31 -49.83 29.36
CA HIS B 247 -32.05 -49.87 28.11
C HIS B 247 -32.24 -48.49 27.51
N TRP B 248 -31.97 -48.39 26.20
CA TRP B 248 -32.18 -47.20 25.41
C TRP B 248 -33.40 -47.39 24.52
N GLY B 249 -34.29 -46.40 24.50
CA GLY B 249 -35.34 -46.33 23.51
C GLY B 249 -34.95 -45.36 22.41
N ILE B 250 -34.96 -45.84 21.18
CA ILE B 250 -34.47 -45.12 20.00
C ILE B 250 -35.60 -44.96 18.99
N VAL B 251 -35.74 -43.76 18.45
CA VAL B 251 -36.79 -43.50 17.47
C VAL B 251 -36.29 -42.48 16.45
N ASP B 252 -36.42 -42.81 15.17
CA ASP B 252 -36.13 -41.93 14.04
C ASP B 252 -37.47 -41.52 13.45
N ALA B 253 -37.75 -40.23 13.48
CA ALA B 253 -39.01 -39.72 12.91
C ALA B 253 -38.94 -38.21 12.75
N VAL B 254 -39.71 -37.70 11.78
CA VAL B 254 -40.01 -36.30 11.74
C VAL B 254 -40.80 -35.93 12.98
N ILE B 255 -40.23 -35.07 13.84
CA ILE B 255 -40.82 -34.70 15.12
C ILE B 255 -40.90 -33.18 15.21
N ASN B 256 -42.10 -32.67 15.52
CA ASN B 256 -42.32 -31.25 15.76
C ASN B 256 -42.13 -30.94 17.24
N SER B 257 -41.61 -29.74 17.50
CA SER B 257 -41.32 -29.38 18.88
C SER B 257 -41.10 -27.88 18.92
N ASP B 258 -41.40 -27.29 20.06
CA ASP B 258 -41.03 -25.90 20.30
C ASP B 258 -39.69 -25.80 21.01
N PHE B 259 -38.93 -26.88 21.04
CA PHE B 259 -37.57 -26.86 21.56
C PHE B 259 -36.77 -25.79 20.84
N PRO B 260 -36.13 -24.85 21.56
CA PRO B 260 -35.50 -23.71 20.88
C PRO B 260 -34.36 -24.09 19.98
N HIS B 261 -33.82 -25.31 20.10
CA HIS B 261 -32.67 -25.72 19.29
C HIS B 261 -32.99 -26.89 18.36
N ARG B 262 -34.25 -27.01 17.92
CA ARG B 262 -34.69 -28.13 17.09
C ARG B 262 -34.12 -28.03 15.69
N TRP B 263 -33.29 -29.01 15.27
CA TRP B 263 -32.67 -30.05 16.10
C TRP B 263 -31.16 -29.90 16.08
N THR B 264 -30.54 -29.93 17.25
CA THR B 264 -29.10 -29.78 17.42
C THR B 264 -28.60 -30.93 18.28
N PHE B 265 -27.51 -31.55 17.85
CA PHE B 265 -26.89 -32.60 18.63
C PHE B 265 -26.72 -32.18 20.08
N GLY B 266 -26.92 -33.12 21.00
CA GLY B 266 -26.73 -32.80 22.40
C GLY B 266 -27.52 -33.72 23.31
N THR B 267 -27.74 -33.22 24.52
CA THR B 267 -28.27 -33.96 25.65
C THR B 267 -29.30 -33.09 26.35
N VAL B 268 -30.45 -33.67 26.68
CA VAL B 268 -31.46 -32.95 27.49
C VAL B 268 -31.61 -33.74 28.79
N LEU B 269 -31.39 -33.09 29.94
CA LEU B 269 -31.44 -33.74 31.26
C LEU B 269 -32.69 -33.29 32.00
N ASN B 270 -33.26 -34.23 32.77
CA ASN B 270 -34.39 -33.99 33.68
C ASN B 270 -34.03 -34.77 34.95
N SER B 271 -34.08 -34.12 36.11
CA SER B 271 -33.63 -34.77 37.33
C SER B 271 -34.53 -35.93 37.72
N GLU B 272 -35.85 -35.72 37.61
CA GLU B 272 -36.81 -36.77 37.95
C GLU B 272 -36.77 -37.92 36.93
N TYR B 273 -36.72 -37.59 35.63
CA TYR B 273 -37.06 -38.53 34.57
C TYR B 273 -35.87 -38.99 33.72
N GLY B 274 -34.64 -38.78 34.17
CA GLY B 274 -33.49 -39.22 33.38
C GLY B 274 -33.07 -38.29 32.26
N GLY B 275 -32.67 -38.84 31.11
CA GLY B 275 -32.11 -38.01 30.06
C GLY B 275 -32.42 -38.46 28.65
N CYS B 276 -32.14 -37.55 27.71
CA CYS B 276 -32.31 -37.77 26.27
C CYS B 276 -31.08 -37.32 25.49
N LEU B 277 -30.67 -38.11 24.51
CA LEU B 277 -29.65 -37.76 23.54
C LEU B 277 -30.29 -37.43 22.18
N ILE B 278 -29.92 -36.30 21.60
CA ILE B 278 -30.45 -35.88 20.30
C ILE B 278 -29.42 -36.11 19.21
N ILE B 279 -29.88 -36.53 18.04
CA ILE B 279 -29.04 -36.69 16.85
C ILE B 279 -29.85 -36.22 15.63
N PRO B 280 -29.49 -35.10 14.98
CA PRO B 280 -30.21 -34.66 13.78
C PRO B 280 -30.00 -35.59 12.61
N ARG B 281 -31.00 -35.64 11.73
CA ARG B 281 -30.94 -36.55 10.60
C ARG B 281 -31.41 -35.84 9.33
N GLU B 282 -31.20 -36.52 8.21
CA GLU B 282 -31.64 -36.13 6.89
C GLU B 282 -33.17 -36.01 6.84
N ARG B 283 -33.66 -35.36 5.78
CA ARG B 283 -35.08 -35.31 5.41
C ARG B 283 -35.96 -34.83 6.57
N ASN B 284 -35.37 -34.00 7.43
CA ASN B 284 -36.03 -33.34 8.57
C ASN B 284 -36.39 -34.31 9.67
N MET B 285 -35.75 -35.47 9.69
CA MET B 285 -35.96 -36.38 10.80
C MET B 285 -35.08 -35.96 11.98
N VAL B 286 -35.18 -36.73 13.06
CA VAL B 286 -34.28 -36.62 14.20
C VAL B 286 -34.23 -38.00 14.83
N ARG B 287 -33.12 -38.31 15.50
CA ARG B 287 -32.98 -39.54 16.27
C ARG B 287 -32.90 -39.17 17.74
N LEU B 288 -33.77 -39.78 18.55
CA LEU B 288 -33.77 -39.54 19.97
C LEU B 288 -33.48 -40.85 20.69
N TYR B 289 -32.39 -40.87 21.45
CA TYR B 289 -32.18 -41.88 22.47
C TYR B 289 -32.81 -41.38 23.75
N VAL B 290 -33.47 -42.27 24.50
CA VAL B 290 -34.05 -41.93 25.79
C VAL B 290 -33.89 -43.11 26.71
N GLN B 291 -33.61 -42.86 27.98
CA GLN B 291 -33.43 -43.98 28.89
C GLN B 291 -34.76 -44.52 29.37
N LEU B 292 -34.85 -45.84 29.38
CA LEU B 292 -36.00 -46.56 29.89
C LEU B 292 -35.51 -47.44 31.03
N ARG B 293 -36.18 -47.36 32.16
CA ARG B 293 -35.71 -48.08 33.34
C ARG B 293 -36.76 -49.06 33.81
N ALA B 294 -36.31 -50.25 34.19
CA ALA B 294 -37.21 -51.31 34.64
C ALA B 294 -37.76 -50.99 36.02
N GLU B 295 -39.02 -51.32 36.24
CA GLU B 295 -39.69 -50.99 37.49
C GLU B 295 -39.09 -51.82 38.63
N PRO B 296 -39.30 -51.41 39.89
CA PRO B 296 -38.56 -52.03 41.01
C PRO B 296 -38.83 -53.52 41.13
N GLY B 297 -37.75 -54.29 41.24
CA GLY B 297 -37.84 -55.73 41.34
C GLY B 297 -37.94 -56.39 39.98
N LYS B 298 -38.98 -56.02 39.23
CA LYS B 298 -39.28 -56.64 37.93
C LYS B 298 -38.14 -56.42 36.94
N ALA B 299 -37.89 -57.42 36.08
CA ALA B 299 -36.98 -57.23 34.97
C ALA B 299 -37.53 -56.19 33.99
N PHE B 300 -36.69 -55.80 33.03
CA PHE B 300 -37.14 -54.86 32.02
C PHE B 300 -38.18 -55.51 31.10
N ASP B 301 -39.29 -54.81 30.86
CA ASP B 301 -40.41 -55.33 30.07
C ASP B 301 -40.54 -54.58 28.74
N HIS B 302 -39.88 -55.12 27.69
CA HIS B 302 -39.97 -54.55 26.34
C HIS B 302 -41.40 -54.36 25.88
N SER B 303 -42.29 -55.26 26.27
CA SER B 303 -43.70 -55.20 25.87
C SER B 303 -44.34 -53.85 26.15
N LYS B 304 -43.80 -53.09 27.11
CA LYS B 304 -44.47 -51.89 27.61
C LYS B 304 -44.19 -50.63 26.79
N TRP B 305 -43.13 -50.63 25.97
CA TRP B 305 -42.60 -49.42 25.34
C TRP B 305 -42.71 -49.49 23.82
N GLY B 306 -43.63 -48.74 23.25
CA GLY B 306 -43.66 -48.53 21.82
C GLY B 306 -43.28 -47.10 21.50
N PRO B 307 -43.31 -46.73 20.20
CA PRO B 307 -43.07 -45.33 19.85
C PRO B 307 -43.90 -44.34 20.64
N GLU B 308 -45.20 -44.61 20.83
CA GLU B 308 -46.07 -43.66 21.52
C GLU B 308 -45.67 -43.50 22.98
N GLU B 309 -45.31 -44.60 23.64
CA GLU B 309 -44.89 -44.53 25.04
C GLU B 309 -43.58 -43.75 25.19
N ILE B 310 -42.62 -44.02 24.30
CA ILE B 310 -41.34 -43.29 24.29
C ILE B 310 -41.56 -41.79 24.20
N LEU B 311 -42.53 -41.38 23.37
CA LEU B 311 -42.77 -39.95 23.20
C LEU B 311 -43.30 -39.31 24.48
N VAL B 312 -44.04 -40.05 25.29
CA VAL B 312 -44.48 -39.50 26.57
C VAL B 312 -43.30 -39.28 27.51
N ILE B 313 -42.34 -40.21 27.53
CA ILE B 313 -41.15 -39.99 28.34
C ILE B 313 -40.35 -38.80 27.81
N LEU B 314 -40.25 -38.67 26.49
CA LEU B 314 -39.54 -37.54 25.89
C LEU B 314 -40.15 -36.20 26.28
N ASN B 315 -41.49 -36.11 26.29
CA ASN B 315 -42.14 -34.87 26.71
C ASN B 315 -41.96 -34.61 28.21
N LYS B 316 -41.73 -35.65 29.01
CA LYS B 316 -41.40 -35.42 30.42
C LYS B 316 -39.97 -34.94 30.56
N VAL B 317 -39.07 -35.43 29.71
CA VAL B 317 -37.66 -35.07 29.79
C VAL B 317 -37.42 -33.67 29.26
N PHE B 318 -38.16 -33.29 28.21
CA PHE B 318 -37.95 -31.97 27.55
C PHE B 318 -38.82 -30.86 28.15
N ALA B 319 -39.50 -31.09 29.26
CA ALA B 319 -40.43 -30.07 29.81
C ALA B 319 -39.67 -28.77 30.09
N PRO B 320 -40.22 -27.57 29.80
CA PRO B 320 -41.59 -27.39 29.32
C PRO B 320 -41.86 -27.38 27.81
N TYR B 321 -40.85 -27.65 27.01
CA TYR B 321 -41.03 -27.81 25.57
C TYR B 321 -41.63 -29.19 25.28
N THR B 322 -42.50 -29.22 24.28
CA THR B 322 -43.24 -30.48 23.98
C THR B 322 -42.86 -31.05 22.62
N LEU B 323 -43.13 -32.33 22.41
CA LEU B 323 -42.79 -33.02 21.16
C LEU B 323 -44.01 -33.77 20.66
N SER B 324 -44.14 -33.90 19.35
CA SER B 324 -45.28 -34.64 18.75
C SER B 324 -44.86 -35.13 17.38
N TYR B 325 -45.25 -36.36 17.03
CA TYR B 325 -44.96 -36.90 15.71
C TYR B 325 -45.75 -36.17 14.62
N ALA B 326 -45.05 -35.77 13.56
CA ALA B 326 -45.67 -35.21 12.36
C ALA B 326 -45.80 -36.22 11.24
N GLU B 327 -45.16 -37.38 11.33
CA GLU B 327 -45.13 -38.35 10.25
C GLU B 327 -45.09 -39.74 10.86
N PRO B 328 -45.28 -40.78 10.06
CA PRO B 328 -45.13 -42.13 10.59
C PRO B 328 -43.67 -42.44 10.92
N VAL B 329 -43.48 -43.35 11.87
CA VAL B 329 -42.14 -43.65 12.34
C VAL B 329 -41.27 -44.16 11.19
N ASP B 330 -40.05 -43.66 11.12
CA ASP B 330 -39.09 -44.23 10.17
C ASP B 330 -38.36 -45.43 10.77
N TRP B 331 -38.09 -45.43 12.08
CA TRP B 331 -37.39 -46.54 12.73
C TRP B 331 -37.55 -46.46 14.24
N TYR B 332 -37.52 -47.63 14.89
CA TYR B 332 -37.71 -47.73 16.33
C TYR B 332 -37.17 -49.07 16.82
N THR B 333 -36.62 -49.07 18.04
CA THR B 333 -36.06 -50.27 18.65
C THR B 333 -35.76 -49.96 20.11
N ILE B 334 -35.49 -51.02 20.88
CA ILE B 334 -34.99 -50.88 22.23
C ILE B 334 -33.66 -51.63 22.29
N LEU B 335 -32.59 -50.88 22.47
CA LEU B 335 -31.26 -51.46 22.59
C LEU B 335 -30.91 -51.69 24.05
N THR B 336 -30.40 -52.87 24.35
CA THR B 336 -29.82 -53.16 25.64
C THR B 336 -28.30 -53.02 25.50
N ILE B 337 -27.69 -52.18 26.33
CA ILE B 337 -26.26 -51.91 26.19
C ILE B 337 -25.48 -53.06 26.81
N ASN B 338 -24.57 -53.61 26.02
CA ASN B 338 -23.81 -54.79 26.37
C ASN B 338 -22.53 -54.66 25.58
N GLU B 339 -21.40 -54.45 26.28
CA GLU B 339 -20.16 -54.09 25.63
C GLU B 339 -19.17 -55.21 25.86
N ARG B 340 -18.65 -55.77 24.77
CA ARG B 340 -17.83 -56.97 24.80
C ARG B 340 -16.70 -56.85 23.78
N VAL B 341 -15.61 -57.59 24.02
CA VAL B 341 -14.43 -57.55 23.15
C VAL B 341 -13.81 -58.95 23.13
N ALA B 342 -13.45 -59.44 21.95
CA ALA B 342 -12.79 -60.73 21.87
C ALA B 342 -11.42 -60.68 22.54
N THR B 343 -11.04 -61.78 23.19
CA THR B 343 -9.71 -61.84 23.78
C THR B 343 -8.63 -61.82 22.70
N SER B 344 -8.98 -62.19 21.46
CA SER B 344 -8.07 -62.12 20.32
C SER B 344 -8.86 -61.86 19.05
N PHE B 345 -8.21 -61.22 18.06
CA PHE B 345 -8.87 -60.88 16.80
C PHE B 345 -8.34 -61.66 15.61
N THR B 346 -7.20 -62.34 15.74
CA THR B 346 -6.66 -63.15 14.66
C THR B 346 -6.42 -64.56 15.17
N TYR B 347 -6.24 -65.49 14.24
CA TYR B 347 -6.02 -66.90 14.57
C TYR B 347 -5.02 -67.49 13.59
N LYS B 348 -3.77 -67.62 14.02
CA LYS B 348 -2.71 -68.29 13.26
C LYS B 348 -2.54 -67.67 11.88
N ASP B 349 -2.87 -66.39 11.77
CA ASP B 349 -2.74 -65.61 10.53
C ASP B 349 -3.37 -66.33 9.34
N ARG B 350 -4.56 -66.87 9.56
CA ARG B 350 -5.37 -67.46 8.50
C ARG B 350 -6.86 -67.19 8.64
N ILE B 351 -7.36 -66.96 9.85
CA ILE B 351 -8.75 -66.54 10.07
C ILE B 351 -8.69 -65.23 10.84
N PHE B 352 -9.46 -64.24 10.38
CA PHE B 352 -9.41 -62.92 10.98
C PHE B 352 -10.82 -62.45 11.26
N LEU B 353 -11.03 -61.83 12.41
CA LEU B 353 -12.29 -61.23 12.75
C LEU B 353 -12.19 -59.71 12.59
N ALA B 354 -13.30 -59.10 12.16
CA ALA B 354 -13.42 -57.66 12.06
C ALA B 354 -14.88 -57.32 12.27
N GLY B 355 -15.12 -56.17 12.90
CA GLY B 355 -16.45 -55.62 13.08
C GLY B 355 -17.10 -56.09 14.37
N ASP B 356 -18.43 -56.26 14.36
CA ASP B 356 -19.14 -56.64 15.58
C ASP B 356 -18.79 -58.06 16.05
N SER B 357 -18.13 -58.84 15.21
CA SER B 357 -17.71 -60.17 15.67
C SER B 357 -16.54 -60.04 16.63
N CYS B 358 -15.86 -58.89 16.65
CA CYS B 358 -14.71 -58.68 17.50
C CYS B 358 -15.08 -57.87 18.70
N HIS B 359 -16.03 -56.96 18.54
CA HIS B 359 -16.38 -56.04 19.64
C HIS B 359 -17.75 -55.46 19.38
N VAL B 360 -18.51 -55.23 20.45
CA VAL B 360 -19.86 -54.68 20.38
C VAL B 360 -19.92 -53.55 21.39
N HIS B 361 -20.58 -52.45 21.02
CA HIS B 361 -20.63 -51.27 21.86
C HIS B 361 -22.07 -50.81 22.04
N SER B 362 -22.28 -50.05 23.10
CA SER B 362 -23.38 -49.11 23.19
C SER B 362 -23.55 -48.39 21.85
N ALA B 363 -24.70 -48.59 21.19
CA ALA B 363 -25.04 -47.78 20.02
C ALA B 363 -24.89 -46.30 20.30
N LYS B 364 -25.33 -45.86 21.50
CA LYS B 364 -25.30 -44.45 21.91
C LYS B 364 -23.99 -43.78 21.54
N GLY B 365 -22.85 -44.43 21.84
CA GLY B 365 -21.53 -43.93 21.48
C GLY B 365 -21.25 -43.90 19.98
N ALA B 366 -22.07 -44.57 19.16
CA ALA B 366 -21.88 -44.64 17.71
C ALA B 366 -20.49 -45.14 17.33
N PHE B 367 -19.96 -46.09 18.12
CA PHE B 367 -18.67 -46.68 17.84
C PHE B 367 -18.73 -47.77 16.77
N GLY B 368 -19.84 -48.51 16.72
CA GLY B 368 -19.87 -49.76 15.98
C GLY B 368 -19.48 -49.61 14.52
N MET B 369 -20.13 -48.70 13.81
CA MET B 369 -19.82 -48.58 12.40
C MET B 369 -18.48 -47.87 12.16
N ASN B 370 -18.14 -46.86 12.95
CA ASN B 370 -16.89 -46.16 12.67
C ASN B 370 -15.68 -47.03 13.00
N THR B 371 -15.68 -47.71 14.16
CA THR B 371 -14.54 -48.56 14.44
C THR B 371 -14.52 -49.74 13.49
N GLY B 372 -15.68 -50.22 13.09
CA GLY B 372 -15.74 -51.38 12.21
C GLY B 372 -15.12 -51.10 10.86
N VAL B 373 -15.46 -49.94 10.27
CA VAL B 373 -14.85 -49.58 9.00
C VAL B 373 -13.34 -49.43 9.19
N MET B 374 -12.92 -48.85 10.31
CA MET B 374 -11.48 -48.67 10.50
C MET B 374 -10.77 -50.01 10.72
N ASP B 375 -11.37 -50.94 11.49
CA ASP B 375 -10.84 -52.30 11.55
C ASP B 375 -10.65 -52.86 10.16
N ALA B 376 -11.72 -52.79 9.34
CA ALA B 376 -11.68 -53.38 8.01
C ALA B 376 -10.55 -52.76 7.20
N HIS B 377 -10.46 -51.42 7.26
CA HIS B 377 -9.37 -50.68 6.63
C HIS B 377 -8.01 -51.20 7.11
N ASN B 378 -7.83 -51.23 8.44
CA ASN B 378 -6.60 -51.73 9.05
C ASN B 378 -6.29 -53.16 8.58
N LEU B 379 -7.27 -54.05 8.67
CA LEU B 379 -7.05 -55.44 8.28
C LEU B 379 -6.66 -55.57 6.82
N ALA B 380 -7.35 -54.84 5.94
CA ALA B 380 -7.31 -55.19 4.53
C ALA B 380 -5.95 -54.90 3.90
N TRP B 381 -5.28 -53.85 4.35
CA TRP B 381 -4.02 -53.62 3.67
C TRP B 381 -2.95 -54.59 4.14
N LYS B 382 -2.92 -54.92 5.44
CA LYS B 382 -2.01 -55.96 5.94
C LYS B 382 -2.30 -57.30 5.30
N LEU B 383 -3.58 -57.68 5.21
CA LEU B 383 -3.91 -58.96 4.60
C LEU B 383 -3.47 -59.02 3.15
N ALA B 384 -3.44 -57.88 2.48
CA ALA B 384 -3.12 -57.88 1.05
C ALA B 384 -1.64 -58.19 0.85
N MET B 385 -0.78 -57.54 1.63
CA MET B 385 0.63 -57.87 1.61
C MET B 385 0.89 -59.33 2.00
N LEU B 386 0.04 -59.90 2.86
CA LEU B 386 0.16 -61.33 3.16
C LEU B 386 -0.09 -62.19 1.91
N CYS B 387 -1.10 -61.83 1.10
CA CYS B 387 -1.33 -62.55 -0.15
C CYS B 387 -0.16 -62.37 -1.11
N ARG B 388 0.46 -61.20 -1.12
CA ARG B 388 1.59 -60.95 -2.01
C ARG B 388 2.84 -61.73 -1.58
N GLY B 389 2.87 -62.18 -0.33
CA GLY B 389 3.98 -62.92 0.22
C GLY B 389 4.88 -62.10 1.11
N ILE B 390 4.83 -60.77 1.03
CA ILE B 390 5.83 -59.92 1.66
C ILE B 390 5.57 -59.66 3.14
N ALA B 391 4.52 -60.23 3.72
CA ALA B 391 4.14 -59.93 5.09
C ALA B 391 4.74 -60.95 6.06
N LYS B 392 5.58 -60.48 6.98
CA LYS B 392 6.01 -61.28 8.11
C LYS B 392 4.90 -61.33 9.16
N PRO B 393 4.83 -62.41 9.95
CA PRO B 393 3.74 -62.55 10.96
C PRO B 393 3.57 -61.32 11.86
N SER B 394 4.64 -60.54 12.04
CA SER B 394 4.61 -59.38 12.93
C SER B 394 3.53 -58.37 12.56
N LEU B 395 3.15 -58.33 11.27
CA LEU B 395 2.26 -57.28 10.81
C LEU B 395 0.80 -57.62 11.10
N LEU B 396 0.43 -58.88 10.90
CA LEU B 396 -0.96 -59.26 11.22
C LEU B 396 -1.12 -59.31 12.74
N ALA B 397 -0.03 -59.54 13.45
CA ALA B 397 -0.05 -59.32 14.89
C ALA B 397 -0.47 -57.89 15.21
N SER B 398 0.05 -56.91 14.47
CA SER B 398 -0.29 -55.52 14.75
C SER B 398 -1.76 -55.23 14.49
N TYR B 399 -2.39 -55.95 13.54
CA TYR B 399 -3.83 -55.80 13.40
C TYR B 399 -4.52 -56.15 14.70
N ASP B 400 -4.22 -57.33 15.23
CA ASP B 400 -4.86 -57.80 16.46
C ASP B 400 -4.70 -56.79 17.60
N VAL B 401 -3.48 -56.29 17.84
CA VAL B 401 -3.32 -55.49 19.05
C VAL B 401 -3.73 -54.04 18.80
N GLU B 402 -3.50 -53.53 17.61
CA GLU B 402 -4.02 -52.19 17.29
C GLU B 402 -5.54 -52.14 17.51
N ARG B 403 -6.28 -53.06 16.90
CA ARG B 403 -7.72 -52.87 16.89
C ARG B 403 -8.38 -53.40 18.16
N ARG B 404 -7.84 -54.47 18.76
CA ARG B 404 -8.35 -54.92 20.05
C ARG B 404 -8.13 -53.85 21.13
N GLU B 405 -6.91 -53.31 21.21
CA GLU B 405 -6.65 -52.25 22.18
C GLU B 405 -7.57 -51.04 21.93
N ASN B 406 -7.74 -50.64 20.67
CA ASN B 406 -8.64 -49.53 20.39
C ASN B 406 -10.08 -49.87 20.79
N ALA B 407 -10.49 -51.13 20.58
CA ALA B 407 -11.81 -51.56 21.08
C ALA B 407 -11.87 -51.49 22.60
N LEU B 408 -10.80 -51.91 23.29
CA LEU B 408 -10.77 -51.83 24.76
C LEU B 408 -10.83 -50.40 25.23
N ARG B 409 -10.17 -49.50 24.49
CA ARG B 409 -10.26 -48.07 24.77
C ARG B 409 -11.68 -47.54 24.55
N ALA B 410 -12.33 -47.96 23.45
CA ALA B 410 -13.67 -47.44 23.15
C ALA B 410 -14.68 -47.85 24.22
N VAL B 411 -14.58 -49.08 24.72
CA VAL B 411 -15.45 -49.55 25.81
C VAL B 411 -15.25 -48.67 27.04
N ALA B 412 -13.99 -48.36 27.38
CA ALA B 412 -13.67 -47.60 28.59
C ALA B 412 -14.32 -46.22 28.60
N THR B 413 -14.35 -45.53 27.45
CA THR B 413 -14.85 -44.15 27.49
C THR B 413 -16.37 -44.10 27.62
N SER B 414 -17.09 -45.10 27.09
CA SER B 414 -18.53 -45.15 27.25
C SER B 414 -18.93 -45.72 28.62
N ALA B 415 -18.07 -46.55 29.22
CA ALA B 415 -18.28 -46.93 30.62
C ALA B 415 -18.19 -45.71 31.53
N ARG B 416 -17.30 -44.77 31.19
CA ARG B 416 -17.25 -43.48 31.89
C ARG B 416 -18.49 -42.63 31.59
N TYR B 417 -18.93 -42.59 30.33
CA TYR B 417 -20.12 -41.81 29.97
C TYR B 417 -21.36 -42.35 30.65
N LEU B 418 -21.58 -43.67 30.56
CA LEU B 418 -22.89 -44.24 30.87
C LEU B 418 -23.18 -44.35 32.37
N ARG B 419 -22.21 -44.07 33.25
CA ARG B 419 -22.50 -44.15 34.69
C ARG B 419 -23.41 -42.99 35.12
N PHE B 420 -23.09 -41.75 34.68
CA PHE B 420 -23.87 -40.59 35.11
C PHE B 420 -25.27 -40.58 34.50
N VAL B 421 -25.38 -41.01 33.23
CA VAL B 421 -26.64 -40.85 32.51
C VAL B 421 -27.69 -41.82 33.07
N GLY B 422 -27.31 -43.08 33.31
CA GLY B 422 -28.21 -44.00 34.00
C GLY B 422 -28.51 -43.58 35.44
N ASN B 423 -27.47 -43.15 36.17
CA ASN B 423 -27.65 -42.59 37.51
C ASN B 423 -28.63 -41.40 37.47
N CYS B 424 -28.30 -40.35 36.71
CA CYS B 424 -29.16 -39.16 36.58
C CYS B 424 -29.78 -39.08 35.18
N GLU B 448 -21.07 -24.62 37.72
CA GLU B 448 -21.67 -24.73 39.05
C GLU B 448 -22.62 -25.93 39.12
N ASP B 449 -23.29 -26.23 38.01
CA ASP B 449 -24.07 -27.46 37.88
C ASP B 449 -23.12 -28.62 37.58
N LYS B 450 -23.12 -29.64 38.45
CA LYS B 450 -22.08 -30.67 38.42
C LYS B 450 -22.36 -31.80 37.43
N ASP B 451 -23.56 -31.86 36.84
CA ASP B 451 -23.82 -32.76 35.71
C ASP B 451 -23.24 -32.22 34.42
N VAL B 452 -23.48 -30.93 34.14
CA VAL B 452 -22.94 -30.26 32.97
C VAL B 452 -21.43 -30.08 33.09
N PHE B 453 -20.91 -29.93 34.32
CA PHE B 453 -19.47 -29.79 34.49
C PHE B 453 -18.74 -31.07 34.08
N TYR B 454 -19.23 -32.24 34.53
CA TYR B 454 -18.63 -33.52 34.18
C TYR B 454 -18.68 -33.79 32.67
N PHE B 455 -19.68 -33.23 31.97
CA PHE B 455 -19.81 -33.40 30.52
C PHE B 455 -18.81 -32.53 29.76
N LYS B 456 -18.62 -31.28 30.21
CA LYS B 456 -17.61 -30.41 29.59
C LYS B 456 -16.22 -31.04 29.69
N LYS B 457 -15.88 -31.56 30.86
CA LYS B 457 -14.61 -32.25 31.05
C LYS B 457 -14.54 -33.52 30.22
N PHE B 458 -15.64 -34.28 30.21
CA PHE B 458 -15.74 -35.47 29.35
C PHE B 458 -15.52 -35.11 27.88
N VAL B 459 -16.20 -34.06 27.39
CA VAL B 459 -15.99 -33.63 26.01
C VAL B 459 -14.54 -33.21 25.79
N GLY B 460 -13.98 -32.41 26.71
CA GLY B 460 -12.60 -31.99 26.59
C GLY B 460 -11.59 -33.12 26.63
N GLN B 461 -11.93 -34.24 27.29
CA GLN B 461 -10.99 -35.35 27.47
C GLN B 461 -11.02 -36.37 26.34
N VAL B 462 -12.20 -36.74 25.85
CA VAL B 462 -12.34 -37.79 24.83
C VAL B 462 -12.94 -37.28 23.53
N GLY B 463 -13.33 -36.00 23.45
CA GLY B 463 -14.07 -35.47 22.31
C GLY B 463 -13.34 -35.55 20.97
N ARG B 464 -12.04 -35.84 20.97
CA ARG B 464 -11.29 -36.02 19.73
C ARG B 464 -11.03 -37.48 19.37
N PHE B 465 -10.94 -38.36 20.38
CA PHE B 465 -11.09 -39.79 20.13
C PHE B 465 -12.50 -40.12 19.66
N LEU B 466 -13.47 -39.33 20.12
CA LEU B 466 -14.85 -39.47 19.68
C LEU B 466 -15.04 -39.03 18.24
N ILE B 467 -14.19 -38.15 17.71
CA ILE B 467 -14.25 -37.84 16.29
C ILE B 467 -13.20 -38.60 15.49
N GLY B 468 -12.36 -39.39 16.15
CA GLY B 468 -11.48 -40.33 15.49
C GLY B 468 -10.07 -39.86 15.26
N LEU B 469 -9.75 -38.60 15.54
CA LEU B 469 -8.40 -38.12 15.32
C LEU B 469 -7.40 -38.62 16.36
N ASP B 470 -7.91 -39.13 17.49
CA ASP B 470 -7.08 -39.66 18.56
C ASP B 470 -7.08 -41.19 18.58
N VAL B 471 -7.37 -41.85 17.46
CA VAL B 471 -7.10 -43.28 17.39
C VAL B 471 -5.60 -43.45 17.49
N ASP B 472 -5.16 -44.16 18.54
CA ASP B 472 -3.79 -44.09 19.06
C ASP B 472 -3.21 -45.50 19.24
N TYR B 473 -2.30 -45.90 18.34
CA TYR B 473 -1.73 -47.23 18.32
C TYR B 473 -0.40 -47.26 19.08
N ALA B 474 -0.29 -48.17 20.05
CA ALA B 474 0.95 -48.28 20.79
C ALA B 474 2.06 -48.82 19.91
N GLU B 475 3.29 -48.70 20.40
CA GLU B 475 4.46 -49.18 19.66
C GLU B 475 4.38 -50.67 19.38
N ASN B 476 4.92 -51.06 18.23
CA ASN B 476 5.05 -52.45 17.80
C ASN B 476 5.97 -52.43 16.58
N ALA B 477 6.10 -53.58 15.91
CA ALA B 477 6.99 -53.64 14.76
C ALA B 477 6.69 -52.54 13.75
N LEU B 478 5.42 -52.19 13.58
CA LEU B 478 5.00 -51.26 12.54
C LEU B 478 5.16 -49.80 12.96
N ASN B 479 5.00 -49.51 14.26
CA ASN B 479 5.15 -48.16 14.81
C ASN B 479 6.42 -48.11 15.67
N LYS B 480 7.47 -47.43 15.18
CA LYS B 480 8.64 -47.10 16.00
C LYS B 480 8.77 -45.59 16.19
N LEU B 481 8.57 -45.14 17.43
CA LEU B 481 8.80 -43.73 17.76
C LEU B 481 10.17 -43.30 17.32
N SER B 482 10.29 -42.03 16.94
CA SER B 482 11.57 -41.52 16.45
C SER B 482 11.62 -40.02 16.66
N PRO B 483 12.72 -39.48 17.17
CA PRO B 483 12.81 -38.04 17.43
C PRO B 483 13.21 -37.22 16.22
N ALA B 484 13.34 -37.85 15.05
CA ALA B 484 13.81 -37.14 13.87
C ALA B 484 12.89 -35.98 13.50
N VAL B 485 11.59 -36.06 13.83
CA VAL B 485 10.68 -34.95 13.62
C VAL B 485 9.95 -34.61 14.92
N SER B 486 9.57 -33.35 15.04
CA SER B 486 9.06 -32.78 16.27
C SER B 486 7.59 -33.12 16.54
N ARG B 487 6.82 -33.51 15.53
CA ARG B 487 5.36 -33.60 15.71
C ARG B 487 4.74 -34.88 15.16
N ALA B 488 5.00 -35.25 13.90
CA ALA B 488 4.58 -36.54 13.39
C ALA B 488 5.04 -37.62 14.34
N ARG B 489 4.19 -38.62 14.55
CA ARG B 489 4.39 -39.57 15.64
C ARG B 489 3.96 -40.96 15.20
N ALA B 490 4.82 -41.95 15.40
CA ALA B 490 4.45 -43.31 15.06
C ALA B 490 3.19 -43.74 15.80
N GLY B 491 2.39 -44.57 15.11
CA GLY B 491 1.12 -45.06 15.58
C GLY B 491 -0.01 -44.04 15.63
N TYR B 492 0.21 -42.83 15.08
CA TYR B 492 -0.75 -41.73 15.11
C TYR B 492 -1.06 -41.25 13.69
N ARG B 493 -2.15 -40.49 13.59
CA ARG B 493 -2.67 -40.07 12.30
C ARG B 493 -1.70 -39.12 11.58
N ALA B 494 -1.37 -39.42 10.33
CA ALA B 494 -0.56 -38.49 9.56
C ALA B 494 -1.30 -37.18 9.38
N SER B 495 -0.61 -36.08 9.61
CA SER B 495 -1.22 -34.78 9.41
C SER B 495 -1.54 -34.57 7.93
N ASN B 496 -2.64 -33.85 7.64
CA ASN B 496 -3.09 -33.61 6.27
C ASN B 496 -3.09 -32.11 5.91
N PRO B 497 -1.94 -31.44 5.92
CA PRO B 497 -1.93 -30.01 5.60
C PRO B 497 -2.18 -29.79 4.12
N ARG B 498 -2.39 -28.51 3.81
CA ARG B 498 -2.56 -28.07 2.43
C ARG B 498 -1.21 -28.05 1.73
N VAL B 499 -1.20 -28.43 0.45
CA VAL B 499 -0.02 -28.43 -0.39
C VAL B 499 -0.46 -28.16 -1.83
N ALA B 500 0.50 -27.78 -2.66
CA ALA B 500 0.28 -27.72 -4.10
C ALA B 500 0.82 -28.98 -4.74
N LEU B 501 -0.02 -29.62 -5.54
CA LEU B 501 0.39 -30.84 -6.26
C LEU B 501 0.86 -30.45 -7.66
N SER B 502 0.40 -29.32 -8.17
CA SER B 502 0.88 -28.76 -9.43
C SER B 502 0.82 -27.24 -9.27
N ARG B 503 1.24 -26.52 -10.30
CA ARG B 503 1.13 -25.06 -10.23
C ARG B 503 -0.32 -24.58 -10.08
N SER B 504 -1.29 -25.36 -10.56
CA SER B 504 -2.67 -24.92 -10.56
C SER B 504 -3.60 -25.77 -9.70
N HIS B 505 -3.08 -26.82 -9.05
CA HIS B 505 -3.88 -27.70 -8.19
C HIS B 505 -3.33 -27.60 -6.77
N SER B 506 -3.98 -26.80 -5.93
CA SER B 506 -3.65 -26.70 -4.50
C SER B 506 -4.61 -27.60 -3.73
N GLY B 507 -4.09 -28.69 -3.16
CA GLY B 507 -4.89 -29.72 -2.53
C GLY B 507 -4.39 -30.05 -1.14
N ARG B 508 -4.38 -31.33 -0.81
CA ARG B 508 -3.97 -31.82 0.49
C ARG B 508 -2.88 -32.88 0.34
N LEU B 509 -2.02 -32.98 1.36
CA LEU B 509 -0.88 -33.88 1.24
C LEU B 509 -1.32 -35.32 1.06
N TYR B 510 -2.47 -35.71 1.65
CA TYR B 510 -2.98 -37.08 1.46
C TYR B 510 -3.14 -37.43 -0.01
N HIS B 511 -3.45 -36.43 -0.84
CA HIS B 511 -3.62 -36.65 -2.26
C HIS B 511 -2.37 -37.20 -2.93
N SER B 512 -1.19 -36.96 -2.36
CA SER B 512 0.05 -37.50 -2.90
C SER B 512 0.32 -38.93 -2.49
N PHE B 513 -0.37 -39.48 -1.48
CA PHE B 513 0.02 -40.77 -0.93
C PHE B 513 -0.10 -41.87 -1.98
N GLY B 514 0.60 -42.98 -1.72
CA GLY B 514 0.51 -44.15 -2.58
C GLY B 514 -0.83 -44.84 -2.42
N HIS B 515 -1.01 -45.89 -3.24
CA HIS B 515 -2.17 -46.75 -3.14
C HIS B 515 -2.05 -47.71 -1.95
N LEU B 516 -3.03 -48.62 -1.80
CA LEU B 516 -3.19 -49.36 -0.55
C LEU B 516 -2.07 -50.34 -0.25
N GLY B 517 -1.32 -50.79 -1.27
CA GLY B 517 -0.16 -51.62 -1.06
C GLY B 517 1.17 -50.91 -1.21
N GLN B 518 1.23 -49.65 -0.76
CA GLN B 518 2.44 -48.85 -0.81
C GLN B 518 2.56 -48.08 0.48
N PHE B 519 3.78 -48.00 1.00
CA PHE B 519 4.12 -47.02 2.01
C PHE B 519 4.53 -45.71 1.34
N THR B 520 4.13 -44.61 1.94
CA THR B 520 4.46 -43.30 1.38
C THR B 520 5.72 -42.80 2.04
N LEU B 521 6.77 -42.61 1.23
CA LEU B 521 8.05 -42.10 1.72
C LEU B 521 8.02 -40.59 1.56
N LEU B 522 7.55 -39.91 2.61
CA LEU B 522 7.48 -38.45 2.62
C LEU B 522 8.89 -37.91 2.83
N VAL B 523 9.58 -37.63 1.73
CA VAL B 523 10.93 -37.08 1.77
C VAL B 523 10.80 -35.57 1.88
N PHE B 524 10.83 -35.08 3.11
CA PHE B 524 10.92 -33.64 3.28
C PHE B 524 12.32 -33.18 2.96
N ALA B 525 12.41 -32.16 2.10
CA ALA B 525 13.65 -31.77 1.48
C ALA B 525 13.99 -30.30 1.68
N SER B 526 13.23 -29.59 2.52
CA SER B 526 13.32 -28.14 2.63
C SER B 526 13.25 -27.51 1.23
N ASN B 527 14.05 -26.48 0.97
CA ASN B 527 14.16 -25.90 -0.37
C ASN B 527 15.29 -26.55 -1.18
N MET B 528 15.72 -27.74 -0.77
CA MET B 528 16.84 -28.49 -1.34
C MET B 528 18.16 -27.70 -1.29
N GLY B 529 18.22 -26.61 -0.53
CA GLY B 529 19.43 -25.81 -0.42
C GLY B 529 20.15 -26.03 0.90
N GLY B 530 21.19 -25.21 1.10
CA GLY B 530 22.08 -25.22 2.26
C GLY B 530 22.64 -26.59 2.56
N ALA B 531 22.85 -26.84 3.85
CA ALA B 531 23.38 -28.11 4.37
C ALA B 531 22.74 -29.31 3.69
N LEU B 532 21.43 -29.24 3.48
CA LEU B 532 20.72 -30.45 3.12
C LEU B 532 21.07 -30.89 1.71
N ASN B 533 21.50 -29.96 0.84
CA ASN B 533 21.84 -30.34 -0.53
C ASN B 533 22.82 -31.52 -0.55
N ALA B 534 23.89 -31.41 0.24
CA ALA B 534 24.86 -32.50 0.35
C ALA B 534 24.18 -33.79 0.82
N LYS B 535 23.50 -33.72 1.98
CA LYS B 535 22.84 -34.90 2.53
C LYS B 535 21.86 -35.51 1.53
N LEU B 536 21.12 -34.67 0.80
CA LEU B 536 20.13 -35.22 -0.12
C LEU B 536 20.78 -35.83 -1.34
N HIS B 537 21.94 -35.32 -1.77
CA HIS B 537 22.66 -35.97 -2.87
C HIS B 537 23.15 -37.35 -2.45
N ALA B 538 23.60 -37.49 -1.20
CA ALA B 538 23.99 -38.82 -0.71
C ALA B 538 22.82 -39.77 -0.75
N LEU B 539 21.65 -39.33 -0.25
CA LEU B 539 20.47 -40.17 -0.18
C LEU B 539 20.03 -40.60 -1.57
N ASP B 540 20.12 -39.70 -2.54
CA ASP B 540 19.80 -40.07 -3.91
C ASP B 540 20.63 -41.27 -4.35
N SER B 541 21.95 -41.23 -4.13
CA SER B 541 22.78 -42.35 -4.55
C SER B 541 22.62 -43.56 -3.66
N TYR B 542 22.35 -43.36 -2.37
CA TYR B 542 21.95 -44.49 -1.54
C TYR B 542 20.76 -45.23 -2.15
N LEU B 543 19.62 -44.54 -2.32
CA LEU B 543 18.40 -45.25 -2.72
C LEU B 543 18.55 -45.92 -4.08
N ALA B 544 19.33 -45.34 -5.00
CA ALA B 544 19.42 -45.90 -6.35
C ALA B 544 20.05 -47.28 -6.36
N GLY B 545 20.89 -47.58 -5.38
CA GLY B 545 21.52 -48.88 -5.26
C GLY B 545 20.51 -49.99 -5.05
N PRO B 546 20.83 -51.19 -5.55
CA PRO B 546 19.88 -52.32 -5.41
C PRO B 546 19.74 -52.83 -3.99
N SER B 547 20.57 -52.35 -3.05
CA SER B 547 20.58 -52.83 -1.68
C SER B 547 20.05 -51.79 -0.69
N SER B 548 19.58 -50.65 -1.17
CA SER B 548 18.85 -49.72 -0.32
C SER B 548 17.51 -50.31 0.09
N PHE B 549 16.95 -49.79 1.17
CA PHE B 549 15.69 -50.34 1.64
C PHE B 549 14.58 -50.18 0.61
N TYR B 550 14.61 -49.12 -0.18
CA TYR B 550 13.61 -48.94 -1.23
C TYR B 550 13.61 -50.13 -2.19
N HIS B 551 14.79 -50.43 -2.76
CA HIS B 551 14.84 -51.49 -3.76
C HIS B 551 14.73 -52.88 -3.14
N ALA B 552 15.23 -53.05 -1.91
CA ALA B 552 15.30 -54.38 -1.31
C ALA B 552 13.92 -54.94 -0.97
N TYR B 553 12.96 -54.07 -0.72
CA TYR B 553 11.64 -54.48 -0.23
C TYR B 553 10.54 -54.25 -1.26
N GLY B 554 10.90 -54.12 -2.54
CA GLY B 554 9.91 -54.12 -3.59
C GLY B 554 9.95 -52.96 -4.58
N GLY B 555 10.60 -51.86 -4.21
CA GLY B 555 10.61 -50.69 -5.09
C GLY B 555 9.24 -50.05 -5.20
N ALA B 556 8.87 -49.65 -6.42
CA ALA B 556 7.58 -49.01 -6.68
C ALA B 556 6.39 -49.91 -6.37
N ASP B 557 6.60 -51.20 -6.14
CA ASP B 557 5.54 -52.13 -5.76
C ASP B 557 5.16 -52.03 -4.30
N THR B 558 5.99 -51.38 -3.50
CA THR B 558 5.78 -51.27 -2.07
C THR B 558 5.92 -49.84 -1.58
N PHE B 559 6.48 -48.96 -2.38
CA PHE B 559 6.76 -47.61 -1.94
C PHE B 559 6.35 -46.62 -3.01
N LYS B 560 6.00 -45.43 -2.55
CA LYS B 560 5.92 -44.26 -3.42
C LYS B 560 6.70 -43.17 -2.71
N ILE B 561 7.52 -42.45 -3.48
CA ILE B 561 8.34 -41.36 -2.94
C ILE B 561 7.65 -40.05 -3.24
N VAL B 562 7.54 -39.19 -2.23
CA VAL B 562 7.02 -37.84 -2.40
C VAL B 562 8.06 -36.86 -1.85
N VAL B 563 8.61 -36.03 -2.73
CA VAL B 563 9.59 -35.01 -2.35
C VAL B 563 8.82 -33.74 -2.01
N VAL B 564 8.87 -33.31 -0.75
CA VAL B 564 8.09 -32.18 -0.27
C VAL B 564 9.02 -30.98 -0.24
N VAL B 565 8.96 -30.13 -1.26
CA VAL B 565 9.92 -29.03 -1.43
C VAL B 565 9.27 -27.74 -0.99
N ARG B 566 9.82 -27.10 0.04
CA ARG B 566 9.37 -25.77 0.46
C ARG B 566 10.05 -24.69 -0.41
N ALA B 567 9.58 -24.59 -1.65
CA ALA B 567 10.07 -23.59 -2.59
C ALA B 567 8.95 -23.27 -3.59
N THR B 568 9.22 -22.36 -4.52
CA THR B 568 8.26 -22.15 -5.59
C THR B 568 8.39 -23.29 -6.60
N PRO B 569 7.31 -23.55 -7.35
CA PRO B 569 7.34 -24.70 -8.29
C PRO B 569 8.50 -24.75 -9.29
N SER B 570 8.85 -23.66 -9.96
CA SER B 570 9.91 -23.74 -10.96
C SER B 570 11.30 -23.79 -10.31
N GLN B 571 11.45 -23.17 -9.14
CA GLN B 571 12.66 -23.35 -8.33
C GLN B 571 12.81 -24.79 -7.88
N ALA B 572 11.73 -25.38 -7.36
CA ALA B 572 11.72 -26.76 -6.93
C ALA B 572 11.94 -27.71 -8.11
N ASP B 573 11.24 -27.50 -9.22
CA ASP B 573 11.41 -28.39 -10.36
C ASP B 573 12.87 -28.42 -10.81
N GLN B 574 13.54 -27.26 -10.79
CA GLN B 574 14.93 -27.17 -11.22
C GLN B 574 15.86 -27.96 -10.30
N ARG B 575 15.80 -27.66 -8.99
CA ARG B 575 16.65 -28.37 -8.03
C ARG B 575 16.39 -29.87 -8.07
N VAL B 576 15.13 -30.28 -8.12
CA VAL B 576 14.81 -31.71 -8.18
C VAL B 576 15.50 -32.36 -9.36
N LYS B 577 15.61 -31.65 -10.48
CA LYS B 577 16.30 -32.19 -11.64
C LYS B 577 17.76 -32.54 -11.34
N THR B 578 18.36 -31.93 -10.31
CA THR B 578 19.76 -32.19 -10.00
C THR B 578 19.99 -33.44 -9.16
N PHE B 579 18.93 -34.07 -8.67
CA PHE B 579 19.04 -35.38 -8.03
C PHE B 579 18.46 -36.41 -8.97
N PRO B 580 19.29 -37.17 -9.69
CA PRO B 580 18.74 -38.02 -10.76
C PRO B 580 17.80 -39.13 -10.30
N PHE B 581 18.04 -39.77 -9.14
CA PHE B 581 17.10 -40.82 -8.75
C PHE B 581 15.78 -40.26 -8.25
N LEU B 582 15.84 -39.17 -7.47
CA LEU B 582 14.62 -38.58 -6.92
C LEU B 582 13.70 -38.03 -8.02
N SER B 583 14.25 -37.35 -9.04
CA SER B 583 13.40 -36.90 -10.11
C SER B 583 12.94 -38.09 -10.96
N LYS B 584 13.85 -39.02 -11.25
CA LYS B 584 13.47 -40.26 -11.94
C LYS B 584 12.28 -40.96 -11.30
N ALA B 585 12.23 -41.04 -9.98
CA ALA B 585 11.32 -41.96 -9.32
C ALA B 585 10.41 -41.31 -8.28
N GLY B 586 10.71 -40.09 -7.83
CA GLY B 586 9.87 -39.43 -6.87
C GLY B 586 8.80 -38.54 -7.52
N HIS B 587 7.93 -38.03 -6.67
CA HIS B 587 6.81 -37.18 -7.07
C HIS B 587 6.91 -35.91 -6.24
N THR B 588 7.09 -34.77 -6.92
CA THR B 588 7.32 -33.51 -6.22
C THR B 588 5.98 -32.91 -5.85
N VAL B 589 5.84 -32.47 -4.60
CA VAL B 589 4.74 -31.61 -4.18
C VAL B 589 5.37 -30.37 -3.59
N TYR B 590 4.62 -29.27 -3.60
CA TYR B 590 5.16 -27.94 -3.32
C TYR B 590 4.56 -27.43 -2.01
N ASP B 591 5.39 -27.35 -0.98
CA ASP B 591 4.93 -27.01 0.36
C ASP B 591 4.88 -25.49 0.50
N ASP B 592 3.86 -24.88 -0.11
CA ASP B 592 3.88 -23.43 -0.33
C ASP B 592 2.85 -22.63 0.48
N GLN B 593 2.24 -23.20 1.51
CA GLN B 593 1.34 -22.41 2.35
C GLN B 593 2.11 -21.33 3.10
N LEU B 594 1.36 -20.46 3.74
CA LEU B 594 1.97 -19.43 4.61
C LEU B 594 2.50 -20.10 5.86
N PRO B 595 3.34 -19.43 6.66
CA PRO B 595 3.89 -20.04 7.87
C PRO B 595 2.81 -20.46 8.86
N LEU B 596 3.03 -21.54 9.58
CA LEU B 596 2.00 -22.10 10.48
C LEU B 596 1.51 -21.02 11.44
N SER B 597 0.20 -20.78 11.42
CA SER B 597 -0.43 -19.74 12.18
C SER B 597 -1.90 -19.90 11.88
N HIS B 598 -2.71 -18.87 12.09
CA HIS B 598 -4.13 -18.92 11.72
C HIS B 598 -4.40 -18.52 10.27
N PHE B 599 -3.36 -18.37 9.48
CA PHE B 599 -3.53 -18.07 8.06
C PHE B 599 -2.77 -19.11 7.28
N GLY B 600 -2.24 -20.10 7.97
CA GLY B 600 -1.56 -21.18 7.29
C GLY B 600 -0.91 -22.33 8.03
N GLY B 601 -0.12 -23.12 7.33
CA GLY B 601 0.61 -24.21 7.95
C GLY B 601 1.24 -25.07 6.89
N ASP B 602 2.54 -25.00 6.77
CA ASP B 602 3.26 -25.80 5.77
C ASP B 602 3.43 -27.22 6.30
N ALA B 603 3.61 -28.18 5.41
CA ALA B 603 3.84 -29.58 5.81
C ALA B 603 5.14 -29.68 6.61
N HIS B 604 6.17 -28.92 6.27
CA HIS B 604 7.43 -29.03 7.02
C HIS B 604 7.21 -28.71 8.49
N ALA B 605 6.46 -27.63 8.77
CA ALA B 605 6.24 -27.22 10.15
C ALA B 605 5.27 -28.12 10.89
N LEU B 606 4.24 -28.64 10.19
CA LEU B 606 3.20 -29.42 10.86
C LEU B 606 3.66 -30.84 11.17
N TYR B 607 4.60 -31.37 10.41
CA TYR B 607 5.23 -32.65 10.70
C TYR B 607 6.42 -32.53 11.67
N GLY B 608 6.88 -31.31 11.94
CA GLY B 608 8.01 -31.13 12.84
C GLY B 608 9.37 -31.39 12.22
N VAL B 609 9.55 -31.08 10.93
CA VAL B 609 10.82 -31.31 10.24
C VAL B 609 11.72 -30.11 10.48
N SER B 610 13.00 -30.39 10.72
CA SER B 610 14.03 -29.37 10.83
C SER B 610 14.70 -29.21 9.47
N HIS B 611 14.87 -27.95 9.05
CA HIS B 611 15.35 -27.66 7.70
C HIS B 611 16.83 -28.02 7.54
N GLU B 612 17.54 -28.25 8.63
CA GLU B 612 18.90 -28.74 8.50
C GLU B 612 18.91 -30.24 8.24
N GLU B 613 18.09 -30.99 8.98
CA GLU B 613 18.18 -32.44 8.89
C GLU B 613 17.29 -33.05 7.82
N GLY B 614 16.17 -32.40 7.46
CA GLY B 614 15.26 -33.12 6.59
C GLY B 614 14.49 -34.18 7.38
N ALA B 615 13.87 -35.09 6.63
CA ALA B 615 13.12 -36.19 7.23
C ALA B 615 12.65 -37.14 6.14
N ILE B 616 12.58 -38.42 6.50
CA ILE B 616 11.87 -39.38 5.66
C ILE B 616 10.76 -39.92 6.53
N VAL B 617 9.63 -39.24 6.54
CA VAL B 617 8.47 -39.71 7.31
C VAL B 617 7.84 -40.86 6.54
N VAL B 618 7.82 -42.04 7.12
CA VAL B 618 7.20 -43.20 6.52
C VAL B 618 5.73 -43.19 6.91
N VAL B 619 4.84 -43.21 5.91
CA VAL B 619 3.41 -43.22 6.15
C VAL B 619 2.87 -44.58 5.74
N ARG B 620 2.15 -45.22 6.66
CA ARG B 620 1.53 -46.51 6.37
C ARG B 620 0.44 -46.37 5.31
N PRO B 621 -0.01 -47.49 4.75
CA PRO B 621 -1.12 -47.45 3.78
C PRO B 621 -2.40 -46.85 4.33
N ASP B 622 -2.79 -47.16 5.57
CA ASP B 622 -4.02 -46.62 6.11
C ASP B 622 -3.91 -45.16 6.54
N SER B 623 -2.74 -44.53 6.32
CA SER B 623 -2.42 -43.14 6.63
C SER B 623 -2.09 -42.90 8.10
N TRP B 624 -1.93 -43.92 8.93
CA TRP B 624 -1.24 -43.72 10.22
C TRP B 624 0.26 -43.66 9.98
N ILE B 625 0.94 -42.81 10.76
CA ILE B 625 2.40 -42.70 10.66
C ILE B 625 3.06 -43.99 11.14
N GLY B 626 4.00 -44.53 10.34
CA GLY B 626 4.79 -45.68 10.71
C GLY B 626 6.08 -45.36 11.45
N THR B 627 6.98 -44.57 10.86
CA THR B 627 8.19 -44.08 11.51
C THR B 627 8.73 -42.85 10.78
N SER B 628 9.85 -42.32 11.28
CA SER B 628 10.56 -41.25 10.60
C SER B 628 12.05 -41.36 10.89
N SER B 629 12.82 -40.80 9.99
CA SER B 629 14.27 -40.72 10.16
C SER B 629 14.73 -39.41 9.57
N THR B 630 15.97 -39.04 9.82
CA THR B 630 16.55 -37.83 9.22
C THR B 630 17.04 -38.17 7.80
N ILE B 631 17.41 -37.19 7.00
CA ILE B 631 17.92 -37.60 5.67
C ILE B 631 19.18 -38.44 5.83
N SER B 632 20.10 -38.05 6.73
CA SER B 632 21.37 -38.80 6.93
C SER B 632 21.16 -40.19 7.52
N ASP B 633 20.09 -40.39 8.30
CA ASP B 633 19.77 -41.67 8.95
C ASP B 633 18.92 -42.57 8.06
N ALA B 634 18.93 -42.38 6.74
CA ALA B 634 18.11 -43.19 5.80
C ALA B 634 18.36 -44.70 5.95
N ARG B 635 19.58 -45.11 6.30
CA ARG B 635 20.01 -46.50 6.59
C ARG B 635 19.19 -47.08 7.76
N SER B 636 18.77 -46.27 8.73
CA SER B 636 18.02 -46.71 9.93
C SER B 636 16.68 -47.38 9.59
N LEU B 637 16.07 -47.00 8.48
CA LEU B 637 14.83 -47.60 7.98
C LEU B 637 15.06 -49.04 7.53
N GLU B 638 16.26 -49.42 7.13
CA GLU B 638 16.49 -50.82 6.68
C GLU B 638 16.01 -51.85 7.70
N SER B 639 16.41 -51.72 8.95
CA SER B 639 15.95 -52.70 9.94
C SER B 639 14.48 -52.49 10.29
N TYR B 640 13.97 -51.26 10.14
CA TYR B 640 12.54 -51.02 10.30
C TYR B 640 11.72 -51.94 9.40
N PHE B 641 12.00 -51.91 8.11
CA PHE B 641 11.21 -52.71 7.19
C PHE B 641 11.49 -54.20 7.34
N ASP B 642 12.68 -54.59 7.81
CA ASP B 642 12.88 -56.01 8.10
C ASP B 642 12.10 -56.46 9.33
N GLY B 643 11.69 -55.54 10.19
CA GLY B 643 10.84 -55.88 11.32
C GLY B 643 9.50 -56.49 10.95
N PHE B 644 8.98 -56.22 9.74
CA PHE B 644 7.68 -56.79 9.36
C PHE B 644 7.54 -57.18 7.88
N LEU B 645 8.57 -56.99 7.06
CA LEU B 645 8.48 -57.35 5.65
C LEU B 645 9.57 -58.34 5.25
N PHE B 646 9.25 -59.18 4.27
CA PHE B 646 10.25 -59.95 3.53
C PHE B 646 10.78 -59.09 2.39
N LYS B 647 12.05 -59.31 2.05
CA LYS B 647 12.64 -58.58 0.93
C LYS B 647 11.90 -58.93 -0.36
N SER B 648 11.78 -57.94 -1.26
CA SER B 648 10.99 -58.05 -2.47
C SER B 648 11.74 -57.39 -3.63
N THR B 649 11.30 -57.67 -4.85
CA THR B 649 11.89 -57.01 -6.01
C THR B 649 10.81 -56.65 -7.03
N GLU B 650 10.80 -55.37 -7.42
CA GLU B 650 9.84 -54.83 -8.38
C GLU B 650 9.78 -55.64 -9.67
N GLY B 651 8.56 -56.09 -10.02
CA GLY B 651 8.33 -56.86 -11.23
C GLY B 651 8.59 -58.37 -11.13
N ASN C 6 26.81 56.11 29.12
CA ASN C 6 26.13 55.36 30.18
C ASN C 6 26.80 54.00 30.42
N PHE C 7 26.56 53.11 29.47
CA PHE C 7 27.25 51.85 29.26
C PHE C 7 28.56 52.10 28.49
N GLU C 8 29.43 51.08 28.47
CA GLU C 8 30.70 51.18 27.79
C GLU C 8 30.49 51.25 26.27
N GLY C 9 31.33 52.05 25.60
CA GLY C 9 31.29 52.18 24.16
C GLY C 9 31.67 50.88 23.45
N TYR C 10 31.32 50.80 22.17
CA TYR C 10 31.46 49.56 21.42
C TYR C 10 32.88 49.43 20.88
N VAL C 11 33.50 48.27 21.11
CA VAL C 11 34.83 48.00 20.57
C VAL C 11 34.69 46.89 19.53
N GLU C 12 35.29 47.09 18.36
CA GLU C 12 35.13 46.12 17.28
C GLU C 12 35.94 44.87 17.62
N PRO C 13 35.37 43.67 17.47
CA PRO C 13 36.06 42.46 17.96
C PRO C 13 37.43 42.30 17.32
N GLU C 14 38.35 41.78 18.12
CA GLU C 14 39.75 41.63 17.71
C GLU C 14 39.91 40.47 16.72
N LEU C 15 40.61 40.72 15.63
CA LEU C 15 40.85 39.70 14.61
C LEU C 15 42.12 38.93 14.92
N PHE C 16 42.06 37.61 14.74
CA PHE C 16 43.22 36.72 14.82
C PHE C 16 43.29 35.87 13.56
N GLU C 17 44.41 35.90 12.87
CA GLU C 17 44.63 35.07 11.68
C GLU C 17 45.35 33.80 12.12
N ARG C 18 44.57 32.80 12.51
CA ARG C 18 45.10 31.54 13.01
C ARG C 18 45.89 30.82 11.92
N PRO C 19 47.18 30.56 12.11
CA PRO C 19 47.98 29.86 11.09
C PRO C 19 47.37 28.52 10.71
N GLY C 20 47.53 28.13 9.45
CA GLY C 20 47.00 26.84 9.01
C GLY C 20 47.84 25.69 9.51
N THR C 21 47.20 24.56 9.84
CA THR C 21 47.92 23.36 10.24
C THR C 21 47.92 22.27 9.18
N SER C 22 47.42 22.56 7.97
CA SER C 22 47.43 21.54 6.92
C SER C 22 48.81 21.49 6.27
N LEU C 23 49.21 20.29 5.86
CA LEU C 23 50.46 20.16 5.11
C LEU C 23 50.43 21.11 3.91
N PRO C 24 51.46 21.93 3.70
CA PRO C 24 51.37 22.98 2.68
C PRO C 24 51.71 22.48 1.27
N ASN C 25 51.49 23.38 0.30
CA ASN C 25 51.99 23.21 -1.05
C ASN C 25 53.11 24.21 -1.27
N LYS C 26 53.66 24.23 -2.49
CA LYS C 26 54.83 25.06 -2.73
C LYS C 26 54.55 26.53 -2.49
N LEU C 27 53.28 26.91 -2.40
CA LEU C 27 52.88 28.27 -2.15
C LEU C 27 52.57 28.53 -0.67
N GLY C 28 52.36 27.48 0.13
CA GLY C 28 52.11 27.62 1.55
C GLY C 28 50.83 26.91 2.00
N VAL C 29 50.24 27.45 3.07
CA VAL C 29 48.96 26.99 3.61
C VAL C 29 48.26 28.22 4.19
N MET C 30 46.95 28.34 3.91
CA MET C 30 46.23 29.58 4.21
C MET C 30 46.10 29.75 5.73
N PRO C 31 46.23 30.98 6.23
CA PRO C 31 45.72 31.27 7.58
C PRO C 31 44.19 31.26 7.56
N GLN C 32 43.58 31.21 8.73
CA GLN C 32 42.13 31.18 8.84
C GLN C 32 41.67 32.33 9.73
N LEU C 33 40.75 33.16 9.22
CA LEU C 33 40.19 34.26 10.00
C LEU C 33 39.34 33.73 11.13
N THR C 34 39.46 34.36 12.31
CA THR C 34 38.53 34.11 13.41
C THR C 34 38.52 35.31 14.35
N TRP C 35 37.57 35.30 15.30
CA TRP C 35 37.46 36.34 16.32
C TRP C 35 37.32 35.68 17.69
N PRO C 36 38.44 35.47 18.41
CA PRO C 36 38.41 34.60 19.59
C PRO C 36 37.40 35.01 20.66
N ASN C 37 37.21 36.31 20.91
CA ASN C 37 36.27 36.72 21.96
C ASN C 37 34.82 36.41 21.59
N VAL C 38 34.45 36.53 20.31
CA VAL C 38 33.10 36.18 19.90
C VAL C 38 32.92 34.66 19.90
N LEU C 39 33.92 33.92 19.43
CA LEU C 39 33.69 32.52 19.09
C LEU C 39 34.18 31.48 20.11
N ASN C 40 35.04 31.83 21.07
CA ASN C 40 35.71 30.80 21.87
C ASN C 40 35.02 30.50 23.20
N GLY C 41 33.78 30.92 23.38
CA GLY C 41 32.99 30.53 24.55
C GLY C 41 33.55 31.16 25.81
N THR C 42 33.74 30.33 26.85
CA THR C 42 34.29 30.78 28.12
C THR C 42 35.79 31.04 28.04
N ASN C 43 36.44 30.59 26.97
CA ASN C 43 37.89 30.58 26.88
C ASN C 43 38.43 31.84 26.21
N CYS C 44 38.14 33.00 26.80
CA CYS C 44 38.61 34.24 26.20
C CYS C 44 38.62 35.36 27.25
N GLU C 45 39.26 36.45 26.87
CA GLU C 45 39.36 37.61 27.75
C GLU C 45 38.02 38.29 27.93
N LYS C 46 37.24 38.42 26.84
CA LYS C 46 36.01 39.23 26.82
C LYS C 46 34.85 38.40 26.29
N PRO C 47 34.28 37.53 27.13
CA PRO C 47 33.22 36.62 26.65
C PRO C 47 32.04 37.33 26.01
N ALA C 48 31.47 36.69 24.98
CA ALA C 48 30.35 37.25 24.23
C ALA C 48 29.10 37.37 25.09
N VAL C 49 28.94 36.52 26.08
CA VAL C 49 27.87 36.72 27.06
C VAL C 49 28.54 37.15 28.36
N PRO C 50 28.32 38.37 28.83
CA PRO C 50 28.98 38.81 30.07
C PRO C 50 28.46 38.03 31.27
N ASN C 51 29.33 37.86 32.26
CA ASN C 51 28.98 37.21 33.52
C ASN C 51 28.17 35.94 33.27
N TYR C 52 28.76 35.05 32.49
CA TYR C 52 28.12 33.76 32.27
C TYR C 52 28.32 32.97 33.55
N LYS C 53 27.25 32.73 34.28
CA LYS C 53 27.27 31.99 35.52
C LYS C 53 26.36 30.79 35.33
N PRO C 54 26.83 29.76 34.64
CA PRO C 54 25.98 28.61 34.36
C PRO C 54 25.53 27.95 35.64
N PRO C 55 24.29 27.47 35.70
CA PRO C 55 23.80 26.86 36.93
C PRO C 55 24.48 25.53 37.21
N SER C 56 24.44 25.12 38.48
CA SER C 56 25.05 23.86 38.86
C SER C 56 24.13 22.67 38.69
N LYS C 57 22.84 22.87 38.47
CA LYS C 57 21.96 21.77 38.08
C LYS C 57 21.21 22.23 36.84
N VAL C 58 21.22 21.40 35.80
CA VAL C 58 20.62 21.73 34.52
C VAL C 58 19.62 20.65 34.17
N ASP C 59 18.74 20.96 33.22
CA ASP C 59 17.91 19.89 32.70
C ASP C 59 18.70 18.98 31.75
N VAL C 60 19.52 19.54 30.86
CA VAL C 60 20.34 18.75 29.94
C VAL C 60 21.76 19.28 29.98
N ILE C 61 22.73 18.39 30.13
CA ILE C 61 24.13 18.73 29.90
C ILE C 61 24.54 18.05 28.60
N ILE C 62 25.30 18.77 27.79
CA ILE C 62 25.67 18.34 26.45
C ILE C 62 27.18 18.26 26.40
N ILE C 63 27.70 17.11 25.98
CA ILE C 63 29.13 16.90 25.89
C ILE C 63 29.53 16.93 24.44
N GLY C 64 30.32 17.93 24.08
CA GLY C 64 30.69 18.11 22.71
C GLY C 64 29.86 19.17 22.03
N ALA C 65 30.56 20.15 21.46
CA ALA C 65 29.98 21.31 20.82
C ALA C 65 30.40 21.38 19.37
N GLY C 66 30.35 20.24 18.69
CA GLY C 66 30.37 20.25 17.25
C GLY C 66 28.97 20.56 16.74
N PRO C 67 28.78 20.44 15.45
CA PRO C 67 27.50 20.82 14.87
C PRO C 67 26.34 20.08 15.50
N VAL C 68 26.54 18.82 15.90
CA VAL C 68 25.44 18.05 16.46
C VAL C 68 25.11 18.52 17.87
N GLY C 69 26.14 18.76 18.69
CA GLY C 69 25.88 19.26 20.03
C GLY C 69 25.27 20.65 20.02
N LEU C 70 25.88 21.55 19.24
CA LEU C 70 25.34 22.90 19.07
C LEU C 70 23.90 22.87 18.54
N THR C 71 23.62 22.05 17.52
CA THR C 71 22.25 22.02 17.01
C THR C 71 21.29 21.61 18.11
N THR C 72 21.71 20.65 18.95
CA THR C 72 20.85 20.15 20.03
C THR C 72 20.62 21.23 21.08
N ALA C 73 21.65 21.99 21.43
CA ALA C 73 21.42 23.12 22.31
C ALA C 73 20.42 24.10 21.68
N ALA C 74 20.63 24.43 20.40
CA ALA C 74 19.80 25.44 19.77
C ALA C 74 18.33 25.04 19.80
N CYS C 75 18.05 23.73 19.62
CA CYS C 75 16.66 23.31 19.65
C CYS C 75 16.08 23.34 21.07
N LEU C 76 16.81 22.81 22.04
CA LEU C 76 16.34 22.82 23.42
C LEU C 76 16.15 24.25 23.93
N LEU C 77 17.06 25.15 23.59
CA LEU C 77 16.89 26.55 23.97
C LEU C 77 15.62 27.17 23.39
N ARG C 78 15.11 26.65 22.27
CA ARG C 78 13.85 27.22 21.73
C ARG C 78 12.68 26.77 22.62
N GLN C 79 12.81 25.64 23.29
CA GLN C 79 11.72 25.10 24.09
C GLN C 79 11.83 25.44 25.57
N GLY C 80 12.78 26.29 25.97
CA GLY C 80 12.84 26.69 27.36
C GLY C 80 13.56 25.72 28.27
N ILE C 81 14.28 24.74 27.72
CA ILE C 81 15.05 23.83 28.53
C ILE C 81 16.34 24.51 28.97
N THR C 82 16.70 24.37 30.25
CA THR C 82 18.00 24.86 30.68
C THR C 82 19.07 23.89 30.24
N VAL C 83 20.21 24.44 29.84
CA VAL C 83 21.22 23.65 29.13
C VAL C 83 22.60 24.19 29.47
N ARG C 84 23.55 23.27 29.66
CA ARG C 84 24.96 23.61 29.60
C ARG C 84 25.61 22.71 28.55
N ILE C 85 26.66 23.25 27.92
CA ILE C 85 27.32 22.54 26.83
C ILE C 85 28.79 22.89 26.93
N LEU C 86 29.62 21.87 26.79
CA LEU C 86 31.06 22.05 26.94
C LEU C 86 31.76 21.30 25.82
N ASP C 87 32.93 21.79 25.46
CA ASP C 87 33.72 21.11 24.45
C ASP C 87 35.18 21.16 24.87
N ARG C 88 35.88 20.08 24.60
CA ARG C 88 37.26 19.95 25.01
C ARG C 88 38.16 20.96 24.28
N SER C 89 37.90 21.21 23.01
CA SER C 89 38.84 22.05 22.28
C SER C 89 38.69 23.54 22.64
N PRO C 90 39.80 24.29 22.57
CA PRO C 90 39.76 25.71 22.94
C PRO C 90 39.08 26.64 21.92
N HIS C 91 38.75 26.16 20.73
CA HIS C 91 38.10 27.01 19.75
C HIS C 91 37.32 26.11 18.78
N PRO C 92 36.34 26.67 18.03
CA PRO C 92 35.60 25.84 17.07
C PRO C 92 36.50 25.51 15.90
N LEU C 93 36.01 24.74 14.97
CA LEU C 93 36.85 24.28 13.85
C LEU C 93 37.29 25.42 12.95
N PRO C 94 38.60 25.66 12.77
CA PRO C 94 39.07 26.73 11.92
C PRO C 94 38.77 26.55 10.44
N VAL C 95 38.90 25.34 9.92
CA VAL C 95 38.67 25.03 8.49
C VAL C 95 38.50 23.52 8.28
N GLY C 96 37.97 23.13 7.12
CA GLY C 96 37.89 21.74 6.68
C GLY C 96 36.72 20.98 7.20
N ARG C 97 36.81 19.67 6.98
CA ARG C 97 35.76 18.76 7.35
C ARG C 97 34.55 18.98 6.46
N ALA C 98 33.36 18.81 7.00
CA ALA C 98 32.16 18.96 6.21
C ALA C 98 32.10 20.31 5.50
N ASP C 99 31.59 20.30 4.28
CA ASP C 99 31.57 21.55 3.50
C ASP C 99 30.19 21.91 2.91
N GLY C 100 29.16 21.11 3.09
CA GLY C 100 27.89 21.48 2.45
C GLY C 100 26.64 20.88 3.06
N LEU C 101 25.47 21.30 2.62
CA LEU C 101 24.24 20.86 3.23
C LEU C 101 23.29 20.35 2.17
N GLN C 102 22.48 19.36 2.54
CA GLN C 102 21.44 18.89 1.65
C GLN C 102 20.17 19.74 1.80
N PRO C 103 19.28 19.72 0.79
CA PRO C 103 18.06 20.53 0.90
C PRO C 103 17.22 20.20 2.12
N ARG C 104 17.18 18.95 2.57
CA ARG C 104 16.41 18.64 3.77
C ARG C 104 17.00 19.29 5.01
N SER C 105 18.34 19.29 5.13
CA SER C 105 19.01 20.00 6.22
C SER C 105 18.77 21.50 6.16
N MET C 106 18.84 22.09 4.96
CA MET C 106 18.38 23.48 4.79
C MET C 106 17.00 23.67 5.40
N GLU C 107 16.09 22.72 5.14
CA GLU C 107 14.73 22.82 5.67
C GLU C 107 14.76 22.82 7.19
N VAL C 108 15.56 21.94 7.79
CA VAL C 108 15.67 21.88 9.25
C VAL C 108 16.15 23.22 9.80
N PHE C 109 17.23 23.76 9.24
CA PHE C 109 17.68 25.08 9.67
C PHE C 109 16.59 26.16 9.50
N ASP C 110 15.87 26.14 8.38
CA ASP C 110 14.80 27.11 8.17
C ASP C 110 13.72 26.95 9.24
N LEU C 111 13.40 25.70 9.61
CA LEU C 111 12.35 25.49 10.60
C LEU C 111 12.74 26.03 11.97
N LEU C 112 14.02 26.12 12.25
CA LEU C 112 14.51 26.66 13.50
C LEU C 112 14.70 28.17 13.47
N GLY C 113 14.42 28.81 12.34
CA GLY C 113 14.58 30.23 12.17
C GLY C 113 15.94 30.63 11.67
N LEU C 114 16.74 29.68 11.16
CA LEU C 114 18.12 29.94 10.79
C LEU C 114 18.33 29.77 9.29
N GLY C 115 17.23 29.73 8.52
CA GLY C 115 17.34 29.56 7.09
C GLY C 115 18.29 30.54 6.43
N GLU C 116 18.19 31.83 6.77
CA GLU C 116 19.08 32.78 6.11
C GLU C 116 20.54 32.59 6.52
N GLU C 117 20.80 31.98 7.66
CA GLU C 117 22.21 31.77 8.01
C GLU C 117 22.88 30.69 7.15
N VAL C 118 22.13 29.78 6.54
CA VAL C 118 22.75 28.70 5.78
C VAL C 118 22.56 28.86 4.29
N TYR C 119 21.59 29.65 3.85
CA TYR C 119 21.45 29.93 2.44
C TYR C 119 22.39 31.04 2.02
N HIS C 120 22.88 30.94 0.77
CA HIS C 120 23.72 31.97 0.13
C HIS C 120 24.97 32.27 0.97
N VAL C 121 25.58 31.23 1.52
CA VAL C 121 26.84 31.40 2.21
C VAL C 121 27.97 31.16 1.22
N GLY C 122 28.10 29.93 0.74
CA GLY C 122 28.95 29.62 -0.39
C GLY C 122 28.14 29.45 -1.65
N ILE C 123 28.63 28.63 -2.57
CA ILE C 123 27.95 28.35 -3.83
C ILE C 123 26.81 27.34 -3.66
N ARG C 124 26.09 27.07 -4.75
CA ARG C 124 25.02 26.09 -4.80
C ARG C 124 25.33 25.04 -5.87
N VAL C 125 24.99 23.78 -5.60
CA VAL C 125 25.20 22.71 -6.58
C VAL C 125 23.85 22.26 -7.11
N GLU C 126 23.67 22.42 -8.42
CA GLU C 126 22.44 22.01 -9.09
C GLU C 126 22.75 21.27 -10.39
N HIS C 127 24.01 20.97 -10.67
CA HIS C 127 24.40 20.29 -11.89
C HIS C 127 25.44 19.25 -11.51
N THR C 128 25.47 18.15 -12.25
CA THR C 128 26.46 17.10 -12.10
C THR C 128 27.16 16.85 -13.43
N THR C 129 28.46 16.56 -13.37
CA THR C 129 29.19 16.10 -14.54
C THR C 129 29.87 14.76 -14.26
N VAL C 130 30.01 13.93 -15.30
CA VAL C 130 30.77 12.67 -15.22
C VAL C 130 31.67 12.59 -16.45
N TYR C 131 32.97 12.50 -16.21
CA TYR C 131 33.98 12.29 -17.24
C TYR C 131 34.63 10.92 -16.99
N LYS C 132 34.75 10.13 -18.04
CA LYS C 132 35.52 8.89 -17.98
C LYS C 132 36.57 8.89 -19.08
N ASP C 133 37.82 8.64 -18.68
CA ASP C 133 38.98 8.57 -19.55
C ASP C 133 39.01 9.74 -20.54
N GLY C 134 38.92 10.95 -19.99
CA GLY C 134 39.11 12.16 -20.75
C GLY C 134 37.91 12.62 -21.56
N LYS C 135 36.80 11.89 -21.54
CA LYS C 135 35.63 12.19 -22.35
C LYS C 135 34.40 12.39 -21.49
N GLN C 136 33.65 13.48 -21.74
CA GLN C 136 32.43 13.75 -20.98
C GLN C 136 31.34 12.76 -21.34
N HIS C 137 30.61 12.30 -20.32
CA HIS C 137 29.48 11.39 -20.46
C HIS C 137 28.18 11.94 -19.93
N ILE C 138 28.23 12.74 -18.87
CA ILE C 138 27.03 13.36 -18.30
C ILE C 138 27.33 14.81 -17.96
N PHE C 139 26.44 15.71 -18.36
CA PHE C 139 26.34 17.03 -17.75
C PHE C 139 24.85 17.38 -17.68
N ALA C 140 24.25 17.32 -16.50
CA ALA C 140 22.82 17.50 -16.37
C ALA C 140 22.48 18.25 -15.10
N GLU C 141 21.26 18.79 -15.10
CA GLU C 141 20.62 19.29 -13.89
C GLU C 141 20.45 18.14 -12.90
N SER C 142 20.68 18.43 -11.61
CA SER C 142 20.82 17.37 -10.61
C SER C 142 20.51 17.92 -9.22
N HIS C 143 20.27 17.00 -8.29
CA HIS C 143 19.99 17.30 -6.89
C HIS C 143 18.68 18.08 -6.70
N GLN C 144 17.77 17.97 -7.64
CA GLN C 144 16.56 18.78 -7.63
C GLN C 144 15.51 18.24 -6.67
N ALA C 145 14.75 19.17 -6.10
CA ALA C 145 13.53 18.90 -5.36
C ALA C 145 12.39 19.61 -6.07
N PRO C 146 11.19 19.06 -6.03
CA PRO C 146 10.12 19.65 -6.86
C PRO C 146 9.72 21.00 -6.30
N GLY C 147 9.67 21.99 -7.19
CA GLY C 147 9.35 23.35 -6.78
C GLY C 147 7.98 23.51 -6.14
N ASN C 148 7.01 22.68 -6.53
CA ASN C 148 5.69 22.84 -5.91
C ASN C 148 5.56 22.08 -4.60
N GLU C 149 6.62 21.40 -4.15
CA GLU C 149 6.64 20.75 -2.83
C GLU C 149 7.78 21.20 -1.92
N ALA C 150 8.68 22.06 -2.40
CA ALA C 150 9.91 22.36 -1.66
C ALA C 150 10.42 23.75 -2.02
N HIS C 151 10.88 24.49 -1.01
CA HIS C 151 11.57 25.74 -1.27
C HIS C 151 13.01 25.50 -1.73
N TYR C 152 13.82 24.80 -0.92
CA TYR C 152 15.22 24.59 -1.25
C TYR C 152 15.37 23.50 -2.31
N THR C 153 16.50 23.56 -3.02
CA THR C 153 16.84 22.62 -4.09
C THR C 153 18.37 22.64 -4.20
N GLY C 154 18.94 21.51 -4.62
CA GLY C 154 20.38 21.40 -4.79
C GLY C 154 21.14 21.38 -3.46
N LEU C 155 22.45 21.25 -3.58
CA LEU C 155 23.28 21.32 -2.40
C LEU C 155 23.74 22.75 -2.20
N HIS C 156 24.08 23.06 -0.95
CA HIS C 156 24.45 24.42 -0.59
C HIS C 156 25.78 24.38 0.15
N ALA C 157 26.78 25.00 -0.45
CA ALA C 157 28.10 25.01 0.17
C ALA C 157 28.05 25.87 1.41
N CYS C 158 28.30 25.25 2.54
CA CYS C 158 28.18 25.91 3.84
C CYS C 158 29.01 25.05 4.79
N THR C 159 30.21 25.53 5.11
CA THR C 159 31.18 24.65 5.74
C THR C 159 30.82 24.40 7.20
N GLN C 160 31.47 23.38 7.76
CA GLN C 160 31.36 23.10 9.19
C GLN C 160 31.78 24.31 10.01
N THR C 161 32.83 24.99 9.58
CA THR C 161 33.24 26.23 10.25
C THR C 161 32.09 27.23 10.27
N GLU C 162 31.43 27.43 9.12
CA GLU C 162 30.33 28.40 9.06
C GLU C 162 29.09 27.88 9.79
N VAL C 163 28.87 26.57 9.85
CA VAL C 163 27.76 26.08 10.65
C VAL C 163 28.02 26.28 12.13
N GLU C 164 29.26 26.00 12.58
CA GLU C 164 29.62 26.25 13.97
C GLU C 164 29.54 27.73 14.31
N HIS C 165 29.98 28.60 13.40
CA HIS C 165 29.88 30.05 13.65
C HIS C 165 28.44 30.45 13.91
N LEU C 166 27.53 29.98 13.07
CA LEU C 166 26.16 30.47 13.19
C LEU C 166 25.46 29.83 14.38
N LEU C 167 25.78 28.58 14.69
CA LEU C 167 25.15 27.97 15.87
C LEU C 167 25.72 28.57 17.15
N ILE C 168 27.04 28.84 17.20
CA ILE C 168 27.61 29.54 18.35
C ILE C 168 26.95 30.91 18.54
N ARG C 169 26.61 31.60 17.45
CA ARG C 169 25.98 32.90 17.63
C ARG C 169 24.51 32.76 18.02
N ASP C 170 23.87 31.66 17.63
CA ASP C 170 22.51 31.48 18.12
C ASP C 170 22.47 31.22 19.63
N LEU C 171 23.45 30.47 20.14
CA LEU C 171 23.51 30.23 21.59
C LEU C 171 23.80 31.52 22.36
N ILE C 172 24.73 32.35 21.87
CA ILE C 172 24.98 33.67 22.46
C ILE C 172 23.70 34.49 22.54
N ARG C 173 22.77 34.31 21.60
CA ARG C 173 21.52 35.06 21.69
C ARG C 173 20.65 34.54 22.83
N HIS C 174 20.81 33.29 23.22
CA HIS C 174 20.06 32.78 24.36
C HIS C 174 20.87 32.88 25.66
N ASP C 175 22.00 33.59 25.63
CA ASP C 175 22.91 33.74 26.77
C ASP C 175 23.52 32.40 27.21
N ILE C 176 23.85 31.56 26.24
CA ILE C 176 24.61 30.32 26.47
C ILE C 176 25.95 30.48 25.78
N LEU C 177 27.02 30.17 26.48
CA LEU C 177 28.33 30.01 25.88
C LEU C 177 28.75 28.54 25.95
N VAL C 178 29.67 28.15 25.07
CA VAL C 178 30.26 26.82 25.11
C VAL C 178 31.42 26.83 26.11
N GLU C 179 31.39 25.91 27.06
CA GLU C 179 32.40 25.85 28.11
C GLU C 179 33.66 25.19 27.56
N ARG C 180 34.69 26.01 27.34
CA ARG C 180 35.95 25.67 26.73
C ARG C 180 37.09 26.22 27.57
N PRO C 181 38.24 25.55 27.57
CA PRO C 181 38.34 24.20 27.03
C PRO C 181 38.11 23.26 28.18
N CYS C 182 36.97 22.61 28.22
CA CYS C 182 36.56 21.86 29.39
C CYS C 182 36.19 20.44 29.00
N THR C 183 36.65 19.48 29.80
CA THR C 183 36.53 18.06 29.51
C THR C 183 35.60 17.40 30.51
N ALA C 184 34.64 16.63 30.01
CA ALA C 184 33.85 15.72 30.83
C ALA C 184 34.75 14.52 31.16
N THR C 185 35.37 14.55 32.34
CA THR C 185 36.26 13.46 32.74
C THR C 185 35.47 12.19 33.01
N SER C 186 34.37 12.28 33.76
CA SER C 186 33.53 11.11 34.00
C SER C 186 32.16 11.57 34.49
N TYR C 187 31.27 10.59 34.65
CA TYR C 187 29.91 10.90 35.06
C TYR C 187 29.30 9.70 35.79
N THR C 188 28.29 10.00 36.60
CA THR C 188 27.52 8.99 37.31
C THR C 188 26.06 9.05 36.89
N PHE C 189 25.41 7.89 36.91
CA PHE C 189 23.96 7.82 36.65
C PHE C 189 23.37 6.83 37.64
N ASP C 190 22.56 7.33 38.59
CA ASP C 190 21.88 6.49 39.56
C ASP C 190 20.76 5.71 38.90
N GLU C 191 21.06 4.48 38.48
CA GLU C 191 20.08 3.65 37.79
C GLU C 191 19.00 3.12 38.74
N GLU C 192 19.19 3.22 40.04
CA GLU C 192 18.26 2.64 41.00
C GLU C 192 17.49 3.69 41.79
N ALA C 195 15.46 6.00 41.95
CA ALA C 195 14.78 6.38 43.19
C ALA C 195 13.71 7.43 42.91
N SER C 196 13.52 7.74 41.63
CA SER C 196 12.68 8.86 41.18
C SER C 196 13.15 10.20 41.78
N VAL C 197 14.48 10.41 41.78
CA VAL C 197 15.05 11.73 42.02
C VAL C 197 15.02 12.51 40.72
N THR C 198 14.87 13.84 40.82
CA THR C 198 14.78 14.65 39.62
C THR C 198 16.05 14.59 38.78
N HIS C 199 17.22 14.59 39.44
CA HIS C 199 18.50 14.85 38.76
C HIS C 199 19.49 13.72 39.02
N PRO C 200 19.29 12.57 38.38
CA PRO C 200 20.03 11.35 38.72
C PRO C 200 21.37 11.21 38.02
N ILE C 201 21.79 12.19 37.22
CA ILE C 201 23.10 12.21 36.57
C ILE C 201 23.92 13.33 37.20
N THR C 202 25.21 13.06 37.42
CA THR C 202 26.16 14.13 37.65
C THR C 202 27.39 13.88 36.79
N VAL C 203 28.03 14.98 36.38
CA VAL C 203 29.18 14.96 35.50
C VAL C 203 30.29 15.74 36.18
N ASN C 204 31.51 15.23 36.09
CA ASN C 204 32.69 15.88 36.63
C ASN C 204 33.41 16.55 35.48
N ILE C 205 33.76 17.82 35.64
CA ILE C 205 34.28 18.65 34.56
C ILE C 205 35.59 19.28 35.01
N THR C 206 36.61 19.15 34.17
CA THR C 206 37.93 19.76 34.40
C THR C 206 38.21 20.81 33.34
N ASN C 207 38.41 22.04 33.77
CA ASN C 207 38.90 23.07 32.85
C ASN C 207 40.35 22.73 32.52
N GLU C 208 40.65 22.53 31.23
CA GLU C 208 42.01 22.18 30.82
C GLU C 208 42.92 23.39 30.70
N ALA C 209 42.42 24.58 30.96
CA ALA C 209 43.23 25.79 30.94
C ALA C 209 43.53 26.32 32.33
N THR C 210 42.56 26.22 33.25
CA THR C 210 42.68 26.77 34.60
C THR C 210 42.71 25.67 35.66
N GLY C 211 42.72 24.41 35.27
CA GLY C 211 42.75 23.31 36.23
C GLY C 211 41.53 23.17 37.14
N ALA C 212 40.61 24.14 37.12
CA ALA C 212 39.44 24.10 37.99
C ALA C 212 38.53 22.92 37.65
N GLU C 213 37.99 22.30 38.69
CA GLU C 213 37.05 21.19 38.57
C GLU C 213 35.68 21.62 39.07
N GLU C 214 34.66 20.83 38.72
CA GLU C 214 33.28 21.19 39.01
C GLU C 214 32.41 19.96 38.80
N VAL C 215 31.36 19.87 39.60
CA VAL C 215 30.34 18.84 39.42
C VAL C 215 29.13 19.54 38.86
N VAL C 216 28.39 18.85 38.01
CA VAL C 216 27.15 19.36 37.45
C VAL C 216 26.14 18.23 37.51
N THR C 217 25.01 18.47 38.14
CA THR C 217 23.96 17.47 38.19
C THR C 217 22.91 17.79 37.13
N ALA C 218 22.35 16.75 36.54
CA ALA C 218 21.62 16.94 35.30
C ALA C 218 20.49 15.94 35.21
N ARG C 219 19.38 16.33 34.59
CA ARG C 219 18.32 15.36 34.40
C ARG C 219 18.63 14.39 33.26
N PHE C 220 19.25 14.90 32.20
CA PHE C 220 19.53 14.11 31.03
C PHE C 220 20.87 14.54 30.48
N LEU C 221 21.58 13.60 29.86
CA LEU C 221 22.90 13.86 29.32
C LEU C 221 22.90 13.49 27.84
N VAL C 222 23.58 14.31 27.05
CA VAL C 222 23.70 14.10 25.61
C VAL C 222 25.17 13.95 25.28
N GLY C 223 25.52 12.76 24.77
CA GLY C 223 26.86 12.46 24.33
C GLY C 223 27.00 12.72 22.85
N SER C 224 27.38 13.95 22.52
CA SER C 224 27.67 14.34 21.15
C SER C 224 29.16 14.63 21.09
N ASP C 225 29.96 13.65 21.52
CA ASP C 225 31.37 13.85 21.74
C ASP C 225 32.24 13.19 20.66
N GLY C 226 31.64 12.79 19.54
CA GLY C 226 32.45 12.44 18.38
C GLY C 226 32.64 10.95 18.20
N ALA C 227 33.52 10.60 17.27
CA ALA C 227 33.67 9.20 16.90
C ALA C 227 34.28 8.37 18.04
N HIS C 228 35.20 8.95 18.82
CA HIS C 228 35.80 8.26 19.97
C HIS C 228 35.13 8.65 21.27
N SER C 229 33.81 8.58 21.29
CA SER C 229 33.03 9.14 22.39
C SER C 229 33.24 8.36 23.69
N MET C 230 33.88 9.03 24.66
CA MET C 230 33.94 8.49 26.02
C MET C 230 32.57 8.05 26.51
N ILE C 231 31.51 8.74 26.09
CA ILE C 231 30.18 8.41 26.61
C ILE C 231 29.69 7.08 26.04
N ARG C 232 29.91 6.83 24.75
CA ARG C 232 29.44 5.57 24.17
C ARG C 232 30.18 4.39 24.77
N LYS C 233 31.50 4.52 24.93
CA LYS C 233 32.36 3.43 25.36
C LYS C 233 32.10 3.01 26.80
N SER C 234 31.42 3.87 27.57
CA SER C 234 31.06 3.63 28.97
C SER C 234 29.74 2.89 29.14
N LEU C 235 29.08 2.54 28.05
CA LEU C 235 27.77 1.92 28.05
C LEU C 235 27.83 0.59 27.32
N PRO C 236 26.89 -0.36 27.63
CA PRO C 236 26.86 -1.64 26.91
C PRO C 236 26.39 -1.45 25.48
N ILE C 237 27.10 -0.56 24.78
CA ILE C 237 26.87 -0.22 23.39
C ILE C 237 28.14 -0.57 22.65
N GLU C 238 28.02 -1.33 21.58
CA GLU C 238 29.21 -1.50 20.77
C GLU C 238 29.00 -0.88 19.40
N PHE C 239 30.11 -0.75 18.70
CA PHE C 239 30.27 0.15 17.57
C PHE C 239 30.83 -0.66 16.40
N PRO C 240 30.12 -1.68 15.94
CA PRO C 240 30.65 -2.55 14.89
C PRO C 240 30.80 -1.83 13.56
N GLY C 241 31.67 -2.38 12.72
CA GLY C 241 31.85 -1.83 11.39
C GLY C 241 33.11 -2.31 10.68
N VAL C 242 33.07 -2.29 9.36
CA VAL C 242 34.20 -2.71 8.54
C VAL C 242 35.13 -1.52 8.35
N LYS C 243 36.37 -1.65 8.84
CA LYS C 243 37.42 -0.65 8.68
C LYS C 243 38.39 -1.15 7.62
N THR C 244 38.47 -0.42 6.51
CA THR C 244 38.94 -0.99 5.26
C THR C 244 40.34 -0.49 4.87
N ASP C 245 40.78 -0.82 3.66
CA ASP C 245 42.14 -0.40 3.25
C ASP C 245 42.06 0.76 2.26
N LEU C 246 40.88 1.37 2.13
CA LEU C 246 40.71 2.38 1.10
C LEU C 246 40.94 3.77 1.67
N HIS C 247 41.76 4.55 0.98
CA HIS C 247 42.08 5.90 1.43
C HIS C 247 41.79 6.91 0.33
N TRP C 248 41.43 8.11 0.76
CA TRP C 248 41.08 9.21 -0.14
C TRP C 248 41.88 10.44 0.29
N GLY C 249 42.73 10.93 -0.61
CA GLY C 249 43.30 12.25 -0.40
C GLY C 249 42.25 13.32 -0.67
N ILE C 250 42.26 14.36 0.16
CA ILE C 250 41.29 15.44 0.10
C ILE C 250 42.02 16.78 0.15
N VAL C 251 41.78 17.63 -0.84
CA VAL C 251 42.44 18.93 -0.89
C VAL C 251 41.44 20.04 -1.24
N ASP C 252 41.46 21.12 -0.45
CA ASP C 252 40.71 22.34 -0.68
C ASP C 252 41.69 23.40 -1.15
N ALA C 253 41.45 24.01 -2.31
CA ALA C 253 42.33 25.08 -2.78
C ALA C 253 41.71 25.79 -3.97
N VAL C 254 42.32 26.90 -4.34
CA VAL C 254 42.04 27.56 -5.61
C VAL C 254 42.96 26.91 -6.65
N ILE C 255 42.37 26.28 -7.65
CA ILE C 255 43.10 25.43 -8.59
C ILE C 255 42.78 25.87 -10.01
N ASN C 256 43.79 26.36 -10.73
CA ASN C 256 43.61 26.64 -12.16
C ASN C 256 43.55 25.32 -12.94
N SER C 257 42.72 25.30 -13.98
CA SER C 257 42.58 24.11 -14.79
C SER C 257 41.86 24.49 -16.07
N ASP C 258 42.19 23.79 -17.16
CA ASP C 258 41.46 23.95 -18.40
C ASP C 258 40.35 22.92 -18.56
N PHE C 259 40.11 22.10 -17.54
CA PHE C 259 38.92 21.26 -17.44
C PHE C 259 37.71 22.01 -17.99
N PRO C 260 37.03 21.48 -19.01
CA PRO C 260 35.89 22.21 -19.60
C PRO C 260 34.79 22.55 -18.62
N HIS C 261 34.68 21.85 -17.49
CA HIS C 261 33.57 22.13 -16.58
C HIS C 261 34.02 22.66 -15.22
N ARG C 262 35.14 23.36 -15.18
CA ARG C 262 35.63 23.93 -13.92
C ARG C 262 34.69 25.03 -13.42
N TRP C 263 34.14 24.87 -12.21
CA TRP C 263 34.12 23.60 -11.45
C TRP C 263 32.67 23.12 -11.32
N THR C 264 32.43 21.85 -11.58
CA THR C 264 31.10 21.27 -11.50
C THR C 264 31.18 20.01 -10.65
N PHE C 265 30.17 19.83 -9.79
CA PHE C 265 30.07 18.64 -8.98
C PHE C 265 30.16 17.37 -9.84
N GLY C 266 30.91 16.39 -9.35
CA GLY C 266 30.86 15.14 -10.05
C GLY C 266 32.15 14.35 -9.91
N THR C 267 32.36 13.49 -10.91
CA THR C 267 33.38 12.45 -10.84
C THR C 267 34.15 12.43 -12.15
N VAL C 268 35.46 12.28 -12.04
CA VAL C 268 36.32 12.06 -13.18
C VAL C 268 36.99 10.72 -12.97
N LEU C 269 36.61 9.76 -13.79
CA LEU C 269 37.10 8.41 -13.67
C LEU C 269 38.20 8.24 -14.71
N ASN C 270 39.32 7.67 -14.29
CA ASN C 270 40.39 7.28 -15.20
C ASN C 270 40.66 5.81 -14.97
N SER C 271 40.48 5.00 -16.00
CA SER C 271 40.63 3.56 -15.81
C SER C 271 42.06 3.19 -15.42
N GLU C 272 43.06 3.93 -15.89
CA GLU C 272 44.43 3.58 -15.48
C GLU C 272 44.70 3.98 -14.03
N TYR C 273 44.26 5.17 -13.62
CA TYR C 273 44.73 5.81 -12.40
C TYR C 273 43.67 5.99 -11.30
N GLY C 274 42.42 5.62 -11.54
CA GLY C 274 41.40 5.78 -10.52
C GLY C 274 40.57 7.04 -10.68
N GLY C 275 39.77 7.30 -9.65
CA GLY C 275 38.79 8.35 -9.75
C GLY C 275 38.98 9.59 -8.90
N CYS C 276 38.41 10.70 -9.36
CA CYS C 276 38.31 11.90 -8.55
C CYS C 276 36.86 12.34 -8.41
N LEU C 277 36.53 12.91 -7.26
CA LEU C 277 35.23 13.54 -7.01
C LEU C 277 35.44 15.04 -6.83
N ILE C 278 34.62 15.85 -7.52
CA ILE C 278 34.76 17.31 -7.53
C ILE C 278 33.63 17.94 -6.74
N ILE C 279 33.97 18.85 -5.84
CA ILE C 279 32.99 19.65 -5.09
C ILE C 279 33.30 21.14 -5.28
N PRO C 280 32.48 21.89 -6.02
CA PRO C 280 32.62 23.35 -6.05
C PRO C 280 32.52 23.95 -4.65
N ARG C 281 33.28 25.02 -4.43
CA ARG C 281 33.37 25.66 -3.12
C ARG C 281 33.35 27.17 -3.27
N GLU C 282 33.15 27.84 -2.14
CA GLU C 282 33.10 29.30 -2.06
C GLU C 282 34.45 29.89 -2.48
N ARG C 283 34.44 31.20 -2.77
CA ARG C 283 35.66 32.00 -2.98
C ARG C 283 36.61 31.37 -4.02
N ASN C 284 36.06 30.73 -5.05
CA ASN C 284 36.79 30.18 -6.20
C ASN C 284 37.65 28.98 -5.84
N MET C 285 37.34 28.33 -4.73
CA MET C 285 37.99 27.09 -4.38
C MET C 285 37.23 25.92 -4.96
N VAL C 286 37.89 24.78 -4.97
CA VAL C 286 37.31 23.48 -5.23
C VAL C 286 37.81 22.52 -4.15
N ARG C 287 37.01 21.52 -3.83
CA ARG C 287 37.51 20.40 -3.06
C ARG C 287 37.61 19.17 -3.96
N LEU C 288 38.80 18.55 -3.99
CA LEU C 288 39.05 17.34 -4.77
C LEU C 288 39.32 16.17 -3.84
N TYR C 289 38.51 15.12 -3.96
CA TYR C 289 38.83 13.80 -3.44
C TYR C 289 39.55 13.00 -4.53
N VAL C 290 40.65 12.32 -4.19
CA VAL C 290 41.25 11.39 -5.14
C VAL C 290 41.60 10.09 -4.44
N GLN C 291 41.41 8.97 -5.15
CA GLN C 291 41.65 7.65 -4.59
C GLN C 291 43.14 7.44 -4.35
N LEU C 292 43.47 6.87 -3.19
CA LEU C 292 44.85 6.63 -2.82
C LEU C 292 44.98 5.15 -2.46
N ARG C 293 45.65 4.40 -3.32
CA ARG C 293 45.86 2.98 -3.10
C ARG C 293 47.29 2.72 -2.64
N ALA C 294 47.45 1.71 -1.80
CA ALA C 294 48.76 1.33 -1.28
C ALA C 294 49.45 0.37 -2.23
N GLU C 295 50.78 0.42 -2.22
CA GLU C 295 51.58 -0.52 -3.01
C GLU C 295 51.14 -1.95 -2.71
N PRO C 296 51.14 -2.86 -3.74
CA PRO C 296 50.58 -4.22 -3.56
C PRO C 296 50.95 -4.95 -2.27
N GLY C 297 52.24 -5.16 -2.01
CA GLY C 297 52.62 -5.91 -0.83
C GLY C 297 52.41 -5.12 0.45
N LYS C 298 52.83 -3.86 0.40
CA LYS C 298 52.91 -2.97 1.58
C LYS C 298 51.56 -2.47 2.12
N ALA C 299 51.64 -1.77 3.25
CA ALA C 299 50.51 -1.07 3.83
C ALA C 299 50.57 0.40 3.42
N PHE C 300 49.41 1.06 3.49
CA PHE C 300 49.29 2.44 3.03
C PHE C 300 50.23 3.36 3.81
N ASP C 301 51.01 4.17 3.08
CA ASP C 301 52.03 5.03 3.67
C ASP C 301 51.61 6.52 3.57
N HIS C 302 51.08 7.06 4.67
CA HIS C 302 50.64 8.45 4.69
C HIS C 302 51.77 9.43 4.41
N SER C 303 53.01 9.03 4.66
CA SER C 303 54.14 9.96 4.47
C SER C 303 54.33 10.32 3.01
N LYS C 304 53.76 9.52 2.10
CA LYS C 304 54.00 9.70 0.67
C LYS C 304 53.12 10.77 0.04
N TRP C 305 52.15 11.33 0.77
CA TRP C 305 51.02 12.03 0.15
C TRP C 305 50.83 13.45 0.69
N GLY C 306 51.50 14.41 0.07
CA GLY C 306 51.29 15.80 0.35
C GLY C 306 50.38 16.43 -0.69
N PRO C 307 49.96 17.68 -0.45
CA PRO C 307 49.17 18.39 -1.46
C PRO C 307 49.81 18.36 -2.83
N GLU C 308 51.14 18.48 -2.91
CA GLU C 308 51.81 18.45 -4.20
C GLU C 308 51.69 17.08 -4.85
N GLU C 309 51.91 16.02 -4.08
CA GLU C 309 51.90 14.69 -4.65
C GLU C 309 50.50 14.31 -5.14
N ILE C 310 49.46 14.60 -4.37
CA ILE C 310 48.14 14.21 -4.86
C ILE C 310 47.72 15.09 -6.04
N LEU C 311 48.33 16.27 -6.20
CA LEU C 311 48.11 17.03 -7.42
C LEU C 311 48.70 16.32 -8.64
N VAL C 312 49.80 15.59 -8.44
CA VAL C 312 50.43 14.88 -9.55
C VAL C 312 49.56 13.71 -10.00
N ILE C 313 48.96 12.98 -9.06
CA ILE C 313 48.06 11.91 -9.48
C ILE C 313 46.73 12.48 -9.99
N LEU C 314 46.33 13.67 -9.52
CA LEU C 314 45.13 14.31 -10.07
C LEU C 314 45.34 14.69 -11.53
N ASN C 315 46.51 15.25 -11.85
CA ASN C 315 46.80 15.58 -13.24
C ASN C 315 46.80 14.36 -14.13
N LYS C 316 47.03 13.18 -13.56
CA LYS C 316 46.94 11.94 -14.33
C LYS C 316 45.48 11.50 -14.50
N VAL C 317 44.65 11.68 -13.47
CA VAL C 317 43.25 11.26 -13.60
C VAL C 317 42.49 12.19 -14.55
N PHE C 318 42.83 13.47 -14.57
CA PHE C 318 42.17 14.45 -15.40
C PHE C 318 42.71 14.51 -16.82
N ALA C 319 43.78 13.80 -17.13
CA ALA C 319 44.33 13.84 -18.48
C ALA C 319 43.21 13.65 -19.50
N PRO C 320 43.23 14.40 -20.62
CA PRO C 320 44.22 15.40 -21.07
C PRO C 320 44.18 16.79 -20.41
N TYR C 321 43.31 17.06 -19.45
CA TYR C 321 43.24 18.38 -18.84
C TYR C 321 44.22 18.49 -17.68
N THR C 322 44.71 19.71 -17.47
CA THR C 322 45.77 20.05 -16.54
C THR C 322 45.21 20.82 -15.35
N LEU C 323 45.82 20.61 -14.18
CA LEU C 323 45.48 21.29 -12.92
C LEU C 323 46.73 21.95 -12.37
N SER C 324 46.59 23.00 -11.57
CA SER C 324 47.75 23.70 -10.96
C SER C 324 47.25 24.59 -9.83
N TYR C 325 47.94 24.59 -8.70
CA TYR C 325 47.57 25.47 -7.60
C TYR C 325 47.86 26.92 -7.96
N ALA C 326 46.88 27.79 -7.72
CA ALA C 326 47.06 29.22 -7.85
C ALA C 326 47.26 29.91 -6.53
N GLU C 327 47.16 29.20 -5.41
CA GLU C 327 47.17 29.80 -4.08
C GLU C 327 47.62 28.76 -3.09
N PRO C 328 48.06 29.19 -1.91
CA PRO C 328 48.39 28.21 -0.85
C PRO C 328 47.19 27.35 -0.49
N VAL C 329 47.48 26.16 0.04
CA VAL C 329 46.47 25.19 0.42
C VAL C 329 45.51 25.77 1.43
N ASP C 330 44.21 25.52 1.25
CA ASP C 330 43.26 25.94 2.27
C ASP C 330 43.06 24.82 3.29
N TRP C 331 42.97 23.59 2.83
CA TRP C 331 42.83 22.43 3.69
C TRP C 331 43.34 21.20 2.95
N TYR C 332 43.91 20.27 3.71
CA TYR C 332 44.37 18.99 3.17
C TYR C 332 44.30 17.93 4.27
N THR C 333 43.95 16.70 3.89
CA THR C 333 44.00 15.55 4.80
C THR C 333 43.95 14.28 3.97
N ILE C 334 44.22 13.15 4.64
CA ILE C 334 43.98 11.83 4.08
C ILE C 334 43.03 11.12 5.02
N LEU C 335 41.93 10.58 4.48
CA LEU C 335 40.87 10.04 5.31
C LEU C 335 40.67 8.56 5.01
N THR C 336 40.49 7.79 6.10
CA THR C 336 40.38 6.35 6.06
C THR C 336 38.92 5.93 6.17
N ILE C 337 38.43 5.22 5.15
CA ILE C 337 37.03 4.79 5.09
C ILE C 337 36.73 3.79 6.20
N ASN C 338 36.01 4.26 7.22
CA ASN C 338 35.70 3.47 8.41
C ASN C 338 34.24 3.72 8.80
N GLU C 339 33.32 2.85 8.34
CA GLU C 339 31.91 3.03 8.62
C GLU C 339 31.49 2.19 9.83
N ARG C 340 30.72 2.81 10.72
CA ARG C 340 30.38 2.24 12.03
C ARG C 340 29.01 2.74 12.49
N VAL C 341 28.27 1.90 13.20
CA VAL C 341 26.98 2.28 13.75
C VAL C 341 26.80 1.66 15.14
N ALA C 342 26.41 2.49 16.12
CA ALA C 342 26.17 1.98 17.47
C ALA C 342 25.01 0.98 17.49
N THR C 343 25.08 0.01 18.41
CA THR C 343 23.99 -0.95 18.48
C THR C 343 22.74 -0.36 19.10
N SER C 344 22.87 0.70 19.91
CA SER C 344 21.73 1.53 20.30
C SER C 344 22.20 2.98 20.46
N PHE C 345 21.23 3.90 20.42
CA PHE C 345 21.52 5.31 20.51
C PHE C 345 21.11 5.91 21.85
N THR C 346 20.35 5.18 22.65
CA THR C 346 19.81 5.65 23.91
C THR C 346 20.23 4.70 25.02
N TYR C 347 19.84 5.06 26.24
CA TYR C 347 20.17 4.24 27.40
C TYR C 347 19.33 4.59 28.61
N LYS C 348 18.38 3.72 28.95
CA LYS C 348 17.48 3.92 30.10
C LYS C 348 16.75 5.27 30.01
N ASP C 349 16.50 5.73 28.78
CA ASP C 349 15.81 7.01 28.53
C ASP C 349 16.42 8.16 29.32
N ARG C 350 17.74 8.12 29.52
CA ARG C 350 18.42 9.15 30.29
C ARG C 350 19.75 9.59 29.69
N ILE C 351 20.37 8.81 28.83
CA ILE C 351 21.63 9.16 28.19
C ILE C 351 21.41 8.95 26.69
N PHE C 352 21.86 9.91 25.89
CA PHE C 352 21.52 9.90 24.47
C PHE C 352 22.74 10.24 23.64
N LEU C 353 22.96 9.47 22.59
CA LEU C 353 24.00 9.75 21.63
C LEU C 353 23.43 10.35 20.35
N ALA C 354 24.24 11.17 19.72
CA ALA C 354 23.82 11.79 18.47
C ALA C 354 25.08 12.22 17.74
N GLY C 355 25.07 12.05 16.43
CA GLY C 355 26.15 12.50 15.58
C GLY C 355 27.20 11.43 15.41
N ASP C 356 28.46 11.83 15.35
CA ASP C 356 29.54 10.88 15.13
C ASP C 356 29.63 9.82 16.22
N SER C 357 29.06 10.06 17.39
CA SER C 357 29.19 9.11 18.47
C SER C 357 28.36 7.84 18.27
N CYS C 358 27.45 7.81 17.30
CA CYS C 358 26.71 6.59 17.00
C CYS C 358 26.69 6.26 15.52
N HIS C 359 27.31 7.06 14.67
CA HIS C 359 27.57 6.65 13.31
C HIS C 359 28.65 7.53 12.71
N VAL C 360 29.57 6.90 12.01
CA VAL C 360 30.52 7.59 11.14
C VAL C 360 30.42 6.96 9.76
N HIS C 361 30.64 7.78 8.74
CA HIS C 361 30.53 7.35 7.36
C HIS C 361 31.69 7.95 6.58
N SER C 362 31.85 7.50 5.34
CA SER C 362 32.80 8.13 4.43
C SER C 362 32.33 9.54 4.10
N ALA C 363 33.30 10.47 4.06
CA ALA C 363 33.02 11.87 3.74
C ALA C 363 32.33 12.04 2.40
N LYS C 364 32.67 11.17 1.43
CA LYS C 364 32.11 11.24 0.08
C LYS C 364 30.59 11.35 0.07
N GLY C 365 29.90 10.74 1.04
CA GLY C 365 28.46 10.89 1.10
C GLY C 365 27.97 12.23 1.62
N ALA C 366 28.86 13.07 2.15
CA ALA C 366 28.55 14.30 2.87
C ALA C 366 27.66 14.06 4.09
N PHE C 367 27.41 12.78 4.43
CA PHE C 367 26.41 12.38 5.41
C PHE C 367 26.68 12.91 6.80
N GLY C 368 27.96 12.99 7.19
CA GLY C 368 28.34 13.26 8.56
C GLY C 368 27.62 14.44 9.18
N MET C 369 27.87 15.64 8.65
CA MET C 369 27.19 16.83 9.16
C MET C 369 25.69 16.76 8.92
N ASN C 370 25.24 16.18 7.81
CA ASN C 370 23.82 16.26 7.48
C ASN C 370 22.97 15.35 8.36
N THR C 371 23.33 14.06 8.47
CA THR C 371 22.52 13.20 9.34
C THR C 371 22.74 13.53 10.81
N GLY C 372 23.88 14.16 11.14
CA GLY C 372 24.10 14.59 12.49
C GLY C 372 23.15 15.70 12.89
N VAL C 373 23.05 16.72 12.06
CA VAL C 373 22.11 17.80 12.36
C VAL C 373 20.70 17.23 12.44
N MET C 374 20.36 16.28 11.58
CA MET C 374 19.02 15.72 11.63
C MET C 374 18.83 14.80 12.84
N ASP C 375 19.91 14.13 13.32
CA ASP C 375 19.83 13.43 14.61
C ASP C 375 19.46 14.39 15.71
N ALA C 376 20.18 15.52 15.79
CA ALA C 376 19.95 16.47 16.87
C ALA C 376 18.53 16.99 16.82
N HIS C 377 18.03 17.28 15.63
CA HIS C 377 16.69 17.82 15.46
C HIS C 377 15.65 16.79 15.93
N ASN C 378 15.75 15.56 15.41
CA ASN C 378 14.93 14.44 15.89
C ASN C 378 15.01 14.30 17.42
N LEU C 379 16.23 14.22 17.94
CA LEU C 379 16.44 14.12 19.38
C LEU C 379 15.74 15.23 20.16
N ALA C 380 15.93 16.47 19.75
CA ALA C 380 15.74 17.59 20.67
C ALA C 380 14.28 17.80 21.02
N TRP C 381 13.38 17.69 20.04
CA TRP C 381 11.97 17.90 20.36
C TRP C 381 11.39 16.72 21.13
N LYS C 382 11.88 15.50 20.89
CA LYS C 382 11.48 14.37 21.72
C LYS C 382 12.04 14.53 23.12
N LEU C 383 13.29 14.96 23.23
CA LEU C 383 13.86 15.19 24.55
C LEU C 383 13.06 16.25 25.28
N ALA C 384 12.70 17.34 24.59
CA ALA C 384 12.05 18.46 25.24
C ALA C 384 10.74 18.02 25.87
N MET C 385 9.92 17.31 25.12
CA MET C 385 8.70 16.75 25.66
C MET C 385 8.97 15.80 26.82
N LEU C 386 10.07 15.05 26.79
CA LEU C 386 10.40 14.26 27.98
C LEU C 386 10.64 15.16 29.18
N CYS C 387 11.28 16.32 28.99
CA CYS C 387 11.49 17.25 30.10
C CYS C 387 10.18 17.84 30.60
N ARG C 388 9.17 17.92 29.74
CA ARG C 388 7.87 18.44 30.13
C ARG C 388 7.00 17.41 30.82
N GLY C 389 7.43 16.15 30.89
CA GLY C 389 6.64 15.12 31.53
C GLY C 389 5.62 14.43 30.65
N ILE C 390 5.39 14.89 29.42
CA ILE C 390 4.32 14.32 28.61
C ILE C 390 4.78 13.18 27.70
N ALA C 391 6.06 12.86 27.68
CA ALA C 391 6.57 11.84 26.77
C ALA C 391 6.56 10.45 27.43
N LYS C 392 5.87 9.49 26.80
CA LYS C 392 5.93 8.09 27.18
C LYS C 392 7.19 7.44 26.60
N PRO C 393 7.74 6.41 27.26
CA PRO C 393 8.96 5.76 26.75
C PRO C 393 8.96 5.42 25.27
N SER C 394 7.81 5.18 24.64
CA SER C 394 7.84 4.88 23.21
C SER C 394 8.32 6.08 22.40
N LEU C 395 8.16 7.30 22.92
CA LEU C 395 8.62 8.46 22.18
C LEU C 395 10.13 8.43 22.00
N LEU C 396 10.85 8.21 23.08
CA LEU C 396 12.33 8.21 22.99
C LEU C 396 12.85 6.95 22.32
N ALA C 397 12.08 5.86 22.36
CA ALA C 397 12.45 4.69 21.57
C ALA C 397 12.41 4.99 20.08
N SER C 398 11.41 5.77 19.63
CA SER C 398 11.33 6.13 18.22
C SER C 398 12.52 6.98 17.77
N TYR C 399 13.21 7.66 18.70
CA TYR C 399 14.46 8.28 18.29
C TYR C 399 15.51 7.23 18.00
N ASP C 400 15.64 6.24 18.88
CA ASP C 400 16.69 5.25 18.69
C ASP C 400 16.49 4.47 17.40
N VAL C 401 15.25 4.09 17.09
CA VAL C 401 15.07 3.26 15.91
C VAL C 401 15.06 4.09 14.63
N GLU C 402 14.40 5.26 14.63
CA GLU C 402 14.34 6.07 13.41
C GLU C 402 15.74 6.43 12.94
N ARG C 403 16.62 6.83 13.87
CA ARG C 403 17.94 7.35 13.50
C ARG C 403 19.00 6.26 13.33
N ARG C 404 19.02 5.22 14.16
CA ARG C 404 20.01 4.17 13.91
C ARG C 404 19.72 3.46 12.59
N GLU C 405 18.44 3.16 12.30
CA GLU C 405 18.10 2.56 11.02
C GLU C 405 18.43 3.48 9.86
N ASN C 406 18.18 4.79 10.01
CA ASN C 406 18.61 5.71 8.96
C ASN C 406 20.12 5.69 8.80
N ALA C 407 20.86 5.64 9.92
CA ALA C 407 22.31 5.50 9.82
C ALA C 407 22.69 4.20 9.14
N LEU C 408 21.97 3.11 9.47
CA LEU C 408 22.22 1.81 8.82
C LEU C 408 22.01 1.89 7.30
N ARG C 409 20.96 2.60 6.87
CA ARG C 409 20.71 2.75 5.45
C ARG C 409 21.76 3.62 4.77
N ALA C 410 22.28 4.63 5.46
CA ALA C 410 23.31 5.48 4.86
C ALA C 410 24.58 4.69 4.55
N VAL C 411 24.94 3.74 5.43
CA VAL C 411 26.11 2.89 5.17
C VAL C 411 25.87 1.97 3.98
N ALA C 412 24.67 1.37 3.90
CA ALA C 412 24.32 0.53 2.76
C ALA C 412 24.43 1.28 1.44
N THR C 413 23.90 2.51 1.37
CA THR C 413 24.02 3.30 0.15
C THR C 413 25.48 3.58 -0.20
N SER C 414 26.33 3.73 0.80
CA SER C 414 27.76 3.94 0.60
C SER C 414 28.50 2.66 0.21
N ALA C 415 27.87 1.49 0.36
CA ALA C 415 28.53 0.25 -0.03
C ALA C 415 28.55 0.07 -1.54
N ARG C 416 27.51 0.55 -2.23
CA ARG C 416 27.49 0.50 -3.69
C ARG C 416 28.52 1.45 -4.30
N TYR C 417 28.69 2.61 -3.68
CA TYR C 417 29.76 3.53 -4.08
C TYR C 417 31.14 2.99 -3.72
N LEU C 418 31.22 2.16 -2.67
CA LEU C 418 32.50 1.64 -2.20
C LEU C 418 33.21 0.83 -3.28
N ARG C 419 32.52 -0.16 -3.85
CA ARG C 419 33.12 -0.93 -4.95
C ARG C 419 33.19 -0.09 -6.22
N PHE C 420 32.19 0.76 -6.44
CA PHE C 420 32.26 1.83 -7.44
C PHE C 420 33.52 2.65 -7.19
N GLY C 447 25.20 3.47 -26.90
CA GLY C 447 26.25 2.55 -26.49
C GLY C 447 26.53 2.58 -25.01
N GLU C 448 26.20 1.50 -24.31
CA GLU C 448 26.29 1.49 -22.86
C GLU C 448 27.74 1.31 -22.41
N ASP C 449 28.19 2.20 -21.53
CA ASP C 449 29.45 2.07 -20.80
C ASP C 449 29.13 1.68 -19.35
N LYS C 450 29.76 0.62 -18.86
CA LYS C 450 29.24 -0.07 -17.68
C LYS C 450 29.51 0.68 -16.38
N ASP C 451 30.44 1.63 -16.36
CA ASP C 451 30.66 2.44 -15.16
C ASP C 451 29.78 3.70 -15.14
N VAL C 452 29.46 4.28 -16.30
CA VAL C 452 28.51 5.37 -16.35
C VAL C 452 27.08 4.84 -16.24
N PHE C 453 26.81 3.68 -16.86
CA PHE C 453 25.52 3.02 -16.67
C PHE C 453 25.25 2.79 -15.19
N TYR C 454 26.25 2.35 -14.43
CA TYR C 454 26.05 2.11 -13.00
C TYR C 454 25.80 3.40 -12.22
N PHE C 455 26.45 4.51 -12.61
CA PHE C 455 26.24 5.80 -11.95
C PHE C 455 24.82 6.31 -12.17
N LYS C 456 24.32 6.22 -13.40
CA LYS C 456 22.97 6.69 -13.67
C LYS C 456 21.94 5.87 -12.91
N LYS C 457 22.15 4.56 -12.79
CA LYS C 457 21.29 3.69 -11.98
C LYS C 457 21.30 4.14 -10.52
N PHE C 458 22.49 4.30 -9.96
CA PHE C 458 22.65 4.71 -8.57
C PHE C 458 21.91 6.01 -8.26
N VAL C 459 22.12 7.04 -9.10
CA VAL C 459 21.48 8.35 -8.87
C VAL C 459 19.96 8.21 -8.91
N GLY C 460 19.44 7.46 -9.89
CA GLY C 460 18.00 7.25 -9.94
C GLY C 460 17.45 6.54 -8.72
N GLN C 461 18.27 5.72 -8.07
CA GLN C 461 17.81 4.90 -6.95
C GLN C 461 18.05 5.54 -5.58
N VAL C 462 19.21 6.15 -5.34
CA VAL C 462 19.47 6.78 -4.05
C VAL C 462 19.64 8.30 -4.15
N GLY C 463 19.40 8.88 -5.33
CA GLY C 463 19.53 10.32 -5.46
C GLY C 463 18.72 11.09 -4.43
N ARG C 464 17.45 10.76 -4.29
CA ARG C 464 16.60 11.56 -3.40
C ARG C 464 16.96 11.35 -1.93
N PHE C 465 17.41 10.14 -1.57
CA PHE C 465 17.86 9.93 -0.20
C PHE C 465 19.17 10.67 0.05
N LEU C 466 19.99 10.81 -0.99
CA LEU C 466 21.24 11.56 -0.87
C LEU C 466 21.02 13.05 -0.67
N ILE C 467 19.99 13.64 -1.29
CA ILE C 467 19.62 15.02 -0.96
C ILE C 467 18.71 15.11 0.25
N GLY C 468 18.30 13.98 0.84
CA GLY C 468 17.62 14.00 2.12
C GLY C 468 16.10 14.02 2.10
N LEU C 469 15.47 14.24 0.93
CA LEU C 469 14.02 14.23 0.89
C LEU C 469 13.44 12.83 1.07
N ASP C 470 14.26 11.78 0.89
CA ASP C 470 13.80 10.41 1.03
C ASP C 470 14.20 9.78 2.37
N VAL C 471 14.37 10.60 3.42
CA VAL C 471 14.56 10.02 4.75
C VAL C 471 13.24 9.39 5.16
N ASP C 472 13.29 8.12 5.55
CA ASP C 472 12.13 7.23 5.56
C ASP C 472 12.04 6.46 6.88
N TYR C 473 11.19 6.92 7.80
CA TYR C 473 11.00 6.29 9.10
C TYR C 473 9.95 5.21 9.00
N ALA C 474 10.25 4.04 9.56
CA ALA C 474 9.30 2.95 9.55
C ALA C 474 8.26 3.14 10.65
N GLU C 475 7.19 2.36 10.55
CA GLU C 475 6.10 2.42 11.51
C GLU C 475 6.60 2.24 12.94
N ASN C 476 5.98 2.95 13.86
CA ASN C 476 6.19 2.86 15.32
C ASN C 476 5.06 3.65 15.95
N ALA C 477 5.11 3.84 17.28
CA ALA C 477 4.01 4.54 17.95
C ALA C 477 3.78 5.93 17.36
N LEU C 478 4.84 6.60 16.91
CA LEU C 478 4.72 7.95 16.36
C LEU C 478 4.23 7.95 14.90
N ASN C 479 4.55 6.91 14.14
CA ASN C 479 4.27 6.84 12.71
C ASN C 479 3.21 5.78 12.43
N LYS C 480 1.94 6.19 12.42
CA LYS C 480 0.83 5.29 12.18
C LYS C 480 0.32 5.49 10.76
N LEU C 481 0.64 4.54 9.88
CA LEU C 481 0.14 4.66 8.52
C LEU C 481 -1.38 4.74 8.53
N SER C 482 -1.92 5.57 7.64
CA SER C 482 -3.33 5.77 7.54
C SER C 482 -3.64 5.89 6.06
N PRO C 483 -4.79 5.38 5.62
CA PRO C 483 -5.23 5.63 4.24
C PRO C 483 -6.17 6.81 4.08
N ALA C 484 -6.33 7.66 5.11
CA ALA C 484 -7.23 8.81 5.01
C ALA C 484 -6.84 9.79 3.90
N VAL C 485 -5.57 9.80 3.49
CA VAL C 485 -5.12 10.66 2.39
C VAL C 485 -4.22 9.84 1.48
N SER C 486 -4.09 10.29 0.24
CA SER C 486 -3.52 9.48 -0.85
C SER C 486 -2.00 9.53 -0.93
N ARG C 487 -1.37 10.51 -0.29
CA ARG C 487 0.04 10.83 -0.57
C ARG C 487 0.80 11.08 0.71
N ALA C 488 0.30 11.98 1.55
CA ALA C 488 0.91 12.17 2.86
C ALA C 488 0.99 10.82 3.56
N ARG C 489 2.17 10.47 4.03
CA ARG C 489 2.47 9.12 4.47
C ARG C 489 3.21 9.20 5.80
N ALA C 490 2.70 8.48 6.81
CA ALA C 490 3.33 8.46 8.13
C ALA C 490 4.80 8.12 8.00
N GLY C 491 5.61 8.79 8.81
CA GLY C 491 7.04 8.55 8.82
C GLY C 491 7.82 9.18 7.67
N TYR C 492 7.17 9.96 6.79
CA TYR C 492 7.81 10.55 5.63
C TYR C 492 7.74 12.09 5.73
N ARG C 493 8.58 12.78 4.95
CA ARG C 493 8.60 14.24 4.98
C ARG C 493 7.25 14.83 4.59
N ALA C 494 6.76 15.75 5.42
CA ALA C 494 5.57 16.51 5.04
C ALA C 494 5.88 17.39 3.84
N SER C 495 5.00 17.35 2.85
CA SER C 495 5.36 18.16 1.71
C SER C 495 5.07 19.63 2.04
N ASN C 496 5.75 20.53 1.33
CA ASN C 496 5.74 21.97 1.60
C ASN C 496 5.17 22.73 0.41
N PRO C 497 3.87 22.59 0.14
CA PRO C 497 3.28 23.33 -0.98
C PRO C 497 3.25 24.83 -0.72
N ARG C 498 3.12 25.57 -1.81
CA ARG C 498 2.82 26.99 -1.74
C ARG C 498 1.39 27.19 -1.27
N VAL C 499 1.21 28.10 -0.31
CA VAL C 499 -0.11 28.52 0.15
C VAL C 499 -0.05 30.00 0.47
N ALA C 500 -1.21 30.60 0.65
CA ALA C 500 -1.30 31.99 1.04
C ALA C 500 -1.54 32.03 2.54
N LEU C 501 -0.78 32.87 3.24
CA LEU C 501 -0.92 33.01 4.68
C LEU C 501 -1.72 34.24 5.07
N SER C 502 -1.97 35.13 4.11
CA SER C 502 -2.88 36.27 4.25
C SER C 502 -3.20 36.72 2.83
N ARG C 503 -4.02 37.76 2.71
CA ARG C 503 -4.32 38.25 1.36
C ARG C 503 -3.05 38.65 0.61
N SER C 504 -2.05 39.16 1.33
CA SER C 504 -0.88 39.71 0.66
C SER C 504 0.40 38.90 0.83
N HIS C 505 0.41 37.87 1.66
CA HIS C 505 1.61 37.11 1.94
C HIS C 505 1.41 35.71 1.37
N SER C 506 2.08 35.40 0.27
CA SER C 506 1.94 34.09 -0.37
C SER C 506 3.23 33.33 -0.10
N GLY C 507 3.19 32.41 0.86
CA GLY C 507 4.37 31.69 1.28
C GLY C 507 4.33 30.18 1.08
N ARG C 508 4.67 29.45 2.11
CA ARG C 508 4.83 28.01 2.09
C ARG C 508 4.08 27.42 3.27
N LEU C 509 3.56 26.20 3.09
CA LEU C 509 2.77 25.59 4.17
C LEU C 509 3.59 25.44 5.45
N TYR C 510 4.91 25.19 5.33
CA TYR C 510 5.74 25.03 6.53
C TYR C 510 5.68 26.25 7.44
N HIS C 511 5.41 27.43 6.88
CA HIS C 511 5.33 28.66 7.65
C HIS C 511 4.16 28.68 8.64
N SER C 512 3.10 27.92 8.39
CA SER C 512 1.98 27.84 9.32
C SER C 512 2.23 26.92 10.51
N PHE C 513 3.28 26.10 10.48
CA PHE C 513 3.48 25.05 11.49
C PHE C 513 3.75 25.65 12.87
N GLY C 514 3.59 24.82 13.90
CA GLY C 514 3.81 25.24 15.26
C GLY C 514 5.28 25.24 15.61
N HIS C 515 5.58 25.62 16.86
CA HIS C 515 6.97 25.60 17.32
C HIS C 515 7.42 24.18 17.65
N LEU C 516 8.64 24.04 18.18
CA LEU C 516 9.18 22.69 18.39
C LEU C 516 8.41 21.91 19.43
N GLY C 517 7.59 22.59 20.24
CA GLY C 517 6.77 22.01 21.28
C GLY C 517 5.42 21.52 20.86
N GLN C 518 5.03 21.71 19.60
CA GLN C 518 3.68 21.41 19.16
C GLN C 518 3.72 20.48 17.97
N PHE C 519 2.70 19.64 17.91
CA PHE C 519 2.29 18.98 16.70
C PHE C 519 1.39 19.92 15.92
N THR C 520 1.42 19.78 14.60
CA THR C 520 0.60 20.63 13.77
C THR C 520 -0.57 19.81 13.26
N LEU C 521 -1.78 20.27 13.55
CA LEU C 521 -2.99 19.63 13.06
C LEU C 521 -3.43 20.40 11.81
N LEU C 522 -2.99 19.91 10.67
CA LEU C 522 -3.43 20.44 9.38
C LEU C 522 -4.86 19.98 9.14
N VAL C 523 -5.81 20.88 9.36
CA VAL C 523 -7.22 20.58 9.13
C VAL C 523 -7.56 20.99 7.70
N PHE C 524 -7.54 20.02 6.80
CA PHE C 524 -7.99 20.27 5.43
C PHE C 524 -9.50 20.31 5.40
N ALA C 525 -10.07 21.49 5.11
CA ALA C 525 -11.51 21.67 5.18
C ALA C 525 -12.14 21.94 3.80
N SER C 526 -11.44 21.61 2.71
CA SER C 526 -11.92 21.95 1.37
C SER C 526 -12.32 23.42 1.29
N ASN C 527 -13.44 23.74 0.63
CA ASN C 527 -13.99 25.09 0.70
C ASN C 527 -14.99 25.24 1.82
N MET C 528 -15.05 24.25 2.71
CA MET C 528 -15.94 24.19 3.87
C MET C 528 -17.41 24.10 3.48
N GLY C 529 -17.70 23.68 2.26
CA GLY C 529 -19.07 23.55 1.80
C GLY C 529 -19.35 22.13 1.36
N GLY C 530 -20.52 21.91 0.76
CA GLY C 530 -20.82 20.54 0.35
C GLY C 530 -21.06 19.64 1.56
N ALA C 531 -20.90 18.34 1.31
CA ALA C 531 -21.12 17.35 2.37
C ALA C 531 -20.21 17.62 3.56
N LEU C 532 -18.99 18.09 3.29
CA LEU C 532 -18.00 18.24 4.35
C LEU C 532 -18.39 19.30 5.38
N ASN C 533 -19.27 20.23 5.03
CA ASN C 533 -19.63 21.28 5.99
C ASN C 533 -20.28 20.68 7.23
N ALA C 534 -21.07 19.62 7.06
CA ALA C 534 -21.72 18.99 8.20
C ALA C 534 -20.69 18.29 9.10
N LYS C 535 -19.84 17.43 8.52
CA LYS C 535 -18.77 16.79 9.28
C LYS C 535 -17.89 17.79 10.02
N LEU C 536 -17.58 18.93 9.38
CA LEU C 536 -16.73 19.92 10.05
C LEU C 536 -17.43 20.52 11.26
N HIS C 537 -18.75 20.65 11.22
CA HIS C 537 -19.46 21.16 12.39
C HIS C 537 -19.40 20.15 13.53
N ALA C 538 -19.56 18.86 13.22
CA ALA C 538 -19.30 17.83 14.22
C ALA C 538 -17.89 17.93 14.76
N LEU C 539 -16.92 18.17 13.88
CA LEU C 539 -15.53 18.32 14.29
C LEU C 539 -15.36 19.44 15.29
N ASP C 540 -15.96 20.60 15.01
CA ASP C 540 -15.86 21.75 15.89
C ASP C 540 -16.35 21.42 17.29
N SER C 541 -17.52 20.76 17.40
CA SER C 541 -18.08 20.46 18.72
C SER C 541 -17.26 19.43 19.48
N TYR C 542 -16.71 18.42 18.77
CA TYR C 542 -15.90 17.43 19.44
C TYR C 542 -14.67 18.06 20.08
N LEU C 543 -13.89 18.84 19.31
CA LEU C 543 -12.62 19.33 19.84
C LEU C 543 -12.84 20.34 20.96
N ALA C 544 -13.97 21.03 20.95
CA ALA C 544 -14.18 22.08 21.94
C ALA C 544 -14.38 21.52 23.34
N GLY C 545 -14.73 20.23 23.43
CA GLY C 545 -14.94 19.58 24.71
C GLY C 545 -13.66 19.25 25.42
N PRO C 546 -13.74 19.04 26.74
CA PRO C 546 -12.53 18.90 27.56
C PRO C 546 -11.82 17.55 27.46
N SER C 547 -12.44 16.54 26.83
CA SER C 547 -11.87 15.20 26.70
C SER C 547 -11.51 14.85 25.27
N SER C 548 -11.63 15.80 24.34
CA SER C 548 -11.10 15.64 23.00
C SER C 548 -9.60 15.41 23.06
N PHE C 549 -9.06 14.74 22.04
CA PHE C 549 -7.61 14.51 22.03
C PHE C 549 -6.84 15.81 22.11
N TYR C 550 -7.35 16.87 21.46
CA TYR C 550 -6.66 18.16 21.48
C TYR C 550 -6.48 18.64 22.92
N HIS C 551 -7.57 18.79 23.65
CA HIS C 551 -7.50 19.32 25.01
C HIS C 551 -6.81 18.34 25.96
N ALA C 552 -7.03 17.03 25.76
CA ALA C 552 -6.60 16.03 26.73
C ALA C 552 -5.09 15.89 26.79
N TYR C 553 -4.37 16.25 25.72
CA TYR C 553 -2.93 16.11 25.68
C TYR C 553 -2.22 17.46 25.67
N GLY C 554 -2.86 18.50 26.20
CA GLY C 554 -2.23 19.78 26.40
C GLY C 554 -2.87 20.94 25.66
N GLY C 555 -3.74 20.66 24.69
CA GLY C 555 -4.37 21.73 23.94
C GLY C 555 -3.33 22.55 23.19
N ALA C 556 -3.30 23.85 23.45
CA ALA C 556 -2.41 24.72 22.69
C ALA C 556 -0.94 24.51 23.04
N ASP C 557 -0.62 24.01 24.24
CA ASP C 557 0.77 23.70 24.56
C ASP C 557 1.34 22.54 23.73
N THR C 558 0.51 21.82 23.00
CA THR C 558 0.96 20.64 22.26
C THR C 558 0.52 20.64 20.81
N PHE C 559 -0.48 21.42 20.44
CA PHE C 559 -1.03 21.40 19.10
C PHE C 559 -1.13 22.82 18.58
N LYS C 560 -0.94 22.96 17.29
CA LYS C 560 -1.35 24.15 16.58
C LYS C 560 -2.31 23.73 15.48
N ILE C 561 -3.44 24.39 15.40
CA ILE C 561 -4.48 24.02 14.43
C ILE C 561 -4.38 24.98 13.25
N VAL C 562 -4.17 24.41 12.07
CA VAL C 562 -4.18 25.12 10.81
C VAL C 562 -5.41 24.65 10.03
N VAL C 563 -6.27 25.58 9.68
CA VAL C 563 -7.43 25.31 8.84
C VAL C 563 -7.06 25.67 7.42
N VAL C 564 -6.91 24.66 6.57
CA VAL C 564 -6.50 24.87 5.19
C VAL C 564 -7.78 24.96 4.36
N VAL C 565 -8.12 26.15 3.90
CA VAL C 565 -9.35 26.36 3.17
C VAL C 565 -9.02 26.65 1.70
N ARG C 566 -9.55 25.82 0.81
CA ARG C 566 -9.41 26.04 -0.63
C ARG C 566 -10.52 26.99 -1.10
N ALA C 567 -10.32 28.27 -0.83
CA ALA C 567 -11.28 29.29 -1.19
C ALA C 567 -10.57 30.64 -1.11
N THR C 568 -11.22 31.69 -1.63
CA THR C 568 -10.65 33.02 -1.50
C THR C 568 -10.64 33.44 -0.04
N PRO C 569 -9.71 34.31 0.35
CA PRO C 569 -9.67 34.74 1.76
C PRO C 569 -10.99 35.31 2.27
N SER C 570 -11.76 35.98 1.42
CA SER C 570 -13.04 36.51 1.85
C SER C 570 -14.06 35.39 2.07
N GLN C 571 -14.20 34.51 1.07
CA GLN C 571 -15.05 33.35 1.27
C GLN C 571 -14.65 32.54 2.49
N ALA C 572 -13.34 32.34 2.69
CA ALA C 572 -12.85 31.47 3.77
C ALA C 572 -13.01 32.10 5.15
N ASP C 573 -12.73 33.38 5.30
CA ASP C 573 -12.88 33.98 6.62
C ASP C 573 -14.34 33.98 7.07
N GLN C 574 -15.27 34.19 6.13
CA GLN C 574 -16.68 34.21 6.49
C GLN C 574 -17.14 32.84 6.98
N ARG C 575 -16.73 31.78 6.28
CA ARG C 575 -17.11 30.41 6.63
C ARG C 575 -16.42 29.95 7.91
N VAL C 576 -15.15 30.30 8.10
CA VAL C 576 -14.47 29.90 9.34
C VAL C 576 -15.16 30.53 10.54
N LYS C 577 -15.79 31.68 10.37
CA LYS C 577 -16.52 32.31 11.47
C LYS C 577 -17.72 31.47 11.91
N THR C 578 -18.21 30.55 11.09
CA THR C 578 -19.39 29.77 11.45
C THR C 578 -19.05 28.53 12.27
N PHE C 579 -17.78 28.17 12.40
CA PHE C 579 -17.31 27.10 13.26
C PHE C 579 -16.65 27.74 14.48
N PRO C 580 -17.39 27.94 15.57
CA PRO C 580 -16.85 28.79 16.66
C PRO C 580 -15.50 28.34 17.20
N PHE C 581 -15.26 27.04 17.35
CA PHE C 581 -14.01 26.63 17.96
C PHE C 581 -12.84 26.78 17.00
N LEU C 582 -13.02 26.39 15.73
CA LEU C 582 -11.94 26.57 14.77
C LEU C 582 -11.64 28.05 14.57
N SER C 583 -12.66 28.90 14.64
CA SER C 583 -12.47 30.33 14.44
C SER C 583 -11.59 30.92 15.54
N LYS C 584 -11.79 30.46 16.77
CA LYS C 584 -11.08 31.00 17.92
C LYS C 584 -9.74 30.30 18.16
N ALA C 585 -9.68 28.98 17.91
CA ALA C 585 -8.49 28.21 18.25
C ALA C 585 -7.55 27.99 17.09
N GLY C 586 -8.03 28.10 15.85
CA GLY C 586 -7.27 27.72 14.69
C GLY C 586 -6.73 28.92 13.93
N HIS C 587 -5.95 28.59 12.90
CA HIS C 587 -5.25 29.55 12.08
C HIS C 587 -5.53 29.19 10.63
N THR C 588 -6.12 30.11 9.88
CA THR C 588 -6.56 29.83 8.53
C THR C 588 -5.42 30.10 7.55
N VAL C 589 -5.17 29.15 6.65
CA VAL C 589 -4.34 29.43 5.48
C VAL C 589 -5.19 29.17 4.24
N TYR C 590 -4.81 29.83 3.14
CA TYR C 590 -5.60 29.86 1.91
C TYR C 590 -4.90 29.03 0.85
N ASP C 591 -5.46 27.87 0.56
CA ASP C 591 -4.86 26.95 -0.39
C ASP C 591 -5.37 27.35 -1.77
N ASP C 592 -4.72 28.34 -2.37
CA ASP C 592 -5.23 28.98 -3.58
C ASP C 592 -4.29 28.87 -4.79
N GLN C 593 -3.39 27.91 -4.77
CA GLN C 593 -2.53 27.76 -5.95
C GLN C 593 -3.37 27.20 -7.10
N LEU C 594 -2.83 27.23 -8.29
CA LEU C 594 -3.54 26.60 -9.42
C LEU C 594 -3.52 25.08 -9.25
N PRO C 595 -4.34 24.32 -9.99
CA PRO C 595 -4.36 22.88 -9.85
C PRO C 595 -3.01 22.18 -10.11
N LEU C 596 -2.78 21.10 -9.36
CA LEU C 596 -1.57 20.27 -9.47
C LEU C 596 -1.23 20.01 -10.95
N SER C 597 -0.08 20.53 -11.35
CA SER C 597 0.44 20.53 -12.74
C SER C 597 1.80 21.21 -12.73
N HIS C 598 2.23 21.67 -13.90
CA HIS C 598 3.50 22.40 -13.98
C HIS C 598 3.31 23.89 -13.76
N PHE C 599 2.14 24.32 -13.32
CA PHE C 599 1.75 25.72 -13.04
C PHE C 599 1.23 25.86 -11.63
N GLY C 600 1.08 24.79 -10.88
CA GLY C 600 0.56 24.93 -9.52
C GLY C 600 0.62 23.66 -8.71
N GLY C 601 -0.12 23.65 -7.61
CA GLY C 601 -0.18 22.51 -6.71
C GLY C 601 -0.74 22.93 -5.37
N ASP C 602 -1.99 22.60 -5.13
CA ASP C 602 -2.64 22.97 -3.87
C ASP C 602 -2.28 21.96 -2.80
N ALA C 603 -2.33 22.35 -1.55
CA ALA C 603 -2.01 21.42 -0.45
C ALA C 603 -3.00 20.24 -0.49
N HIS C 604 -4.28 20.49 -0.73
CA HIS C 604 -5.27 19.39 -0.79
C HIS C 604 -4.84 18.35 -1.83
N ALA C 605 -4.46 18.78 -3.02
CA ALA C 605 -4.05 17.80 -4.02
C ALA C 605 -2.75 17.13 -3.64
N LEU C 606 -1.82 17.91 -3.08
CA LEU C 606 -0.47 17.38 -2.86
C LEU C 606 -0.39 16.49 -1.64
N TYR C 607 -1.29 16.65 -0.68
CA TYR C 607 -1.42 15.72 0.43
C TYR C 607 -2.38 14.57 0.11
N GLY C 608 -3.11 14.66 -1.01
CA GLY C 608 -4.04 13.62 -1.41
C GLY C 608 -5.31 13.60 -0.59
N VAL C 609 -5.92 14.78 -0.38
CA VAL C 609 -7.12 14.90 0.45
C VAL C 609 -8.36 14.78 -0.43
N SER C 610 -9.35 14.05 0.07
CA SER C 610 -10.67 13.95 -0.55
C SER C 610 -11.53 15.11 -0.07
N HIS C 611 -12.13 15.81 -1.03
CA HIS C 611 -13.00 16.93 -0.70
C HIS C 611 -14.29 16.47 -0.06
N GLU C 612 -14.68 15.21 -0.32
CA GLU C 612 -15.81 14.63 0.40
C GLU C 612 -15.49 14.42 1.88
N GLU C 613 -14.27 13.94 2.17
CA GLU C 613 -13.92 13.52 3.52
C GLU C 613 -13.14 14.55 4.33
N GLY C 614 -12.42 15.47 3.68
CA GLY C 614 -11.49 16.30 4.44
C GLY C 614 -10.38 15.44 5.02
N ALA C 615 -9.71 15.99 6.03
CA ALA C 615 -8.60 15.30 6.69
C ALA C 615 -8.06 16.12 7.84
N ILE C 616 -7.59 15.45 8.88
CA ILE C 616 -6.64 16.01 9.83
C ILE C 616 -5.33 15.28 9.59
N VAL C 617 -4.30 16.04 9.20
CA VAL C 617 -2.96 15.49 9.06
C VAL C 617 -2.13 15.99 10.23
N VAL C 618 -1.65 15.06 11.04
CA VAL C 618 -0.84 15.38 12.21
C VAL C 618 0.61 15.47 11.77
N VAL C 619 1.17 16.67 11.84
CA VAL C 619 2.60 16.85 11.50
C VAL C 619 3.38 16.92 12.79
N ARG C 620 4.49 16.19 12.86
CA ARG C 620 5.38 16.19 14.05
C ARG C 620 6.16 17.50 14.06
N PRO C 621 6.67 17.94 15.22
CA PRO C 621 7.50 19.13 15.30
C PRO C 621 8.69 19.21 14.32
N ASP C 622 9.26 18.06 13.96
CA ASP C 622 10.38 18.01 13.02
C ASP C 622 9.98 18.10 11.56
N SER C 623 8.70 18.05 11.24
CA SER C 623 8.18 18.20 9.86
C SER C 623 7.88 16.87 9.18
N TRP C 624 8.16 15.76 9.84
CA TRP C 624 7.79 14.47 9.29
C TRP C 624 6.33 14.20 9.62
N ILE C 625 5.62 13.59 8.68
CA ILE C 625 4.22 13.26 8.90
C ILE C 625 4.09 12.20 10.00
N GLY C 626 3.16 12.41 10.94
CA GLY C 626 2.92 11.44 12.00
C GLY C 626 1.83 10.43 11.64
N THR C 627 0.63 10.92 11.37
CA THR C 627 -0.46 10.13 10.82
C THR C 627 -1.52 11.10 10.32
N SER C 628 -2.46 10.57 9.54
CA SER C 628 -3.62 11.33 9.10
C SER C 628 -4.91 10.66 9.56
N SER C 629 -6.00 11.39 9.38
CA SER C 629 -7.33 10.90 9.76
C SER C 629 -8.35 11.67 8.92
N THR C 630 -9.49 11.03 8.66
CA THR C 630 -10.53 11.80 7.99
C THR C 630 -11.18 12.73 9.00
N ILE C 631 -11.94 13.70 8.47
CA ILE C 631 -12.60 14.65 9.36
C ILE C 631 -13.50 13.91 10.34
N SER C 632 -14.47 13.13 9.81
CA SER C 632 -15.55 12.61 10.66
C SER C 632 -15.06 11.59 11.69
N ASP C 633 -14.01 10.83 11.40
CA ASP C 633 -13.52 9.93 12.46
C ASP C 633 -12.26 10.47 13.14
N ALA C 634 -12.30 11.75 13.50
CA ALA C 634 -11.18 12.36 14.23
C ALA C 634 -10.92 11.68 15.56
N ARG C 635 -11.90 10.94 16.09
CA ARG C 635 -11.70 10.27 17.37
C ARG C 635 -10.57 9.24 17.32
N SER C 636 -10.18 8.78 16.13
CA SER C 636 -9.10 7.79 16.01
C SER C 636 -7.78 8.30 16.55
N LEU C 637 -7.64 9.61 16.68
CA LEU C 637 -6.34 10.17 17.05
C LEU C 637 -6.09 10.10 18.55
N GLU C 638 -7.14 9.89 19.36
CA GLU C 638 -6.93 9.68 20.78
C GLU C 638 -5.99 8.50 21.04
N SER C 639 -6.26 7.35 20.43
CA SER C 639 -5.35 6.24 20.67
C SER C 639 -4.01 6.47 19.99
N TYR C 640 -3.98 7.21 18.88
CA TYR C 640 -2.71 7.62 18.30
C TYR C 640 -1.84 8.32 19.34
N PHE C 641 -2.35 9.42 19.91
CA PHE C 641 -1.54 10.20 20.83
C PHE C 641 -1.30 9.44 22.13
N ASP C 642 -2.24 8.59 22.54
CA ASP C 642 -2.05 7.77 23.73
C ASP C 642 -0.79 6.91 23.60
N GLY C 643 -0.56 6.33 22.42
CA GLY C 643 0.62 5.53 22.16
C GLY C 643 1.99 6.09 22.51
N PHE C 644 2.13 7.43 22.63
CA PHE C 644 3.42 7.99 23.02
C PHE C 644 3.35 9.16 24.00
N LEU C 645 2.16 9.64 24.36
CA LEU C 645 2.02 10.81 25.22
C LEU C 645 1.19 10.48 26.45
N PHE C 646 1.61 11.04 27.59
CA PHE C 646 0.71 11.17 28.73
C PHE C 646 -0.32 12.26 28.46
N LYS C 647 -1.31 12.38 29.33
CA LYS C 647 -2.30 13.45 29.19
C LYS C 647 -1.87 14.67 30.00
N SER C 648 -2.33 15.84 29.57
CA SER C 648 -1.92 17.09 30.19
C SER C 648 -2.96 18.14 29.86
N THR C 649 -2.80 19.31 30.47
CA THR C 649 -3.78 20.38 30.27
C THR C 649 -3.10 21.73 30.17
N GLU C 650 -3.69 22.59 29.33
CA GLU C 650 -3.08 23.85 28.90
C GLU C 650 -2.55 24.69 30.06
N GLY C 651 -3.38 24.90 31.09
CA GLY C 651 -2.99 25.73 32.22
C GLY C 651 -1.54 25.74 32.71
N ASN D 6 -25.15 26.52 5.34
CA ASN D 6 -24.47 25.62 4.43
C ASN D 6 -24.17 26.29 3.07
N PHE D 7 -22.96 26.07 2.58
CA PHE D 7 -22.45 26.68 1.35
C PHE D 7 -22.26 25.60 0.30
N GLU D 8 -22.28 26.04 -0.96
CA GLU D 8 -22.09 25.17 -2.11
C GLU D 8 -20.74 24.41 -2.01
N GLY D 9 -20.71 23.20 -2.61
CA GLY D 9 -19.55 22.33 -2.51
C GLY D 9 -18.43 22.69 -3.46
N TYR D 10 -17.26 22.07 -3.23
CA TYR D 10 -16.06 22.44 -3.96
C TYR D 10 -16.00 21.75 -5.31
N VAL D 11 -15.78 22.53 -6.37
CA VAL D 11 -15.71 22.03 -7.74
C VAL D 11 -14.28 22.18 -8.24
N GLU D 12 -13.72 21.08 -8.75
CA GLU D 12 -12.40 21.10 -9.37
C GLU D 12 -12.40 22.05 -10.56
N PRO D 13 -11.52 23.03 -10.62
CA PRO D 13 -11.55 23.99 -11.74
C PRO D 13 -11.35 23.28 -13.07
N GLU D 14 -12.06 23.77 -14.10
CA GLU D 14 -12.07 23.22 -15.44
C GLU D 14 -10.72 23.48 -16.13
N LEU D 15 -10.08 22.42 -16.59
CA LEU D 15 -8.87 22.57 -17.39
C LEU D 15 -9.20 22.77 -18.87
N PHE D 16 -8.51 23.71 -19.52
CA PHE D 16 -8.53 23.88 -20.97
C PHE D 16 -7.10 23.77 -21.50
N GLU D 17 -6.92 23.02 -22.59
CA GLU D 17 -5.61 22.84 -23.20
C GLU D 17 -5.59 23.68 -24.46
N ARG D 18 -5.27 24.95 -24.29
CA ARG D 18 -5.35 25.91 -25.37
C ARG D 18 -4.44 25.48 -26.52
N PRO D 19 -4.95 25.40 -27.76
CA PRO D 19 -4.07 25.12 -28.90
C PRO D 19 -2.93 26.13 -28.95
N GLY D 20 -1.77 25.67 -29.45
CA GLY D 20 -0.63 26.56 -29.63
C GLY D 20 -0.71 27.29 -30.98
N THR D 21 -0.45 28.60 -30.95
CA THR D 21 -0.50 29.38 -32.18
C THR D 21 0.88 29.70 -32.75
N SER D 22 1.94 29.08 -32.24
CA SER D 22 3.24 29.26 -32.86
C SER D 22 3.40 28.30 -34.02
N LEU D 23 4.09 28.75 -35.06
CA LEU D 23 4.45 27.86 -36.17
C LEU D 23 5.08 26.59 -35.63
N PRO D 24 4.68 25.40 -36.12
CA PRO D 24 5.22 24.16 -35.55
C PRO D 24 6.56 23.73 -36.16
N ASN D 25 7.10 22.62 -35.67
CA ASN D 25 8.15 21.87 -36.33
C ASN D 25 7.55 20.57 -36.85
N LYS D 26 8.42 19.69 -37.38
CA LYS D 26 7.93 18.41 -37.88
C LYS D 26 7.18 17.62 -36.81
N LEU D 27 7.34 17.97 -35.53
CA LEU D 27 6.63 17.31 -34.46
C LEU D 27 5.40 18.08 -33.99
N GLY D 28 5.23 19.32 -34.39
CA GLY D 28 4.03 20.04 -34.01
C GLY D 28 4.28 21.22 -33.11
N VAL D 29 3.22 21.68 -32.44
CA VAL D 29 3.30 22.77 -31.47
C VAL D 29 2.55 22.37 -30.21
N MET D 30 3.09 22.73 -29.05
CA MET D 30 2.51 22.28 -27.79
C MET D 30 1.23 23.04 -27.48
N PRO D 31 0.25 22.39 -26.87
CA PRO D 31 -0.85 23.12 -26.25
C PRO D 31 -0.36 23.70 -24.92
N GLN D 32 -1.09 24.68 -24.40
CA GLN D 32 -0.70 25.31 -23.15
C GLN D 32 -1.81 25.16 -22.10
N LEU D 33 -1.45 24.63 -20.92
CA LEU D 33 -2.46 24.44 -19.88
C LEU D 33 -2.91 25.79 -19.34
N THR D 34 -4.23 25.89 -19.10
CA THR D 34 -4.82 27.06 -18.42
C THR D 34 -6.12 26.60 -17.76
N TRP D 35 -6.71 27.50 -16.97
CA TRP D 35 -7.96 27.22 -16.26
C TRP D 35 -8.85 28.45 -16.31
N PRO D 36 -9.65 28.61 -17.39
CA PRO D 36 -10.29 29.91 -17.65
C PRO D 36 -11.05 30.51 -16.48
N ASN D 37 -11.72 29.69 -15.67
CA ASN D 37 -12.59 30.24 -14.65
C ASN D 37 -11.79 30.96 -13.57
N VAL D 38 -10.55 30.52 -13.32
CA VAL D 38 -9.76 31.21 -12.31
C VAL D 38 -8.86 32.32 -12.91
N LEU D 39 -8.48 32.23 -14.19
CA LEU D 39 -7.52 33.19 -14.74
C LEU D 39 -8.09 34.22 -15.74
N ASN D 40 -9.31 34.06 -16.24
CA ASN D 40 -9.80 34.96 -17.28
C ASN D 40 -10.65 36.12 -16.75
N GLY D 41 -10.50 36.46 -15.47
CA GLY D 41 -11.13 37.67 -14.96
C GLY D 41 -12.65 37.55 -14.97
N THR D 42 -13.31 38.59 -15.53
CA THR D 42 -14.76 38.61 -15.68
C THR D 42 -15.23 37.79 -16.88
N ASN D 43 -14.34 37.46 -17.81
CA ASN D 43 -14.72 36.81 -19.05
C ASN D 43 -14.80 35.29 -18.90
N CYS D 44 -15.66 34.84 -17.99
CA CYS D 44 -15.85 33.42 -17.78
C CYS D 44 -17.18 33.19 -17.07
N GLU D 45 -17.59 31.92 -16.98
CA GLU D 45 -18.90 31.54 -16.45
C GLU D 45 -18.92 31.55 -14.92
N LYS D 46 -17.83 31.10 -14.29
CA LYS D 46 -17.68 31.06 -12.83
C LYS D 46 -16.47 31.93 -12.47
N PRO D 47 -16.65 33.25 -12.35
CA PRO D 47 -15.51 34.11 -12.02
C PRO D 47 -14.96 33.80 -10.65
N ALA D 48 -13.63 33.94 -10.50
CA ALA D 48 -12.93 33.53 -9.27
C ALA D 48 -13.27 34.40 -8.07
N VAL D 49 -13.82 35.59 -8.28
CA VAL D 49 -14.40 36.39 -7.21
C VAL D 49 -15.90 36.44 -7.44
N PRO D 50 -16.72 35.85 -6.56
CA PRO D 50 -18.17 35.86 -6.79
C PRO D 50 -18.73 37.26 -6.68
N ASN D 51 -19.67 37.59 -7.57
CA ASN D 51 -20.41 38.86 -7.51
C ASN D 51 -19.48 40.05 -7.55
N TYR D 52 -18.56 40.05 -8.52
CA TYR D 52 -17.62 41.16 -8.60
C TYR D 52 -18.38 42.37 -9.12
N LYS D 53 -18.54 43.39 -8.27
CA LYS D 53 -19.36 44.56 -8.56
C LYS D 53 -18.48 45.82 -8.52
N PRO D 54 -17.59 45.97 -9.49
CA PRO D 54 -16.60 47.07 -9.42
C PRO D 54 -17.29 48.42 -9.37
N PRO D 55 -16.84 49.33 -8.50
CA PRO D 55 -17.53 50.63 -8.38
C PRO D 55 -17.31 51.49 -9.61
N SER D 56 -18.18 52.49 -9.78
CA SER D 56 -18.05 53.39 -10.93
C SER D 56 -17.21 54.63 -10.65
N LYS D 57 -16.91 54.91 -9.40
CA LYS D 57 -15.89 55.87 -9.02
C LYS D 57 -14.74 55.11 -8.38
N VAL D 58 -13.52 55.33 -8.87
CA VAL D 58 -12.33 54.68 -8.33
C VAL D 58 -11.24 55.72 -8.10
N ASP D 59 -10.34 55.41 -7.16
CA ASP D 59 -9.10 56.18 -7.03
C ASP D 59 -8.23 56.03 -8.29
N VAL D 60 -7.93 54.80 -8.70
CA VAL D 60 -7.02 54.56 -9.82
C VAL D 60 -7.66 53.58 -10.80
N ILE D 61 -7.62 53.93 -12.09
CA ILE D 61 -7.99 53.00 -13.14
C ILE D 61 -6.73 52.62 -13.91
N ILE D 62 -6.57 51.33 -14.19
CA ILE D 62 -5.36 50.78 -14.77
C ILE D 62 -5.73 50.18 -16.11
N ILE D 63 -5.10 50.67 -17.17
CA ILE D 63 -5.41 50.18 -18.51
C ILE D 63 -4.30 49.25 -18.92
N GLY D 64 -4.63 47.97 -19.08
CA GLY D 64 -3.59 47.04 -19.45
C GLY D 64 -3.22 46.20 -18.25
N ALA D 65 -3.25 44.89 -18.42
CA ALA D 65 -3.09 43.92 -17.37
C ALA D 65 -2.02 42.91 -17.74
N GLY D 66 -0.97 43.37 -18.39
CA GLY D 66 0.25 42.61 -18.44
C GLY D 66 0.95 42.71 -17.09
N PRO D 67 2.14 42.17 -17.02
CA PRO D 67 2.84 42.16 -15.71
C PRO D 67 2.88 43.55 -15.09
N VAL D 68 3.02 44.61 -15.89
CA VAL D 68 3.20 45.94 -15.32
C VAL D 68 1.90 46.47 -14.73
N GLY D 69 0.76 46.30 -15.42
CA GLY D 69 -0.50 46.70 -14.84
C GLY D 69 -0.83 45.93 -13.57
N LEU D 70 -0.73 44.60 -13.64
CA LEU D 70 -1.05 43.77 -12.49
C LEU D 70 -0.13 44.10 -11.30
N THR D 71 1.17 44.32 -11.56
CA THR D 71 2.06 44.69 -10.47
C THR D 71 1.61 45.98 -9.82
N THR D 72 1.30 46.98 -10.64
CA THR D 72 0.80 48.25 -10.12
C THR D 72 -0.46 48.01 -9.29
N ALA D 73 -1.36 47.17 -9.80
CA ALA D 73 -2.59 46.88 -9.06
C ALA D 73 -2.26 46.22 -7.74
N ALA D 74 -1.33 45.26 -7.75
CA ALA D 74 -0.98 44.52 -6.53
C ALA D 74 -0.39 45.44 -5.47
N CYS D 75 0.42 46.44 -5.88
CA CYS D 75 1.00 47.37 -4.93
C CYS D 75 -0.06 48.32 -4.33
N LEU D 76 -0.94 48.85 -5.17
CA LEU D 76 -1.96 49.78 -4.70
C LEU D 76 -2.94 49.09 -3.77
N LEU D 77 -3.39 47.89 -4.14
CA LEU D 77 -4.29 47.14 -3.27
C LEU D 77 -3.68 46.89 -1.89
N ARG D 78 -2.36 46.68 -1.79
CA ARG D 78 -1.76 46.55 -0.46
C ARG D 78 -1.93 47.83 0.34
N GLN D 79 -2.10 48.97 -0.33
CA GLN D 79 -2.26 50.26 0.33
C GLN D 79 -3.72 50.70 0.44
N GLY D 80 -4.67 49.82 0.17
CA GLY D 80 -6.06 50.22 0.28
C GLY D 80 -6.52 51.24 -0.72
N ILE D 81 -5.84 51.38 -1.86
CA ILE D 81 -6.34 52.24 -2.93
C ILE D 81 -7.45 51.50 -3.66
N THR D 82 -8.56 52.19 -3.95
CA THR D 82 -9.59 51.55 -4.78
C THR D 82 -9.10 51.54 -6.22
N VAL D 83 -9.24 50.40 -6.88
CA VAL D 83 -8.61 50.20 -8.19
C VAL D 83 -9.56 49.40 -9.08
N ARG D 84 -9.62 49.78 -10.36
CA ARG D 84 -10.19 48.93 -11.40
C ARG D 84 -9.16 48.74 -12.50
N ILE D 85 -9.05 47.52 -13.00
CA ILE D 85 -8.04 47.19 -13.99
C ILE D 85 -8.70 46.37 -15.08
N LEU D 86 -8.33 46.63 -16.32
CA LEU D 86 -8.99 45.94 -17.41
C LEU D 86 -8.01 45.69 -18.53
N ASP D 87 -8.37 44.74 -19.38
CA ASP D 87 -7.50 44.35 -20.46
C ASP D 87 -8.35 43.93 -21.64
N ARG D 88 -7.99 44.45 -22.81
CA ARG D 88 -8.66 44.13 -24.06
C ARG D 88 -8.64 42.63 -24.33
N SER D 89 -7.73 41.92 -23.80
CA SER D 89 -7.57 40.56 -24.27
C SER D 89 -8.34 39.56 -23.40
N PRO D 90 -8.85 38.47 -23.99
CA PRO D 90 -9.78 37.58 -23.25
C PRO D 90 -9.13 36.68 -22.19
N HIS D 91 -7.81 36.54 -22.17
CA HIS D 91 -7.11 35.67 -21.22
C HIS D 91 -5.67 36.17 -21.06
N PRO D 92 -4.99 35.78 -19.97
CA PRO D 92 -3.57 36.16 -19.84
C PRO D 92 -2.72 35.43 -20.87
N LEU D 93 -1.44 35.75 -20.94
CA LEU D 93 -0.59 35.21 -21.98
C LEU D 93 -0.43 33.70 -21.86
N PRO D 94 -0.73 32.94 -22.90
CA PRO D 94 -0.59 31.48 -22.81
C PRO D 94 0.86 30.96 -22.69
N VAL D 95 1.81 31.61 -23.36
CA VAL D 95 3.18 31.10 -23.45
C VAL D 95 4.06 32.16 -24.10
N GLY D 96 5.39 32.10 -23.86
CA GLY D 96 6.38 32.88 -24.58
C GLY D 96 6.61 34.27 -24.00
N ARG D 97 7.28 35.08 -24.81
CA ARG D 97 7.69 36.45 -24.40
C ARG D 97 8.65 36.33 -23.21
N ALA D 98 8.61 37.25 -22.25
CA ALA D 98 9.64 37.28 -21.22
C ALA D 98 9.63 36.01 -20.39
N ASP D 99 10.82 35.56 -19.97
CA ASP D 99 10.89 34.27 -19.31
C ASP D 99 11.68 34.23 -18.01
N GLY D 100 12.21 35.36 -17.54
CA GLY D 100 12.99 35.29 -16.32
C GLY D 100 13.16 36.61 -15.60
N LEU D 101 13.65 36.50 -14.36
CA LEU D 101 13.72 37.62 -13.42
C LEU D 101 15.14 37.80 -12.90
N GLN D 102 15.64 39.04 -12.97
CA GLN D 102 16.89 39.39 -12.33
C GLN D 102 16.74 39.29 -10.80
N PRO D 103 17.86 39.11 -10.08
CA PRO D 103 17.76 39.03 -8.62
C PRO D 103 17.17 40.28 -7.97
N ARG D 104 17.28 41.46 -8.60
CA ARG D 104 16.65 42.64 -8.02
C ARG D 104 15.13 42.63 -8.19
N SER D 105 14.62 42.11 -9.31
CA SER D 105 13.18 41.94 -9.41
C SER D 105 12.67 40.94 -8.37
N MET D 106 13.48 39.91 -8.06
CA MET D 106 13.11 38.96 -7.01
C MET D 106 12.98 39.67 -5.67
N GLU D 107 13.85 40.64 -5.40
CA GLU D 107 13.81 41.35 -4.13
C GLU D 107 12.53 42.14 -4.01
N VAL D 108 12.08 42.74 -5.13
CA VAL D 108 10.84 43.50 -5.20
C VAL D 108 9.63 42.59 -4.95
N PHE D 109 9.52 41.48 -5.69
CA PHE D 109 8.46 40.51 -5.37
C PHE D 109 8.54 40.02 -3.93
N ASP D 110 9.75 39.81 -3.40
CA ASP D 110 9.87 39.41 -2.01
C ASP D 110 9.34 40.50 -1.07
N LEU D 111 9.64 41.78 -1.36
CA LEU D 111 9.18 42.85 -0.48
C LEU D 111 7.67 42.93 -0.42
N LEU D 112 6.99 42.57 -1.52
CA LEU D 112 5.54 42.59 -1.64
C LEU D 112 4.85 41.39 -0.99
N GLY D 113 5.59 40.40 -0.50
CA GLY D 113 5.02 39.18 0.02
C GLY D 113 4.93 38.04 -0.99
N LEU D 114 5.47 38.22 -2.19
CA LEU D 114 5.27 37.29 -3.29
C LEU D 114 6.55 36.54 -3.59
N GLY D 115 7.49 36.58 -2.65
CA GLY D 115 8.79 35.94 -2.81
C GLY D 115 8.70 34.48 -3.16
N GLU D 116 7.82 33.73 -2.47
CA GLU D 116 7.76 32.29 -2.73
C GLU D 116 7.10 31.96 -4.05
N GLU D 117 6.34 32.88 -4.63
CA GLU D 117 5.71 32.62 -5.92
C GLU D 117 6.66 32.75 -7.11
N VAL D 118 7.79 33.45 -7.00
CA VAL D 118 8.73 33.56 -8.10
C VAL D 118 10.02 32.78 -7.87
N TYR D 119 10.30 32.37 -6.64
CA TYR D 119 11.47 31.57 -6.42
C TYR D 119 11.11 30.10 -6.64
N HIS D 120 12.02 29.37 -7.30
CA HIS D 120 11.88 27.93 -7.53
C HIS D 120 10.69 27.63 -8.43
N VAL D 121 10.51 28.44 -9.47
CA VAL D 121 9.43 28.22 -10.43
C VAL D 121 10.01 27.40 -11.58
N GLY D 122 10.94 27.99 -12.31
CA GLY D 122 11.76 27.23 -13.23
C GLY D 122 13.17 27.10 -12.69
N ILE D 123 14.16 26.99 -13.58
CA ILE D 123 15.57 26.82 -13.24
C ILE D 123 16.19 28.11 -12.76
N ARG D 124 17.43 28.00 -12.28
CA ARG D 124 18.23 29.16 -11.89
C ARG D 124 19.46 29.23 -12.79
N VAL D 125 19.82 30.45 -13.22
CA VAL D 125 21.04 30.69 -13.97
C VAL D 125 22.11 31.25 -13.03
N GLU D 126 23.20 30.50 -12.84
CA GLU D 126 24.32 30.98 -12.03
C GLU D 126 25.64 30.81 -12.75
N HIS D 127 25.62 30.49 -14.04
CA HIS D 127 26.82 30.21 -14.80
C HIS D 127 26.64 30.75 -16.21
N THR D 128 27.77 31.07 -16.82
CA THR D 128 27.81 31.61 -18.18
C THR D 128 28.86 30.87 -19.01
N THR D 129 28.56 30.57 -20.27
CA THR D 129 29.56 29.98 -21.15
C THR D 129 29.62 30.78 -22.44
N VAL D 130 30.81 30.80 -23.04
CA VAL D 130 31.00 31.47 -24.32
C VAL D 130 31.83 30.54 -25.19
N TYR D 131 31.30 30.22 -26.36
CA TYR D 131 31.98 29.41 -27.37
C TYR D 131 32.10 30.25 -28.64
N LYS D 132 33.26 30.16 -29.29
CA LYS D 132 33.44 30.78 -30.59
C LYS D 132 34.07 29.75 -31.52
N ASP D 133 33.43 29.52 -32.67
CA ASP D 133 33.96 28.66 -33.72
C ASP D 133 34.30 27.27 -33.18
N GLY D 134 33.39 26.71 -32.38
CA GLY D 134 33.48 25.36 -31.90
C GLY D 134 34.32 25.17 -30.65
N LYS D 135 35.03 26.19 -30.20
CA LYS D 135 35.96 26.11 -29.09
C LYS D 135 35.40 26.84 -27.87
N GLN D 136 35.58 26.24 -26.69
CA GLN D 136 35.14 26.88 -25.45
C GLN D 136 36.14 27.97 -25.06
N HIS D 137 35.62 29.14 -24.66
CA HIS D 137 36.47 30.21 -24.16
C HIS D 137 36.15 30.59 -22.72
N ILE D 138 34.91 30.42 -22.27
CA ILE D 138 34.53 30.79 -20.90
C ILE D 138 33.56 29.74 -20.39
N PHE D 139 33.71 29.40 -19.11
CA PHE D 139 32.63 28.78 -18.33
C PHE D 139 32.82 29.23 -16.88
N ALA D 140 31.98 30.12 -16.39
CA ALA D 140 32.23 30.69 -15.08
C ALA D 140 30.93 30.97 -14.37
N GLU D 141 30.97 30.81 -13.04
CA GLU D 141 30.05 31.50 -12.16
C GLU D 141 29.75 32.91 -12.66
N SER D 142 28.46 33.26 -12.72
CA SER D 142 28.07 34.56 -13.22
C SER D 142 26.79 35.00 -12.50
N HIS D 143 26.42 36.28 -12.73
CA HIS D 143 25.17 36.86 -12.23
C HIS D 143 25.07 36.86 -10.72
N GLN D 144 26.21 36.88 -10.04
CA GLN D 144 26.28 36.77 -8.59
C GLN D 144 26.02 38.10 -7.87
N ALA D 145 25.38 38.00 -6.71
CA ALA D 145 25.25 39.11 -5.79
C ALA D 145 25.88 38.69 -4.47
N PRO D 146 26.50 39.60 -3.72
CA PRO D 146 27.26 39.14 -2.54
C PRO D 146 26.31 38.62 -1.47
N GLY D 147 26.68 37.50 -0.87
CA GLY D 147 25.81 36.86 0.11
C GLY D 147 25.62 37.66 1.39
N ASN D 148 26.61 38.45 1.78
CA ASN D 148 26.39 39.21 3.01
C ASN D 148 25.60 40.49 2.77
N GLU D 149 25.17 40.76 1.51
CA GLU D 149 24.31 41.90 1.21
C GLU D 149 23.02 41.53 0.48
N ALA D 150 22.80 40.25 0.13
CA ALA D 150 21.64 39.89 -0.67
C ALA D 150 21.27 38.42 -0.47
N HIS D 151 19.96 38.16 -0.37
CA HIS D 151 19.44 36.81 -0.40
C HIS D 151 19.56 36.18 -1.78
N TYR D 152 18.99 36.82 -2.80
CA TYR D 152 18.92 36.24 -4.15
C TYR D 152 20.23 36.47 -4.89
N THR D 153 20.58 35.50 -5.74
CA THR D 153 21.72 35.62 -6.63
C THR D 153 21.31 34.94 -7.95
N GLY D 154 21.98 35.30 -9.05
CA GLY D 154 21.69 34.70 -10.36
C GLY D 154 20.33 35.07 -10.95
N LEU D 155 20.06 34.52 -12.13
CA LEU D 155 18.78 34.74 -12.82
C LEU D 155 17.80 33.64 -12.41
N HIS D 156 16.53 33.96 -12.39
CA HIS D 156 15.53 32.96 -11.97
C HIS D 156 14.54 32.76 -13.11
N ALA D 157 14.44 31.55 -13.61
CA ALA D 157 13.49 31.28 -14.71
C ALA D 157 12.09 31.35 -14.15
N CYS D 158 11.29 32.25 -14.65
CA CYS D 158 9.91 32.44 -14.22
C CYS D 158 9.25 33.19 -15.37
N THR D 159 8.36 32.56 -16.07
CA THR D 159 7.83 33.15 -17.31
C THR D 159 6.88 34.31 -17.09
N GLN D 160 6.58 35.01 -18.17
CA GLN D 160 5.56 36.07 -18.16
C GLN D 160 4.22 35.43 -17.83
N THR D 161 3.94 34.25 -18.36
CA THR D 161 2.72 33.50 -18.07
C THR D 161 2.64 33.18 -16.58
N GLU D 162 3.72 32.75 -15.97
CA GLU D 162 3.69 32.40 -14.53
C GLU D 162 3.62 33.65 -13.69
N VAL D 163 4.25 34.72 -14.14
CA VAL D 163 4.14 35.97 -13.40
C VAL D 163 2.70 36.49 -13.47
N GLU D 164 2.12 36.48 -14.66
CA GLU D 164 0.73 36.88 -14.81
C GLU D 164 -0.19 35.98 -13.98
N HIS D 165 0.04 34.65 -14.00
CA HIS D 165 -0.69 33.74 -13.12
C HIS D 165 -0.66 34.21 -11.69
N LEU D 166 0.53 34.48 -11.16
CA LEU D 166 0.60 34.72 -9.72
C LEU D 166 0.03 36.09 -9.35
N LEU D 167 0.18 37.09 -10.20
CA LEU D 167 -0.39 38.39 -9.89
C LEU D 167 -1.92 38.37 -10.00
N ILE D 168 -2.45 37.73 -11.05
CA ILE D 168 -3.89 37.56 -11.14
C ILE D 168 -4.41 36.86 -9.88
N ARG D 169 -3.66 35.89 -9.36
CA ARG D 169 -4.10 35.20 -8.15
C ARG D 169 -3.98 36.09 -6.92
N ASP D 170 -3.08 37.07 -6.95
CA ASP D 170 -2.98 37.99 -5.84
C ASP D 170 -4.11 39.00 -5.86
N LEU D 171 -4.54 39.41 -7.05
CA LEU D 171 -5.70 40.30 -7.14
C LEU D 171 -6.95 39.60 -6.65
N ILE D 172 -7.11 38.30 -6.97
CA ILE D 172 -8.27 37.54 -6.51
C ILE D 172 -8.31 37.48 -4.99
N ARG D 173 -7.15 37.39 -4.35
CA ARG D 173 -7.15 37.39 -2.90
C ARG D 173 -7.58 38.72 -2.33
N HIS D 174 -7.53 39.79 -3.13
CA HIS D 174 -8.06 41.09 -2.76
C HIS D 174 -9.43 41.38 -3.39
N ASP D 175 -10.15 40.34 -3.81
CA ASP D 175 -11.50 40.49 -4.38
C ASP D 175 -11.52 41.45 -5.57
N ILE D 176 -10.49 41.36 -6.40
CA ILE D 176 -10.36 42.14 -7.63
C ILE D 176 -10.18 41.18 -8.79
N LEU D 177 -10.93 41.43 -9.88
CA LEU D 177 -10.80 40.68 -11.13
C LEU D 177 -10.35 41.59 -12.25
N VAL D 178 -9.59 41.03 -13.19
CA VAL D 178 -9.24 41.76 -14.39
C VAL D 178 -10.46 41.74 -15.31
N GLU D 179 -10.99 42.93 -15.65
CA GLU D 179 -12.17 43.04 -16.49
C GLU D 179 -11.77 42.76 -17.94
N ARG D 180 -12.16 41.61 -18.46
CA ARG D 180 -11.87 41.20 -19.82
C ARG D 180 -13.16 40.75 -20.48
N PRO D 181 -13.23 40.78 -21.82
CA PRO D 181 -12.22 41.47 -22.63
C PRO D 181 -12.77 42.87 -22.88
N CYS D 182 -12.11 43.87 -22.28
CA CYS D 182 -12.70 45.20 -22.13
C CYS D 182 -11.71 46.23 -22.62
N THR D 183 -12.07 46.96 -23.66
CA THR D 183 -11.22 47.98 -24.24
C THR D 183 -11.57 49.36 -23.69
N ALA D 184 -10.55 50.14 -23.40
CA ALA D 184 -10.72 51.55 -23.07
C ALA D 184 -10.65 52.31 -24.40
N THR D 185 -11.80 52.68 -24.97
CA THR D 185 -11.74 53.28 -26.29
C THR D 185 -11.24 54.73 -26.22
N SER D 186 -11.54 55.44 -25.14
CA SER D 186 -11.14 56.83 -24.99
C SER D 186 -11.37 57.26 -23.55
N TYR D 187 -10.77 58.38 -23.19
CA TYR D 187 -10.89 58.94 -21.86
C TYR D 187 -10.90 60.48 -21.92
N THR D 188 -11.49 61.09 -20.91
CA THR D 188 -11.46 62.53 -20.77
C THR D 188 -10.67 62.94 -19.52
N PHE D 189 -9.89 64.02 -19.65
CA PHE D 189 -9.18 64.63 -18.51
C PHE D 189 -9.49 66.11 -18.50
N ASP D 190 -10.31 66.54 -17.53
CA ASP D 190 -10.69 67.94 -17.31
C ASP D 190 -9.53 68.66 -16.64
N GLU D 191 -8.67 69.28 -17.44
CA GLU D 191 -7.50 69.97 -16.90
C GLU D 191 -7.84 71.18 -16.05
N GLU D 192 -9.11 71.55 -15.91
CA GLU D 192 -9.51 72.72 -15.13
C GLU D 192 -10.30 72.27 -13.90
N ALA D 193 -9.67 72.39 -12.74
CA ALA D 193 -10.26 71.95 -11.47
C ALA D 193 -11.63 72.58 -11.23
N SER D 196 -9.73 70.73 -6.51
CA SER D 196 -11.11 71.17 -6.28
C SER D 196 -12.13 70.13 -6.79
N VAL D 197 -11.88 69.55 -7.97
CA VAL D 197 -12.62 68.38 -8.43
C VAL D 197 -11.81 67.14 -8.08
N THR D 198 -12.44 66.19 -7.39
CA THR D 198 -11.70 65.03 -6.92
C THR D 198 -11.39 64.05 -8.04
N HIS D 199 -12.30 63.91 -9.00
CA HIS D 199 -12.27 62.84 -9.99
C HIS D 199 -12.30 63.38 -11.42
N PRO D 200 -11.25 64.09 -11.84
CA PRO D 200 -11.32 64.78 -13.13
C PRO D 200 -11.16 63.88 -14.33
N ILE D 201 -11.31 62.57 -14.19
CA ILE D 201 -11.03 61.64 -15.29
C ILE D 201 -12.19 60.69 -15.47
N THR D 202 -12.56 60.44 -16.71
CA THR D 202 -13.52 59.41 -17.07
C THR D 202 -12.89 58.58 -18.17
N VAL D 203 -13.29 57.32 -18.25
CA VAL D 203 -12.81 56.40 -19.25
C VAL D 203 -14.04 55.70 -19.80
N ASN D 204 -14.06 55.52 -21.11
CA ASN D 204 -15.14 54.81 -21.79
C ASN D 204 -14.69 53.37 -22.05
N ILE D 205 -15.43 52.41 -21.51
CA ILE D 205 -15.08 51.00 -21.58
C ILE D 205 -16.07 50.29 -22.48
N THR D 206 -15.56 49.53 -23.45
CA THR D 206 -16.38 48.75 -24.36
C THR D 206 -16.08 47.27 -24.15
N ASN D 207 -17.04 46.54 -23.60
CA ASN D 207 -16.92 45.09 -23.48
C ASN D 207 -16.95 44.48 -24.88
N GLU D 208 -15.81 43.94 -25.33
CA GLU D 208 -15.71 43.35 -26.66
C GLU D 208 -16.45 42.03 -26.78
N ALA D 209 -16.89 41.44 -25.68
CA ALA D 209 -17.64 40.19 -25.76
C ALA D 209 -19.12 40.46 -25.97
N THR D 210 -19.74 41.18 -25.03
CA THR D 210 -21.19 41.38 -25.01
C THR D 210 -21.63 42.67 -25.68
N GLY D 211 -20.73 43.62 -25.91
CA GLY D 211 -21.07 44.88 -26.52
C GLY D 211 -21.39 46.00 -25.55
N ALA D 212 -21.52 45.67 -24.26
CA ALA D 212 -21.87 46.66 -23.23
C ALA D 212 -20.82 47.76 -23.10
N GLU D 213 -21.30 48.99 -23.00
CA GLU D 213 -20.47 50.15 -22.73
C GLU D 213 -20.71 50.62 -21.31
N GLU D 214 -19.72 51.32 -20.76
CA GLU D 214 -19.79 51.79 -19.40
C GLU D 214 -18.78 52.92 -19.25
N VAL D 215 -19.07 53.83 -18.33
CA VAL D 215 -18.16 54.92 -18.01
C VAL D 215 -17.65 54.69 -16.59
N VAL D 216 -16.34 54.88 -16.42
CA VAL D 216 -15.71 54.85 -15.11
C VAL D 216 -15.14 56.24 -14.85
N THR D 217 -15.31 56.72 -13.64
CA THR D 217 -14.77 58.00 -13.21
C THR D 217 -13.56 57.77 -12.31
N ALA D 218 -12.49 58.53 -12.48
CA ALA D 218 -11.30 58.23 -11.68
C ALA D 218 -10.50 59.47 -11.28
N ARG D 219 -9.76 59.32 -10.17
CA ARG D 219 -8.80 60.32 -9.76
C ARG D 219 -7.52 60.23 -10.56
N PHE D 220 -7.07 59.01 -10.88
CA PHE D 220 -5.80 58.80 -11.55
C PHE D 220 -5.91 57.68 -12.58
N LEU D 221 -5.16 57.85 -13.66
CA LEU D 221 -5.13 56.87 -14.73
C LEU D 221 -3.70 56.37 -14.91
N VAL D 222 -3.55 55.04 -14.92
CA VAL D 222 -2.29 54.38 -15.22
C VAL D 222 -2.41 53.76 -16.60
N GLY D 223 -1.61 54.25 -17.54
CA GLY D 223 -1.50 53.63 -18.85
C GLY D 223 -0.43 52.55 -18.95
N SER D 224 -0.77 51.33 -18.58
CA SER D 224 0.15 50.22 -18.75
C SER D 224 -0.36 49.35 -19.88
N ASP D 225 -0.71 49.98 -21.00
CA ASP D 225 -1.38 49.33 -22.11
C ASP D 225 -0.43 49.02 -23.28
N GLY D 226 0.86 48.87 -23.00
CA GLY D 226 1.76 48.27 -23.96
C GLY D 226 2.43 49.26 -24.89
N ALA D 227 3.16 48.68 -25.85
CA ALA D 227 4.06 49.46 -26.68
C ALA D 227 3.33 50.43 -27.61
N HIS D 228 2.12 50.09 -28.03
CA HIS D 228 1.27 50.93 -28.89
C HIS D 228 0.19 51.66 -28.08
N SER D 229 0.55 52.09 -26.87
CA SER D 229 -0.41 52.67 -25.95
C SER D 229 -1.28 53.75 -26.60
N MET D 230 -2.59 53.53 -26.60
CA MET D 230 -3.49 54.62 -26.93
C MET D 230 -3.31 55.75 -25.94
N ILE D 231 -2.96 55.43 -24.71
CA ILE D 231 -2.80 56.46 -23.68
C ILE D 231 -1.63 57.38 -24.01
N ARG D 232 -0.51 56.81 -24.41
CA ARG D 232 0.67 57.65 -24.72
C ARG D 232 0.48 58.43 -26.02
N LYS D 233 -0.21 57.84 -26.98
CA LYS D 233 -0.45 58.53 -28.27
C LYS D 233 -1.45 59.68 -28.14
N SER D 234 -2.26 59.73 -27.09
CA SER D 234 -3.23 60.80 -26.86
C SER D 234 -2.58 61.96 -26.12
N LEU D 235 -1.36 61.76 -25.65
CA LEU D 235 -0.70 62.81 -24.84
C LEU D 235 0.37 63.47 -25.68
N PRO D 236 0.85 64.67 -25.32
CA PRO D 236 1.92 65.33 -26.03
C PRO D 236 3.28 64.79 -25.57
N ILE D 237 3.52 63.54 -25.92
CA ILE D 237 4.71 62.77 -25.57
C ILE D 237 5.16 62.13 -26.86
N GLU D 238 6.42 62.24 -27.14
CA GLU D 238 7.00 61.48 -28.29
CA GLU D 238 7.01 61.48 -28.29
C GLU D 238 7.70 60.13 -27.88
N PHE D 239 7.84 59.26 -28.87
CA PHE D 239 8.43 57.93 -28.61
C PHE D 239 9.57 57.75 -29.57
N PRO D 240 10.66 58.51 -29.41
CA PRO D 240 11.73 58.50 -30.35
C PRO D 240 12.60 57.28 -30.13
N GLY D 241 13.24 56.85 -31.20
CA GLY D 241 14.13 55.71 -31.09
C GLY D 241 14.61 55.03 -32.35
N VAL D 242 15.60 54.16 -32.12
CA VAL D 242 16.28 53.37 -33.13
C VAL D 242 15.42 52.16 -33.50
N LYS D 243 14.90 52.12 -34.72
CA LYS D 243 14.45 50.84 -35.26
C LYS D 243 15.29 50.45 -36.47
N THR D 244 15.68 49.19 -36.47
CA THR D 244 16.64 48.60 -37.37
C THR D 244 15.99 47.41 -38.07
N ASP D 245 16.63 46.93 -39.13
CA ASP D 245 16.26 45.65 -39.71
C ASP D 245 17.24 44.57 -39.25
N LEU D 246 17.41 44.50 -37.94
CA LEU D 246 18.08 43.40 -37.28
C LEU D 246 16.99 42.49 -36.72
N HIS D 247 16.99 41.23 -37.16
CA HIS D 247 15.94 40.29 -36.80
C HIS D 247 16.51 39.09 -36.05
N TRP D 248 15.76 38.63 -35.04
CA TRP D 248 16.16 37.54 -34.18
C TRP D 248 15.08 36.49 -34.18
N GLY D 249 15.44 35.26 -34.54
CA GLY D 249 14.57 34.12 -34.38
C GLY D 249 14.73 33.55 -32.98
N ILE D 250 13.60 33.26 -32.35
CA ILE D 250 13.53 32.78 -30.98
C ILE D 250 12.72 31.50 -30.96
N VAL D 251 13.27 30.45 -30.37
CA VAL D 251 12.54 29.20 -30.21
C VAL D 251 12.72 28.68 -28.78
N ASP D 252 11.62 28.20 -28.20
CA ASP D 252 11.60 27.47 -26.93
C ASP D 252 11.22 26.03 -27.22
N ALA D 253 12.08 25.09 -26.83
CA ALA D 253 11.83 23.68 -27.10
C ALA D 253 12.79 22.82 -26.28
N VAL D 254 12.39 21.56 -26.08
CA VAL D 254 13.31 20.52 -25.69
C VAL D 254 14.17 20.19 -26.91
N ILE D 255 15.48 20.39 -26.79
CA ILE D 255 16.41 20.22 -27.89
C ILE D 255 17.52 19.29 -27.43
N ASN D 256 17.72 18.20 -28.16
CA ASN D 256 18.86 17.32 -27.95
C ASN D 256 20.10 17.92 -28.55
N SER D 257 21.23 17.70 -27.90
CA SER D 257 22.47 18.21 -28.45
C SER D 257 23.64 17.54 -27.74
N ASP D 258 24.72 17.35 -28.47
CA ASP D 258 25.98 16.95 -27.85
C ASP D 258 26.80 18.14 -27.40
N PHE D 259 26.24 19.35 -27.46
CA PHE D 259 26.87 20.55 -26.93
C PHE D 259 27.31 20.29 -25.49
N PRO D 260 28.61 20.46 -25.17
CA PRO D 260 29.10 19.98 -23.87
C PRO D 260 28.54 20.73 -22.68
N HIS D 261 27.97 21.93 -22.85
CA HIS D 261 27.38 22.64 -21.73
C HIS D 261 25.86 22.73 -21.82
N ARG D 262 25.22 21.73 -22.43
CA ARG D 262 23.77 21.73 -22.58
C ARG D 262 23.12 21.61 -21.22
N TRP D 263 22.31 22.60 -20.81
CA TRP D 263 22.23 23.96 -21.42
C TRP D 263 22.70 24.99 -20.39
N THR D 264 23.53 25.91 -20.81
CA THR D 264 24.08 26.93 -19.93
C THR D 264 23.89 28.28 -20.59
N PHE D 265 23.53 29.28 -19.78
CA PHE D 265 23.45 30.64 -20.26
C PHE D 265 24.74 31.05 -20.97
N GLY D 266 24.58 31.74 -22.09
CA GLY D 266 25.71 32.29 -22.79
C GLY D 266 25.45 32.38 -24.29
N THR D 267 26.55 32.53 -25.03
CA THR D 267 26.53 32.85 -26.44
C THR D 267 27.51 31.96 -27.19
N VAL D 268 27.08 31.47 -28.33
CA VAL D 268 27.87 30.61 -29.18
C VAL D 268 28.01 31.35 -30.48
N LEU D 269 29.24 31.66 -30.84
CA LEU D 269 29.47 32.51 -31.99
C LEU D 269 30.12 31.67 -33.09
N ASN D 270 29.80 32.03 -34.32
CA ASN D 270 30.46 31.50 -35.49
C ASN D 270 30.88 32.68 -36.34
N SER D 271 32.13 32.67 -36.82
CA SER D 271 32.65 33.82 -37.57
C SER D 271 31.91 34.03 -38.88
N GLU D 272 31.40 32.97 -39.49
CA GLU D 272 30.71 33.10 -40.76
C GLU D 272 29.21 33.29 -40.61
N TYR D 273 28.57 32.53 -39.73
CA TYR D 273 27.10 32.42 -39.68
C TYR D 273 26.43 33.20 -38.57
N GLY D 274 27.18 33.90 -37.72
CA GLY D 274 26.58 34.72 -36.68
C GLY D 274 26.70 34.15 -35.28
N GLY D 275 25.74 34.45 -34.42
CA GLY D 275 25.78 33.97 -33.07
C GLY D 275 24.43 33.47 -32.60
N CYS D 276 24.47 32.70 -31.52
CA CYS D 276 23.29 32.29 -30.79
C CYS D 276 23.43 32.67 -29.33
N LEU D 277 22.31 32.98 -28.69
CA LEU D 277 22.25 33.25 -27.24
C LEU D 277 21.44 32.10 -26.62
N ILE D 278 21.92 31.53 -25.51
CA ILE D 278 21.31 30.36 -24.87
C ILE D 278 20.63 30.80 -23.57
N ILE D 279 19.35 30.47 -23.42
CA ILE D 279 18.69 30.60 -22.13
C ILE D 279 18.17 29.24 -21.70
N PRO D 280 18.78 28.62 -20.68
CA PRO D 280 18.21 27.40 -20.10
C PRO D 280 16.82 27.70 -19.56
N ARG D 281 15.93 26.72 -19.63
CA ARG D 281 14.56 26.94 -19.21
C ARG D 281 14.07 25.73 -18.42
N GLU D 282 12.84 25.87 -17.90
CA GLU D 282 12.13 24.84 -17.15
C GLU D 282 11.79 23.65 -18.04
N ARG D 283 11.41 22.54 -17.38
CA ARG D 283 10.89 21.31 -18.01
C ARG D 283 11.78 20.83 -19.17
N ASN D 284 13.08 20.90 -18.96
CA ASN D 284 14.11 20.42 -19.87
C ASN D 284 14.12 21.19 -21.18
N MET D 285 13.54 22.40 -21.19
CA MET D 285 13.54 23.21 -22.39
C MET D 285 14.75 24.15 -22.43
N VAL D 286 14.90 24.82 -23.57
CA VAL D 286 15.90 25.84 -23.77
C VAL D 286 15.29 26.92 -24.66
N ARG D 287 15.81 28.14 -24.54
CA ARG D 287 15.48 29.20 -25.48
C ARG D 287 16.74 29.61 -26.24
N LEU D 288 16.67 29.60 -27.57
CA LEU D 288 17.77 30.05 -28.39
C LEU D 288 17.33 31.29 -29.17
N TYR D 289 18.08 32.36 -29.02
CA TYR D 289 17.99 33.50 -29.92
C TYR D 289 19.07 33.30 -30.99
N VAL D 290 18.70 33.47 -32.26
CA VAL D 290 19.69 33.39 -33.33
C VAL D 290 19.49 34.58 -34.28
N GLN D 291 20.61 35.12 -34.78
CA GLN D 291 20.54 36.21 -35.75
C GLN D 291 19.91 35.74 -37.04
N LEU D 292 18.92 36.48 -37.52
CA LEU D 292 18.32 36.24 -38.82
C LEU D 292 18.66 37.43 -39.70
N ARG D 293 19.42 37.17 -40.77
CA ARG D 293 19.88 38.24 -41.65
C ARG D 293 19.14 38.18 -42.99
N ALA D 294 18.87 39.36 -43.55
CA ALA D 294 18.27 39.43 -44.87
C ALA D 294 19.36 39.23 -45.92
N GLU D 295 18.94 38.71 -47.10
CA GLU D 295 19.80 38.46 -48.30
C GLU D 295 20.26 39.85 -48.73
N PRO D 296 21.62 40.20 -49.26
CA PRO D 296 22.29 41.49 -49.51
C PRO D 296 21.39 42.49 -50.24
N GLY D 297 21.27 43.69 -49.66
CA GLY D 297 20.40 44.70 -50.24
C GLY D 297 18.95 44.27 -50.39
N LYS D 298 18.49 43.37 -49.53
CA LYS D 298 17.09 42.91 -49.68
C LYS D 298 16.29 43.24 -48.42
N ALA D 299 14.97 43.20 -48.54
CA ALA D 299 14.09 43.36 -47.40
C ALA D 299 13.99 42.03 -46.68
N PHE D 300 14.06 42.05 -45.35
CA PHE D 300 14.01 40.80 -44.60
C PHE D 300 12.67 40.11 -44.81
N ASP D 301 12.72 38.87 -45.30
CA ASP D 301 11.52 38.14 -45.69
C ASP D 301 11.11 37.18 -44.56
N HIS D 302 10.07 37.57 -43.82
CA HIS D 302 9.60 36.75 -42.69
C HIS D 302 9.11 35.37 -43.12
N SER D 303 8.71 35.17 -44.37
CA SER D 303 8.06 33.92 -44.74
C SER D 303 9.00 32.72 -44.75
N LYS D 304 10.31 32.94 -44.92
CA LYS D 304 11.25 31.84 -45.09
C LYS D 304 11.79 31.26 -43.78
N TRP D 305 11.38 31.77 -42.62
CA TRP D 305 12.03 31.42 -41.35
C TRP D 305 11.04 30.79 -40.37
N GLY D 306 11.00 29.47 -40.33
CA GLY D 306 10.23 28.77 -39.33
C GLY D 306 11.10 27.92 -38.41
N PRO D 307 10.47 27.30 -37.41
CA PRO D 307 11.20 26.44 -36.46
C PRO D 307 12.22 25.49 -37.08
N GLU D 308 11.92 24.93 -38.24
CA GLU D 308 12.89 24.00 -38.83
C GLU D 308 14.00 24.75 -39.53
N GLU D 309 13.72 25.95 -40.04
CA GLU D 309 14.74 26.76 -40.71
C GLU D 309 15.75 27.38 -39.75
N ILE D 310 15.33 27.76 -38.53
CA ILE D 310 16.31 28.36 -37.63
C ILE D 310 17.17 27.29 -36.98
N LEU D 311 16.65 26.08 -36.81
CA LEU D 311 17.50 25.02 -36.29
C LEU D 311 18.61 24.66 -37.27
N VAL D 312 18.34 24.80 -38.58
CA VAL D 312 19.37 24.58 -39.58
C VAL D 312 20.54 25.52 -39.35
N ILE D 313 20.27 26.83 -39.25
CA ILE D 313 21.35 27.78 -39.00
C ILE D 313 21.92 27.60 -37.60
N LEU D 314 21.08 27.21 -36.63
CA LEU D 314 21.58 26.88 -35.31
C LEU D 314 22.66 25.79 -35.40
N ASN D 315 22.41 24.76 -36.23
CA ASN D 315 23.40 23.71 -36.42
C ASN D 315 24.66 24.23 -37.12
N LYS D 316 24.57 25.36 -37.83
CA LYS D 316 25.78 25.94 -38.42
C LYS D 316 26.52 26.83 -37.44
N VAL D 317 25.81 27.49 -36.52
CA VAL D 317 26.48 28.27 -35.49
C VAL D 317 27.15 27.36 -34.46
N PHE D 318 26.50 26.25 -34.11
CA PHE D 318 27.01 25.38 -33.06
C PHE D 318 28.06 24.38 -33.55
N ALA D 319 28.41 24.39 -34.84
CA ALA D 319 29.39 23.44 -35.39
C ALA D 319 30.68 23.46 -34.56
N PRO D 320 31.24 22.31 -34.13
CA PRO D 320 30.91 20.99 -34.64
C PRO D 320 29.82 20.24 -33.90
N TYR D 321 29.24 20.84 -32.86
CA TYR D 321 28.13 20.20 -32.17
C TYR D 321 26.86 20.38 -32.97
N THR D 322 25.89 19.52 -32.69
CA THR D 322 24.67 19.46 -33.48
C THR D 322 23.42 19.53 -32.58
N LEU D 323 22.31 19.94 -33.16
CA LEU D 323 21.06 20.05 -32.41
C LEU D 323 19.92 19.42 -33.18
N SER D 324 18.94 18.92 -32.44
CA SER D 324 17.73 18.34 -33.00
C SER D 324 16.58 18.58 -32.03
N TYR D 325 15.38 18.82 -32.55
CA TYR D 325 14.20 18.87 -31.70
C TYR D 325 13.88 17.47 -31.16
N ALA D 326 13.40 17.41 -29.93
CA ALA D 326 12.91 16.18 -29.35
C ALA D 326 11.41 16.18 -29.08
N GLU D 327 10.76 17.33 -29.16
CA GLU D 327 9.37 17.49 -28.84
C GLU D 327 8.81 18.58 -29.74
N PRO D 328 7.49 18.73 -29.80
CA PRO D 328 6.89 19.83 -30.57
C PRO D 328 7.29 21.18 -29.98
N VAL D 329 7.40 22.17 -30.87
CA VAL D 329 7.85 23.49 -30.46
C VAL D 329 6.96 24.04 -29.34
N ASP D 330 7.57 24.63 -28.33
CA ASP D 330 6.75 25.23 -27.28
C ASP D 330 6.42 26.68 -27.57
N TRP D 331 7.33 27.42 -28.23
CA TRP D 331 7.09 28.80 -28.65
C TRP D 331 8.12 29.16 -29.71
N TYR D 332 7.71 29.94 -30.70
CA TYR D 332 8.59 30.40 -31.77
C TYR D 332 8.10 31.76 -32.28
N THR D 333 9.04 32.63 -32.66
CA THR D 333 8.70 33.91 -33.27
C THR D 333 9.98 34.55 -33.80
N ILE D 334 9.80 35.56 -34.65
CA ILE D 334 10.89 36.46 -35.04
C ILE D 334 10.58 37.82 -34.44
N LEU D 335 11.59 38.47 -33.88
CA LEU D 335 11.45 39.81 -33.35
C LEU D 335 12.32 40.79 -34.13
N THR D 336 11.82 42.01 -34.20
CA THR D 336 12.52 43.13 -34.81
C THR D 336 13.02 44.03 -33.71
N ILE D 337 14.32 44.35 -33.74
CA ILE D 337 14.87 45.13 -32.63
C ILE D 337 14.43 46.58 -32.77
N ASN D 338 13.63 47.05 -31.82
CA ASN D 338 13.33 48.46 -31.67
C ASN D 338 13.61 48.89 -30.23
N GLU D 339 14.20 50.07 -30.08
CA GLU D 339 14.50 50.62 -28.75
C GLU D 339 13.95 52.03 -28.70
N ARG D 340 12.90 52.24 -27.92
CA ARG D 340 12.23 53.53 -27.82
C ARG D 340 12.02 53.90 -26.35
N VAL D 341 12.04 55.19 -26.05
CA VAL D 341 11.80 55.71 -24.70
C VAL D 341 10.97 56.97 -24.81
N ALA D 342 9.85 57.03 -24.07
CA ALA D 342 8.97 58.20 -24.14
C ALA D 342 9.69 59.45 -23.67
N THR D 343 9.29 60.61 -24.23
CA THR D 343 9.96 61.84 -23.85
C THR D 343 9.65 62.25 -22.41
N SER D 344 8.54 61.76 -21.85
CA SER D 344 8.25 61.81 -20.41
C SER D 344 7.22 60.73 -20.07
N PHE D 345 7.12 60.40 -18.77
CA PHE D 345 6.33 59.27 -18.30
C PHE D 345 5.09 59.66 -17.52
N THR D 346 4.89 60.96 -17.27
CA THR D 346 3.79 61.46 -16.47
C THR D 346 3.23 62.72 -17.14
N TYR D 347 2.08 63.15 -16.64
CA TYR D 347 1.37 64.25 -17.28
C TYR D 347 0.45 64.88 -16.24
N LYS D 348 0.81 66.10 -15.79
CA LYS D 348 -0.02 66.89 -14.88
C LYS D 348 -0.35 66.14 -13.59
N ASP D 349 0.51 65.21 -13.18
CA ASP D 349 0.29 64.43 -11.94
C ASP D 349 -1.04 63.68 -11.92
N ARG D 350 -1.56 63.29 -13.08
CA ARG D 350 -2.82 62.55 -13.07
C ARG D 350 -2.87 61.39 -14.07
N ILE D 351 -2.03 61.39 -15.09
CA ILE D 351 -1.89 60.28 -16.02
C ILE D 351 -0.44 59.82 -15.94
N PHE D 352 -0.23 58.51 -15.76
CA PHE D 352 1.09 57.96 -15.50
C PHE D 352 1.35 56.77 -16.40
N LEU D 353 2.46 56.80 -17.15
CA LEU D 353 2.83 55.70 -18.00
C LEU D 353 3.79 54.74 -17.29
N ALA D 354 3.68 53.46 -17.61
CA ALA D 354 4.56 52.46 -17.04
C ALA D 354 4.64 51.28 -17.97
N GLY D 355 5.86 50.79 -18.18
CA GLY D 355 6.08 49.52 -18.85
C GLY D 355 6.36 49.76 -20.31
N ASP D 356 5.95 48.84 -21.18
CA ASP D 356 6.20 49.01 -22.62
C ASP D 356 5.57 50.29 -23.18
N SER D 357 4.58 50.86 -22.49
CA SER D 357 3.99 52.09 -22.98
C SER D 357 4.95 53.28 -22.92
N CYS D 358 5.98 53.26 -22.09
CA CYS D 358 6.94 54.34 -22.19
C CYS D 358 8.36 53.89 -22.48
N HIS D 359 8.61 52.59 -22.61
CA HIS D 359 9.89 52.15 -23.15
C HIS D 359 9.81 50.70 -23.59
N VAL D 360 10.46 50.39 -24.71
CA VAL D 360 10.54 49.02 -25.21
C VAL D 360 11.97 48.76 -25.62
N HIS D 361 12.42 47.52 -25.40
CA HIS D 361 13.81 47.17 -25.61
C HIS D 361 13.92 45.86 -26.37
N SER D 362 15.11 45.64 -26.91
CA SER D 362 15.54 44.32 -27.37
C SER D 362 15.22 43.25 -26.33
N ALA D 363 14.54 42.19 -26.79
CA ALA D 363 14.18 41.07 -25.91
C ALA D 363 15.40 40.41 -25.26
N LYS D 364 16.55 40.40 -25.95
CA LYS D 364 17.73 39.72 -25.43
C LYS D 364 18.08 40.19 -24.02
N GLY D 365 17.94 41.49 -23.76
CA GLY D 365 18.29 42.02 -22.45
C GLY D 365 17.39 41.55 -21.32
N ALA D 366 16.21 41.00 -21.64
CA ALA D 366 15.16 40.70 -20.66
C ALA D 366 14.78 41.93 -19.83
N PHE D 367 15.19 43.12 -20.30
CA PHE D 367 14.84 44.37 -19.63
C PHE D 367 13.33 44.56 -19.52
N GLY D 368 12.60 44.22 -20.57
CA GLY D 368 11.19 44.53 -20.67
C GLY D 368 10.38 44.22 -19.42
N MET D 369 10.33 42.95 -19.01
CA MET D 369 9.57 42.59 -17.81
C MET D 369 10.29 43.06 -16.53
N ASN D 370 11.61 43.08 -16.52
CA ASN D 370 12.26 43.44 -15.27
C ASN D 370 12.16 44.93 -14.99
N THR D 371 12.50 45.79 -15.97
CA THR D 371 12.34 47.23 -15.73
C THR D 371 10.88 47.60 -15.56
N GLY D 372 9.98 46.90 -16.27
CA GLY D 372 8.55 47.17 -16.16
C GLY D 372 8.02 46.92 -14.76
N VAL D 373 8.33 45.75 -14.21
CA VAL D 373 7.95 45.43 -12.83
C VAL D 373 8.51 46.49 -11.89
N MET D 374 9.77 46.90 -12.11
CA MET D 374 10.35 47.90 -11.23
C MET D 374 9.74 49.29 -11.45
N ASP D 375 9.27 49.62 -12.69
CA ASP D 375 8.51 50.84 -12.92
C ASP D 375 7.23 50.84 -12.08
N ALA D 376 6.44 49.77 -12.19
CA ALA D 376 5.20 49.66 -11.46
C ALA D 376 5.45 49.84 -9.97
N HIS D 377 6.49 49.16 -9.47
CA HIS D 377 6.85 49.25 -8.06
C HIS D 377 7.19 50.68 -7.69
N ASN D 378 8.04 51.34 -8.48
CA ASN D 378 8.40 52.73 -8.24
C ASN D 378 7.16 53.62 -8.30
N LEU D 379 6.34 53.41 -9.32
CA LEU D 379 5.16 54.26 -9.50
C LEU D 379 4.21 54.12 -8.33
N ALA D 380 3.96 52.88 -7.88
CA ALA D 380 2.76 52.65 -7.09
C ALA D 380 2.86 53.20 -5.69
N TRP D 381 4.05 53.20 -5.08
CA TRP D 381 4.09 53.75 -3.74
C TRP D 381 4.00 55.27 -3.76
N LYS D 382 4.51 55.90 -4.82
CA LYS D 382 4.35 57.35 -4.96
C LYS D 382 2.90 57.69 -5.31
N LEU D 383 2.30 56.92 -6.22
CA LEU D 383 0.90 57.12 -6.54
C LEU D 383 0.02 56.97 -5.31
N ALA D 384 0.33 55.99 -4.44
CA ALA D 384 -0.45 55.75 -3.23
C ALA D 384 -0.40 56.92 -2.29
N MET D 385 0.80 57.48 -2.10
CA MET D 385 0.91 58.67 -1.28
C MET D 385 0.22 59.87 -1.92
N LEU D 386 0.26 59.98 -3.26
CA LEU D 386 -0.50 61.03 -3.91
C LEU D 386 -1.98 60.84 -3.63
N CYS D 387 -2.45 59.59 -3.63
CA CYS D 387 -3.85 59.30 -3.32
C CYS D 387 -4.19 59.79 -1.91
N ARG D 388 -3.27 59.58 -0.96
CA ARG D 388 -3.42 59.95 0.43
C ARG D 388 -3.37 61.44 0.65
N GLY D 389 -2.95 62.22 -0.34
CA GLY D 389 -2.85 63.66 -0.20
C GLY D 389 -1.51 64.20 0.30
N ILE D 390 -0.55 63.35 0.67
CA ILE D 390 0.67 63.85 1.27
C ILE D 390 1.82 64.02 0.27
N ALA D 391 1.66 63.61 -0.96
CA ALA D 391 2.73 63.74 -1.93
C ALA D 391 2.71 65.14 -2.55
N LYS D 392 3.82 65.86 -2.43
CA LYS D 392 4.05 67.07 -3.18
C LYS D 392 4.42 66.71 -4.61
N PRO D 393 4.25 67.63 -5.57
CA PRO D 393 4.54 67.30 -6.98
C PRO D 393 5.96 66.84 -7.25
N SER D 394 6.94 67.26 -6.43
CA SER D 394 8.30 66.74 -6.62
C SER D 394 8.36 65.22 -6.45
N LEU D 395 7.36 64.59 -5.81
CA LEU D 395 7.40 63.13 -5.63
C LEU D 395 7.02 62.42 -6.93
N LEU D 396 5.98 62.87 -7.60
CA LEU D 396 5.66 62.19 -8.85
C LEU D 396 6.68 62.52 -9.92
N ALA D 397 7.29 63.71 -9.85
CA ALA D 397 8.37 64.07 -10.77
C ALA D 397 9.53 63.10 -10.66
N SER D 398 9.85 62.62 -9.45
CA SER D 398 10.93 61.66 -9.30
C SER D 398 10.62 60.34 -9.99
N TYR D 399 9.35 59.89 -10.01
CA TYR D 399 9.00 58.73 -10.83
C TYR D 399 9.45 58.95 -12.26
N ASP D 400 9.06 60.09 -12.85
CA ASP D 400 9.35 60.30 -14.26
C ASP D 400 10.85 60.27 -14.56
N VAL D 401 11.67 60.92 -13.74
CA VAL D 401 13.07 61.01 -14.14
C VAL D 401 13.84 59.74 -13.73
N GLU D 402 13.57 59.20 -12.54
CA GLU D 402 14.24 57.96 -12.13
C GLU D 402 14.06 56.87 -13.19
N ARG D 403 12.82 56.61 -13.60
CA ARG D 403 12.54 55.49 -14.49
C ARG D 403 12.88 55.78 -15.96
N ARG D 404 12.65 57.02 -16.44
CA ARG D 404 13.07 57.35 -17.79
CA ARG D 404 13.09 57.44 -17.78
C ARG D 404 14.59 57.24 -17.95
N GLU D 405 15.35 57.85 -17.04
CA GLU D 405 16.80 57.80 -17.16
C GLU D 405 17.32 56.36 -17.04
N ASN D 406 16.69 55.57 -16.18
CA ASN D 406 17.04 54.14 -16.15
C ASN D 406 16.71 53.46 -17.48
N ALA D 407 15.58 53.83 -18.11
CA ALA D 407 15.26 53.30 -19.43
C ALA D 407 16.30 53.71 -20.46
N LEU D 408 16.65 55.00 -20.48
CA LEU D 408 17.68 55.47 -21.41
C LEU D 408 19.01 54.76 -21.18
N ARG D 409 19.39 54.55 -19.91
CA ARG D 409 20.56 53.72 -19.60
C ARG D 409 20.35 52.27 -20.04
N ALA D 410 19.12 51.77 -19.95
CA ALA D 410 18.87 50.42 -20.45
C ALA D 410 19.08 50.34 -21.96
N VAL D 411 18.62 51.35 -22.70
CA VAL D 411 18.71 51.34 -24.16
C VAL D 411 20.15 51.46 -24.63
N ALA D 412 20.95 52.30 -23.96
CA ALA D 412 22.37 52.42 -24.31
C ALA D 412 23.16 51.17 -23.93
N THR D 413 22.78 50.48 -22.85
CA THR D 413 23.43 49.22 -22.52
C THR D 413 23.25 48.21 -23.65
N SER D 414 22.05 48.16 -24.23
CA SER D 414 21.72 47.26 -25.32
C SER D 414 22.46 47.62 -26.61
N ALA D 415 22.92 48.87 -26.75
CA ALA D 415 23.57 49.30 -27.97
C ALA D 415 24.96 48.68 -28.12
N ARG D 416 25.63 48.41 -27.00
CA ARG D 416 26.93 47.75 -27.03
C ARG D 416 26.82 46.23 -27.12
N TYR D 417 25.69 45.65 -26.73
CA TYR D 417 25.57 44.20 -26.69
C TYR D 417 25.13 43.59 -28.03
N LEU D 418 24.50 44.45 -28.87
CA LEU D 418 23.94 44.15 -30.22
C LEU D 418 24.94 43.30 -31.01
N ARG D 419 26.18 43.81 -31.12
CA ARG D 419 27.35 43.08 -31.60
C ARG D 419 27.31 42.69 -33.09
N LEU D 442 40.07 49.88 -28.01
CA LEU D 442 39.97 48.44 -27.76
C LEU D 442 41.09 47.62 -28.42
N VAL D 443 42.18 47.32 -27.70
CA VAL D 443 43.30 46.58 -28.25
C VAL D 443 43.41 45.23 -27.57
N VAL D 444 43.44 44.17 -28.37
CA VAL D 444 43.27 42.81 -27.89
C VAL D 444 44.64 42.25 -27.53
N PRO D 445 44.87 41.85 -26.28
CA PRO D 445 46.15 41.22 -25.94
C PRO D 445 46.36 39.96 -26.75
N PRO D 446 47.61 39.55 -26.95
CA PRO D 446 47.88 38.35 -27.75
C PRO D 446 47.35 37.08 -27.09
N GLY D 447 46.91 36.14 -27.93
CA GLY D 447 46.30 34.91 -27.49
C GLY D 447 44.81 35.00 -27.24
N GLU D 448 44.26 36.20 -27.16
CA GLU D 448 42.87 36.40 -26.80
C GLU D 448 42.05 36.78 -28.02
N ASP D 449 40.80 36.33 -28.03
CA ASP D 449 39.91 36.55 -29.15
C ASP D 449 39.20 37.89 -29.02
N LYS D 450 39.12 38.63 -30.14
CA LYS D 450 38.66 40.01 -30.06
C LYS D 450 37.26 40.11 -29.45
N ASP D 451 36.36 39.18 -29.80
CA ASP D 451 35.00 39.26 -29.29
C ASP D 451 34.91 38.77 -27.84
N VAL D 452 35.59 37.67 -27.51
CA VAL D 452 35.56 37.20 -26.12
C VAL D 452 36.14 38.25 -25.19
N PHE D 453 37.20 38.93 -25.64
CA PHE D 453 37.78 39.98 -24.84
C PHE D 453 36.79 41.11 -24.58
N TYR D 454 36.03 41.51 -25.61
CA TYR D 454 35.04 42.57 -25.44
C TYR D 454 33.83 42.11 -24.64
N PHE D 455 33.55 40.79 -24.61
CA PHE D 455 32.49 40.23 -23.76
C PHE D 455 32.86 40.29 -22.29
N LYS D 456 34.10 39.93 -21.94
CA LYS D 456 34.50 39.98 -20.53
C LYS D 456 34.47 41.42 -20.00
N LYS D 457 34.98 42.36 -20.80
CA LYS D 457 34.96 43.77 -20.46
C LYS D 457 33.53 44.25 -20.25
N PHE D 458 32.65 43.91 -21.20
CA PHE D 458 31.24 44.29 -21.13
C PHE D 458 30.57 43.77 -19.86
N VAL D 459 30.69 42.47 -19.58
CA VAL D 459 30.15 41.93 -18.32
C VAL D 459 30.72 42.68 -17.11
N GLY D 460 32.03 42.95 -17.10
CA GLY D 460 32.59 43.67 -15.98
C GLY D 460 32.01 45.05 -15.77
N GLN D 461 31.66 45.75 -16.85
CA GLN D 461 31.15 47.11 -16.74
C GLN D 461 29.65 47.20 -16.46
N VAL D 462 28.84 46.32 -17.05
CA VAL D 462 27.38 46.43 -16.93
C VAL D 462 26.73 45.22 -16.27
N GLY D 463 27.50 44.18 -15.92
CA GLY D 463 26.95 43.03 -15.25
C GLY D 463 26.00 43.32 -14.11
N ARG D 464 26.47 44.06 -13.11
CA ARG D 464 25.60 44.39 -11.99
C ARG D 464 24.35 45.20 -12.41
N PHE D 465 24.43 45.98 -13.49
CA PHE D 465 23.21 46.68 -13.94
C PHE D 465 22.23 45.69 -14.54
N LEU D 466 22.75 44.73 -15.34
CA LEU D 466 21.92 43.70 -15.93
C LEU D 466 21.22 42.84 -14.87
N ILE D 467 21.86 42.57 -13.73
CA ILE D 467 21.15 41.81 -12.69
C ILE D 467 20.32 42.69 -11.76
N GLY D 468 20.30 44.00 -11.98
CA GLY D 468 19.44 44.90 -11.24
C GLY D 468 20.05 45.53 -10.01
N LEU D 469 21.25 45.10 -9.59
CA LEU D 469 21.82 45.62 -8.34
C LEU D 469 22.38 47.02 -8.49
N ASP D 470 22.67 47.44 -9.72
CA ASP D 470 23.30 48.73 -10.00
C ASP D 470 22.31 49.76 -10.53
N VAL D 471 21.02 49.60 -10.25
CA VAL D 471 20.04 50.59 -10.68
C VAL D 471 20.30 51.84 -9.85
N ASP D 472 20.53 52.97 -10.52
CA ASP D 472 21.16 54.11 -9.87
C ASP D 472 20.40 55.39 -10.20
N TYR D 473 19.67 55.91 -9.22
CA TYR D 473 18.89 57.13 -9.39
C TYR D 473 19.72 58.36 -9.04
N ALA D 474 19.68 59.37 -9.91
CA ALA D 474 20.41 60.61 -9.61
C ALA D 474 19.70 61.43 -8.53
N GLU D 475 20.45 62.39 -7.97
CA GLU D 475 19.92 63.31 -6.97
C GLU D 475 18.62 63.95 -7.43
N ASN D 476 17.71 64.14 -6.48
CA ASN D 476 16.45 64.85 -6.63
C ASN D 476 15.90 65.08 -5.22
N ALA D 477 14.65 65.52 -5.09
CA ALA D 477 14.12 65.77 -3.74
C ALA D 477 14.11 64.49 -2.91
N LEU D 478 13.83 63.35 -3.54
CA LEU D 478 13.77 62.07 -2.81
C LEU D 478 15.16 61.56 -2.44
N ASN D 479 16.15 61.78 -3.31
CA ASN D 479 17.49 61.22 -3.13
C ASN D 479 18.47 62.31 -2.76
N LYS D 480 18.74 62.46 -1.47
CA LYS D 480 19.64 63.51 -0.98
C LYS D 480 20.97 62.90 -0.55
N LEU D 481 22.03 63.13 -1.35
CA LEU D 481 23.36 62.63 -0.99
C LEU D 481 23.80 63.21 0.33
N SER D 482 24.37 62.35 1.19
CA SER D 482 24.75 62.71 2.53
C SER D 482 26.04 61.99 2.89
N PRO D 483 26.99 62.68 3.51
CA PRO D 483 28.19 62.00 4.03
C PRO D 483 28.02 61.38 5.41
N ALA D 484 26.79 61.31 5.93
CA ALA D 484 26.61 60.84 7.29
C ALA D 484 27.01 59.37 7.45
N VAL D 485 26.90 58.56 6.40
CA VAL D 485 27.43 57.20 6.43
C VAL D 485 28.30 57.07 5.19
N SER D 486 29.23 56.12 5.20
CA SER D 486 30.24 56.08 4.17
C SER D 486 29.94 55.10 3.04
N ARG D 487 28.90 54.29 3.17
CA ARG D 487 28.61 53.21 2.18
C ARG D 487 27.21 53.31 1.57
N ALA D 488 26.15 53.40 2.38
CA ALA D 488 24.81 53.63 1.87
C ALA D 488 24.80 54.98 1.17
N ARG D 489 24.02 55.06 0.09
CA ARG D 489 24.14 56.21 -0.80
C ARG D 489 22.77 56.44 -1.41
N ALA D 490 22.40 57.72 -1.50
CA ALA D 490 21.04 58.09 -1.90
C ALA D 490 20.78 57.67 -3.35
N GLY D 491 19.55 57.25 -3.62
CA GLY D 491 19.21 56.79 -4.96
C GLY D 491 19.76 55.42 -5.35
N TYR D 492 20.34 54.68 -4.41
CA TYR D 492 20.93 53.37 -4.66
C TYR D 492 20.29 52.32 -3.75
N ARG D 493 20.41 51.07 -4.16
CA ARG D 493 19.79 49.96 -3.44
C ARG D 493 20.28 49.90 -2.00
N ALA D 494 19.36 49.78 -1.04
CA ALA D 494 19.78 49.52 0.33
C ALA D 494 20.42 48.15 0.45
N SER D 495 21.49 48.10 1.21
CA SER D 495 22.12 46.81 1.48
C SER D 495 21.20 45.98 2.37
N ASN D 496 21.23 44.65 2.17
CA ASN D 496 20.35 43.71 2.87
C ASN D 496 21.17 42.69 3.66
N PRO D 497 21.89 43.15 4.69
CA PRO D 497 22.71 42.24 5.48
C PRO D 497 21.85 41.31 6.30
N ARG D 498 22.51 40.29 6.85
CA ARG D 498 21.90 39.39 7.80
C ARG D 498 21.84 40.07 9.16
N VAL D 499 20.69 39.98 9.80
CA VAL D 499 20.48 40.46 11.16
C VAL D 499 19.57 39.44 11.83
N ALA D 500 19.52 39.50 13.16
CA ALA D 500 18.64 38.65 13.94
C ALA D 500 17.37 39.44 14.25
N LEU D 501 16.21 38.88 13.93
CA LEU D 501 14.98 39.61 14.23
C LEU D 501 14.46 39.31 15.64
N SER D 502 14.92 38.23 16.26
CA SER D 502 14.59 37.89 17.64
C SER D 502 15.67 36.94 18.13
N ARG D 503 15.50 36.41 19.34
CA ARG D 503 16.50 35.49 19.87
C ARG D 503 16.67 34.28 18.97
N SER D 504 15.59 33.84 18.32
CA SER D 504 15.65 32.61 17.56
C SER D 504 15.45 32.79 16.07
N HIS D 505 15.20 34.00 15.58
CA HIS D 505 14.92 34.22 14.16
C HIS D 505 16.04 35.08 13.60
N SER D 506 16.88 34.48 12.77
CA SER D 506 18.00 35.17 12.14
C SER D 506 17.68 35.27 10.65
N GLY D 507 17.38 36.48 10.18
CA GLY D 507 16.92 36.74 8.83
C GLY D 507 17.70 37.88 8.19
N ARG D 508 16.99 38.74 7.47
CA ARG D 508 17.58 39.80 6.67
C ARG D 508 16.99 41.14 7.08
N LEU D 509 17.82 42.19 6.97
CA LEU D 509 17.37 43.51 7.34
C LEU D 509 16.12 43.92 6.55
N TYR D 510 15.95 43.45 5.30
CA TYR D 510 14.72 43.82 4.58
C TYR D 510 13.47 43.32 5.30
N HIS D 511 13.58 42.27 6.12
CA HIS D 511 12.43 41.71 6.83
C HIS D 511 11.92 42.63 7.93
N SER D 512 12.67 43.68 8.30
CA SER D 512 12.21 44.66 9.26
C SER D 512 11.59 45.89 8.62
N PHE D 513 11.72 46.08 7.29
CA PHE D 513 11.22 47.29 6.63
C PHE D 513 9.71 47.42 6.84
N GLY D 514 9.20 48.64 6.59
CA GLY D 514 7.80 48.91 6.73
C GLY D 514 7.05 48.55 5.46
N HIS D 515 5.73 48.70 5.52
CA HIS D 515 4.91 48.42 4.36
C HIS D 515 5.08 49.53 3.32
N LEU D 516 4.40 49.38 2.17
CA LEU D 516 4.63 50.23 1.02
C LEU D 516 4.29 51.71 1.25
N GLY D 517 3.47 52.05 2.26
CA GLY D 517 3.20 53.42 2.64
C GLY D 517 4.18 54.06 3.62
N GLN D 518 5.22 53.36 4.04
CA GLN D 518 6.11 53.85 5.09
C GLN D 518 7.54 53.99 4.58
N PHE D 519 8.21 55.03 5.04
CA PHE D 519 9.66 55.05 4.98
C PHE D 519 10.17 54.27 6.17
N THR D 520 11.22 53.51 5.95
CA THR D 520 11.88 52.82 7.06
C THR D 520 13.00 53.70 7.57
N LEU D 521 12.94 54.05 8.86
CA LEU D 521 13.97 54.86 9.49
C LEU D 521 14.89 53.90 10.23
N LEU D 522 16.04 53.61 9.64
CA LEU D 522 17.04 52.76 10.27
C LEU D 522 17.83 53.61 11.25
N VAL D 523 17.61 53.39 12.55
CA VAL D 523 18.34 54.08 13.59
C VAL D 523 19.49 53.17 14.01
N PHE D 524 20.66 53.38 13.44
CA PHE D 524 21.84 52.66 13.90
C PHE D 524 22.33 53.24 15.22
N ALA D 525 22.31 52.41 16.26
CA ALA D 525 22.54 52.85 17.62
C ALA D 525 23.82 52.30 18.23
N SER D 526 24.64 51.61 17.45
CA SER D 526 25.88 50.95 17.97
C SER D 526 25.43 49.97 19.07
N ASN D 527 26.19 49.80 20.16
CA ASN D 527 25.71 49.03 21.31
C ASN D 527 24.95 49.88 22.32
N MET D 528 24.59 51.09 21.91
CA MET D 528 23.85 52.10 22.71
C MET D 528 24.66 52.56 23.93
N GLY D 529 25.97 52.32 23.94
CA GLY D 529 26.84 52.83 24.97
C GLY D 529 27.76 53.91 24.44
N GLY D 530 28.81 54.19 25.23
CA GLY D 530 29.77 55.23 24.90
C GLY D 530 29.13 56.61 24.66
N ALA D 531 29.84 57.42 23.87
CA ALA D 531 29.40 58.77 23.56
C ALA D 531 28.01 58.78 22.96
N LEU D 532 27.65 57.71 22.25
CA LEU D 532 26.38 57.69 21.53
C LEU D 532 25.18 57.54 22.46
N ASN D 533 25.38 57.09 23.70
CA ASN D 533 24.23 56.97 24.60
C ASN D 533 23.61 58.34 24.84
N ALA D 534 24.43 59.38 24.98
CA ALA D 534 23.91 60.73 25.19
C ALA D 534 23.16 61.23 23.96
N LYS D 535 23.76 61.06 22.78
CA LYS D 535 23.15 61.50 21.54
C LYS D 535 21.82 60.80 21.32
N LEU D 536 21.76 59.49 21.60
CA LEU D 536 20.52 58.75 21.41
C LEU D 536 19.42 59.27 22.34
N HIS D 537 19.77 59.64 23.57
CA HIS D 537 18.77 60.20 24.47
C HIS D 537 18.20 61.51 23.93
N ALA D 538 19.06 62.39 23.40
CA ALA D 538 18.58 63.61 22.78
C ALA D 538 17.67 63.31 21.59
N LEU D 539 18.11 62.37 20.73
CA LEU D 539 17.26 61.97 19.60
C LEU D 539 15.91 61.47 20.09
N ASP D 540 15.91 60.74 21.20
CA ASP D 540 14.66 60.13 21.66
C ASP D 540 13.64 61.19 22.02
N SER D 541 14.08 62.25 22.71
CA SER D 541 13.12 63.25 23.14
C SER D 541 12.80 64.23 22.02
N TYR D 542 13.70 64.38 21.04
CA TYR D 542 13.32 65.14 19.84
C TYR D 542 12.20 64.41 19.10
N LEU D 543 12.42 63.14 18.74
CA LEU D 543 11.41 62.40 17.97
C LEU D 543 10.04 62.44 18.66
N ALA D 544 10.02 62.34 19.99
CA ALA D 544 8.75 62.21 20.73
C ALA D 544 7.93 63.48 20.74
N GLY D 545 8.52 64.63 20.40
CA GLY D 545 7.78 65.87 20.34
C GLY D 545 6.82 65.92 19.16
N PRO D 546 5.69 66.59 19.36
CA PRO D 546 4.67 66.59 18.30
C PRO D 546 5.07 67.40 17.07
N SER D 547 6.21 68.07 17.07
CA SER D 547 6.67 68.77 15.88
C SER D 547 7.94 68.16 15.29
N SER D 548 8.38 67.01 15.78
CA SER D 548 9.46 66.27 15.12
C SER D 548 9.03 65.85 13.72
N PHE D 549 10.02 65.62 12.84
CA PHE D 549 9.68 65.19 11.49
C PHE D 549 8.86 63.91 11.50
N TYR D 550 9.10 63.02 12.48
CA TYR D 550 8.32 61.78 12.55
C TYR D 550 6.82 62.07 12.73
N HIS D 551 6.46 62.88 13.72
CA HIS D 551 5.04 63.19 13.91
C HIS D 551 4.52 64.12 12.83
N ALA D 552 5.34 65.06 12.35
CA ALA D 552 4.82 66.07 11.44
C ALA D 552 4.36 65.47 10.11
N TYR D 553 4.92 64.32 9.73
CA TYR D 553 4.61 63.75 8.42
C TYR D 553 3.83 62.46 8.53
N GLY D 554 3.12 62.27 9.64
CA GLY D 554 2.16 61.19 9.78
C GLY D 554 2.49 60.14 10.82
N GLY D 555 3.66 60.20 11.48
CA GLY D 555 4.00 59.16 12.44
C GLY D 555 4.00 57.77 11.84
N ALA D 556 3.41 56.81 12.57
CA ALA D 556 3.38 55.42 12.12
C ALA D 556 2.54 55.19 10.87
N ASP D 557 1.86 56.21 10.33
CA ASP D 557 1.23 56.05 9.03
C ASP D 557 2.22 56.27 7.90
N THR D 558 3.36 56.84 8.20
CA THR D 558 4.37 57.18 7.20
C THR D 558 5.74 56.61 7.52
N PHE D 559 5.98 56.15 8.74
CA PHE D 559 7.31 55.74 9.14
C PHE D 559 7.24 54.49 10.00
N LYS D 560 8.19 53.61 9.76
CA LYS D 560 8.48 52.54 10.69
C LYS D 560 9.87 52.79 11.23
N ILE D 561 10.05 52.75 12.54
CA ILE D 561 11.37 52.90 13.15
C ILE D 561 11.96 51.55 13.44
N VAL D 562 13.20 51.34 13.02
CA VAL D 562 13.95 50.13 13.32
C VAL D 562 15.22 50.52 14.06
N VAL D 563 15.38 50.04 15.29
CA VAL D 563 16.58 50.31 16.07
C VAL D 563 17.56 49.18 15.81
N VAL D 564 18.69 49.50 15.18
CA VAL D 564 19.69 48.49 14.84
C VAL D 564 20.76 48.54 15.91
N VAL D 565 20.86 47.49 16.72
CA VAL D 565 21.74 47.47 17.88
C VAL D 565 22.79 46.37 17.74
N ARG D 566 24.06 46.76 17.73
CA ARG D 566 25.16 45.79 17.71
C ARG D 566 25.51 45.36 19.14
N ALA D 567 24.71 44.42 19.64
CA ALA D 567 24.94 43.78 20.94
C ALA D 567 24.08 42.53 21.02
N THR D 568 24.22 41.78 22.12
CA THR D 568 23.40 40.60 22.34
C THR D 568 21.94 41.01 22.54
N PRO D 569 20.99 40.14 22.21
CA PRO D 569 19.57 40.48 22.48
C PRO D 569 19.30 40.90 23.92
N SER D 570 19.92 40.25 24.90
CA SER D 570 19.70 40.63 26.29
C SER D 570 20.19 42.05 26.57
N GLN D 571 21.42 42.37 26.18
CA GLN D 571 21.92 43.71 26.45
C GLN D 571 21.10 44.75 25.73
N ALA D 572 20.79 44.48 24.47
CA ALA D 572 20.08 45.44 23.65
C ALA D 572 18.70 45.75 24.22
N ASP D 573 17.93 44.72 24.60
CA ASP D 573 16.59 44.97 25.12
C ASP D 573 16.66 45.73 26.43
N GLN D 574 17.64 45.43 27.27
CA GLN D 574 17.77 46.13 28.54
C GLN D 574 18.08 47.60 28.30
N ARG D 575 18.87 47.89 27.27
CA ARG D 575 19.22 49.27 26.99
C ARG D 575 18.13 49.98 26.18
N VAL D 576 17.43 49.25 25.29
CA VAL D 576 16.43 49.89 24.43
C VAL D 576 15.31 50.51 25.25
N LYS D 577 14.86 49.81 26.30
CA LYS D 577 13.83 50.39 27.14
C LYS D 577 14.29 51.61 27.94
N THR D 578 15.59 51.97 27.91
CA THR D 578 16.00 53.24 28.54
C THR D 578 15.74 54.45 27.64
N PHE D 579 15.40 54.24 26.37
CA PHE D 579 15.00 55.30 25.46
C PHE D 579 13.51 55.14 25.24
N PRO D 580 12.68 55.89 25.97
CA PRO D 580 11.26 55.53 26.06
C PRO D 580 10.49 55.72 24.75
N PHE D 581 10.88 56.66 23.89
CA PHE D 581 10.21 56.73 22.60
C PHE D 581 10.64 55.58 21.66
N LEU D 582 11.92 55.26 21.63
CA LEU D 582 12.40 54.18 20.77
C LEU D 582 11.87 52.83 21.24
N SER D 583 11.63 52.68 22.53
CA SER D 583 11.14 51.40 23.03
C SER D 583 9.69 51.19 22.65
N LYS D 584 8.90 52.26 22.65
CA LYS D 584 7.45 52.14 22.42
C LYS D 584 7.11 52.21 20.93
N ALA D 585 7.83 53.03 20.17
CA ALA D 585 7.54 53.23 18.75
C ALA D 585 8.45 52.43 17.83
N GLY D 586 9.62 51.99 18.32
CA GLY D 586 10.58 51.31 17.49
C GLY D 586 10.49 49.78 17.55
N HIS D 587 11.15 49.18 16.57
CA HIS D 587 11.31 47.74 16.48
C HIS D 587 12.80 47.45 16.47
N THR D 588 13.26 46.57 17.35
CA THR D 588 14.67 46.35 17.56
C THR D 588 15.14 45.15 16.73
N VAL D 589 16.26 45.32 16.02
CA VAL D 589 16.92 44.19 15.39
C VAL D 589 18.34 44.10 15.94
N TYR D 590 18.82 42.88 16.04
CA TYR D 590 20.11 42.58 16.65
C TYR D 590 21.17 42.37 15.55
N ASP D 591 22.12 43.29 15.47
CA ASP D 591 23.16 43.28 14.42
C ASP D 591 24.34 42.47 14.96
N ASP D 592 24.22 41.15 14.85
CA ASP D 592 25.10 40.21 15.54
C ASP D 592 25.94 39.34 14.59
N GLN D 593 25.99 39.66 13.30
CA GLN D 593 26.89 38.90 12.43
C GLN D 593 28.34 39.10 12.90
N LEU D 594 29.21 38.20 12.45
CA LEU D 594 30.65 38.40 12.63
C LEU D 594 31.10 39.62 11.84
N PRO D 595 32.24 40.21 12.19
CA PRO D 595 32.70 41.41 11.48
C PRO D 595 32.76 41.20 9.98
N LEU D 596 32.72 42.31 9.22
CA LEU D 596 32.76 42.29 7.76
C LEU D 596 34.01 41.57 7.24
N SER D 597 33.81 40.63 6.31
CA SER D 597 34.84 39.66 5.92
C SER D 597 34.18 38.51 5.18
N HIS D 598 34.93 37.48 4.78
CA HIS D 598 34.25 36.36 4.12
C HIS D 598 33.57 35.42 5.10
N PHE D 599 33.51 35.76 6.38
CA PHE D 599 32.68 35.03 7.33
C PHE D 599 31.54 35.86 7.88
N GLY D 600 31.41 37.14 7.49
CA GLY D 600 30.38 37.93 8.12
C GLY D 600 30.14 39.25 7.43
N GLY D 601 29.51 40.16 8.18
CA GLY D 601 29.17 41.49 7.69
C GLY D 601 28.01 42.05 8.47
N ASP D 602 28.31 42.81 9.52
CA ASP D 602 27.23 43.44 10.25
C ASP D 602 26.62 44.57 9.43
N ALA D 603 25.39 44.91 9.79
CA ALA D 603 24.70 46.03 9.15
C ALA D 603 25.43 47.36 9.36
N HIS D 604 25.96 47.61 10.56
CA HIS D 604 26.65 48.87 10.81
C HIS D 604 27.82 49.06 9.84
N ALA D 605 28.64 48.01 9.66
CA ALA D 605 29.79 48.12 8.77
C ALA D 605 29.36 48.20 7.29
N LEU D 606 28.32 47.47 6.91
CA LEU D 606 27.94 47.45 5.50
C LEU D 606 27.23 48.73 5.08
N TYR D 607 26.54 49.41 6.00
CA TYR D 607 26.03 50.74 5.70
C TYR D 607 27.07 51.84 5.90
N GLY D 608 28.16 51.55 6.62
CA GLY D 608 29.26 52.51 6.77
C GLY D 608 28.98 53.51 7.88
N VAL D 609 28.53 53.01 9.01
CA VAL D 609 28.07 53.83 10.13
C VAL D 609 29.19 53.96 11.16
N SER D 610 29.52 55.20 11.51
CA SER D 610 30.39 55.50 12.65
C SER D 610 29.75 55.09 13.97
N HIS D 611 30.51 54.41 14.82
CA HIS D 611 30.01 54.08 16.14
C HIS D 611 30.00 55.28 17.08
N GLU D 612 30.68 56.36 16.72
CA GLU D 612 30.66 57.53 17.58
C GLU D 612 29.41 58.35 17.31
N GLU D 613 29.06 58.55 16.02
CA GLU D 613 27.94 59.36 15.58
C GLU D 613 26.65 58.59 15.38
N GLY D 614 26.70 57.29 15.03
CA GLY D 614 25.47 56.57 14.72
C GLY D 614 24.90 57.09 13.41
N ALA D 615 23.63 56.77 13.15
CA ALA D 615 23.01 57.24 11.92
C ALA D 615 21.51 57.00 11.93
N ILE D 616 20.79 57.88 11.24
CA ILE D 616 19.45 57.58 10.76
C ILE D 616 19.55 57.44 9.25
N VAL D 617 19.27 56.25 8.74
CA VAL D 617 19.27 55.99 7.30
C VAL D 617 17.82 55.89 6.86
N VAL D 618 17.44 56.69 5.89
CA VAL D 618 16.04 56.76 5.48
C VAL D 618 15.90 55.84 4.29
N VAL D 619 15.14 54.77 4.43
CA VAL D 619 14.94 53.84 3.33
C VAL D 619 13.58 54.14 2.72
N ARG D 620 13.58 54.33 1.41
CA ARG D 620 12.30 54.51 0.70
C ARG D 620 11.44 53.25 0.84
N PRO D 621 10.15 53.37 0.54
CA PRO D 621 9.29 52.19 0.50
C PRO D 621 9.74 51.13 -0.50
N ASP D 622 10.46 51.52 -1.55
CA ASP D 622 10.87 50.58 -2.57
C ASP D 622 12.21 49.86 -2.33
N SER D 623 12.90 50.12 -1.23
CA SER D 623 14.22 49.50 -0.88
C SER D 623 15.44 50.32 -1.30
N TRP D 624 15.26 51.36 -2.09
CA TRP D 624 16.35 52.25 -2.42
C TRP D 624 16.52 53.25 -1.30
N ILE D 625 17.74 53.68 -1.07
CA ILE D 625 18.05 54.64 -0.02
C ILE D 625 17.57 56.04 -0.42
N GLY D 626 16.91 56.73 0.50
CA GLY D 626 16.58 58.15 0.34
C GLY D 626 17.71 59.09 0.76
N THR D 627 18.10 59.08 2.03
CA THR D 627 19.20 59.90 2.52
C THR D 627 19.69 59.29 3.83
N SER D 628 20.60 59.99 4.50
CA SER D 628 21.02 59.51 5.80
C SER D 628 21.47 60.72 6.61
N SER D 629 21.42 60.57 7.93
CA SER D 629 21.77 61.63 8.85
C SER D 629 22.59 61.05 10.00
N THR D 630 23.43 61.86 10.63
CA THR D 630 23.92 61.41 11.94
C THR D 630 22.79 61.44 12.96
N ILE D 631 23.00 60.78 14.09
CA ILE D 631 22.02 60.84 15.17
C ILE D 631 21.80 62.28 15.61
N SER D 632 22.88 63.03 15.88
CA SER D 632 22.69 64.38 16.43
C SER D 632 22.19 65.38 15.38
N ASP D 633 22.36 65.10 14.09
CA ASP D 633 21.82 65.94 13.02
C ASP D 633 20.40 65.56 12.59
N ALA D 634 19.68 64.74 13.36
CA ALA D 634 18.35 64.27 12.93
C ALA D 634 17.43 65.38 12.46
N ARG D 635 17.55 66.59 13.03
CA ARG D 635 16.66 67.67 12.63
C ARG D 635 16.79 67.99 11.15
N SER D 636 17.96 67.69 10.56
CA SER D 636 18.11 67.92 9.12
C SER D 636 17.11 67.13 8.29
N LEU D 637 16.47 66.14 8.88
CA LEU D 637 15.51 65.39 8.11
C LEU D 637 14.21 66.18 7.88
N GLU D 638 13.94 67.22 8.68
CA GLU D 638 12.73 68.04 8.46
C GLU D 638 12.74 68.67 7.07
N SER D 639 13.83 69.32 6.69
CA SER D 639 13.92 69.88 5.33
C SER D 639 13.76 68.80 4.27
N TYR D 640 14.40 67.65 4.49
CA TYR D 640 14.39 66.56 3.52
C TYR D 640 12.97 66.10 3.22
N PHE D 641 12.18 65.81 4.25
CA PHE D 641 10.81 65.37 3.99
C PHE D 641 9.95 66.51 3.47
N ASP D 642 10.25 67.74 3.90
CA ASP D 642 9.47 68.86 3.38
C ASP D 642 9.66 69.02 1.88
N GLY D 643 10.80 68.56 1.35
CA GLY D 643 11.05 68.62 -0.08
C GLY D 643 10.06 67.84 -0.95
N PHE D 644 9.35 66.85 -0.39
CA PHE D 644 8.44 66.08 -1.23
C PHE D 644 7.15 65.67 -0.54
N LEU D 645 6.97 66.01 0.72
CA LEU D 645 5.74 65.65 1.42
C LEU D 645 5.09 66.90 1.99
N PHE D 646 3.77 66.83 2.09
CA PHE D 646 2.98 67.71 2.94
C PHE D 646 2.95 67.13 4.35
N LYS D 647 2.84 68.02 5.35
CA LYS D 647 2.65 67.53 6.71
C LYS D 647 1.33 66.78 6.83
N SER D 648 1.17 66.07 7.94
CA SER D 648 0.17 65.03 8.00
C SER D 648 0.15 64.51 9.41
N THR D 649 -0.99 64.00 9.85
CA THR D 649 -1.15 63.62 11.24
C THR D 649 -1.59 62.16 11.35
N GLU D 650 -0.91 61.41 12.20
CA GLU D 650 -1.20 59.98 12.39
C GLU D 650 -2.65 59.77 12.79
N GLY D 651 -3.41 59.06 11.95
CA GLY D 651 -4.82 58.86 12.17
C GLY D 651 -5.74 59.82 11.38
#